data_3QIO
# 
_entry.id   3QIO 
# 
_audit_conform.dict_name       mmcif_pdbx.dic 
_audit_conform.dict_version    5.379 
_audit_conform.dict_location   http://mmcif.pdb.org/dictionaries/ascii/mmcif_pdbx.dic 
# 
loop_
_database_2.database_id 
_database_2.database_code 
_database_2.pdbx_database_accession 
_database_2.pdbx_DOI 
PDB   3QIO         pdb_00003qio 10.2210/pdb3qio/pdb 
RCSB  RCSB063693   ?            ?                   
WWPDB D_1000063693 ?            ?                   
# 
_pdbx_database_related.db_name        PDB 
_pdbx_database_related.db_id          3HYF 
_pdbx_database_related.details        'structure of HIV RNase H which contains a sequence insertion' 
_pdbx_database_related.content_type   unspecified 
# 
_pdbx_database_status.status_code                     REL 
_pdbx_database_status.entry_id                        3QIO 
_pdbx_database_status.recvd_initial_deposition_date   2011-01-27 
_pdbx_database_status.deposit_site                    RCSB 
_pdbx_database_status.process_site                    RCSB 
_pdbx_database_status.status_code_sf                  REL 
_pdbx_database_status.status_code_mr                  ? 
_pdbx_database_status.SG_entry                        ? 
_pdbx_database_status.status_code_cs                  ? 
_pdbx_database_status.pdb_format_compatible           Y 
_pdbx_database_status.methods_development_category    ? 
_pdbx_database_status.status_code_nmr_data            ? 
# 
loop_
_audit_author.name 
_audit_author.pdbx_ordinal 
'Lansdon, E.B.' 1 
'Liu, Q.'       2 
# 
_citation.id                        primary 
_citation.title                     
'Structural and Binding Analysis of Pyrimidinol Carboxylic Acid and N-Hydroxy Quinazolinedione HIV-1 RNase H Inhibitors.' 
_citation.journal_abbrev            'Antimicrob.Agents Chemother.' 
_citation.journal_volume            55 
_citation.page_first                2905 
_citation.page_last                 2915 
_citation.year                      2011 
_citation.journal_id_ASTM           AMACCQ 
_citation.country                   US 
_citation.journal_id_ISSN           0066-4804 
_citation.journal_id_CSD            0788 
_citation.book_publisher            ? 
_citation.pdbx_database_id_PubMed   21464257 
_citation.pdbx_database_id_DOI      10.1128/AAC.01594-10 
# 
loop_
_citation_author.citation_id 
_citation_author.name 
_citation_author.ordinal 
_citation_author.identifier_ORCID 
primary 'Lansdon, E.B.'       1  ? 
primary 'Liu, Q.'             2  ? 
primary 'Leavitt, S.A.'       3  ? 
primary 'Balakrishnan, M.'    4  ? 
primary 'Perry, J.K.'         5  ? 
primary 'Lancaster-Moyer, C.' 6  ? 
primary 'Kutty, N.'           7  ? 
primary 'Liu, X.'             8  ? 
primary 'Squires, N.H.'       9  ? 
primary 'Watkins, W.J.'       10 ? 
primary 'Kirschberg, T.A.'    11 ? 
# 
_cell.entry_id           3QIO 
_cell.length_a           42.905 
_cell.length_b           56.352 
_cell.length_c           64.038 
_cell.angle_alpha        90.00 
_cell.angle_beta         90.00 
_cell.angle_gamma        90.00 
_cell.Z_PDB              4 
_cell.pdbx_unique_axis   ? 
_cell.length_a_esd       ? 
_cell.length_b_esd       ? 
_cell.length_c_esd       ? 
_cell.angle_alpha_esd    ? 
_cell.angle_beta_esd     ? 
_cell.angle_gamma_esd    ? 
# 
_symmetry.entry_id                         3QIO 
_symmetry.space_group_name_H-M             'P 21 21 21' 
_symmetry.pdbx_full_space_group_name_H-M   ? 
_symmetry.cell_setting                     ? 
_symmetry.Int_Tables_number                19 
_symmetry.space_group_name_Hall            ? 
# 
loop_
_entity.id 
_entity.type 
_entity.src_method 
_entity.pdbx_description 
_entity.formula_weight 
_entity.pdbx_number_of_molecules 
_entity.pdbx_ec 
_entity.pdbx_mutation 
_entity.pdbx_fragment 
_entity.details 
1 polymer     man 'Gag-Pol polyprotein,Ribonuclease HI,Gag-Pol polyprotein'  16921.463 1   
;3.4.23.16,2.7.7.49,2.7.7.7,3.1.26.13,3.1.13.2,2.7.7.-,3.1.-.-,3.1.26.4,3.4.23.16,2.7.7.49,2.7.7.7,3.1.26.13,3.1.13.2,2.7.7.-,3.1.-.-
;
? 'HIV-1 RNase H (UNP REsdieus 1014-1148),HIV-1 RNase H (UNP REsdieus 1014-1148),HIV-1 RNase H (UNP REsdieus 1014-1148)' ? 
2 non-polymer syn 'MANGANESE (II) ION'                                       54.938    2   ? ? ? ? 
3 non-polymer syn 'SULFATE ION'                                              96.063    1   ? ? ? ? 
4 non-polymer syn '3-hydroxy-6-(phenylsulfonyl)quinazoline-2,4(1H,3H)-dione' 318.305   1   ? ? ? ? 
5 water       nat water                                                      18.015    185 ? ? ? ? 
# 
_entity_name_com.entity_id   1 
_entity_name_com.name        'Pr160Gag-Pol,RNase HI,Ribonuclease H,RNase H,Pr160Gag-Pol' 
# 
_entity_poly.entity_id                      1 
_entity_poly.type                           'polypeptide(L)' 
_entity_poly.nstd_linkage                   no 
_entity_poly.nstd_monomer                   no 
_entity_poly.pdbx_seq_one_letter_code       
;MYQLEKEPIVGAETFYVDGAANRETKLGKAGYVTNRGRQKVVTLTDTTNQKTELQAIYLALQDSGLEVNIVTDSQYALGI
ITQWIHNWKKRGWKTADKKPVKNVDLVNQIIEQLIKKEKVYLAWVPAHKGIGGNEQVDKLVSAGIRKVLF
;
_entity_poly.pdbx_seq_one_letter_code_can   
;MYQLEKEPIVGAETFYVDGAANRETKLGKAGYVTNRGRQKVVTLTDTTNQKTELQAIYLALQDSGLEVNIVTDSQYALGI
ITQWIHNWKKRGWKTADKKPVKNVDLVNQIIEQLIKKEKVYLAWVPAHKGIGGNEQVDKLVSAGIRKVLF
;
_entity_poly.pdbx_strand_id                 A 
_entity_poly.pdbx_target_identifier         ? 
# 
loop_
_entity_poly_seq.entity_id 
_entity_poly_seq.num 
_entity_poly_seq.mon_id 
_entity_poly_seq.hetero 
1 1   MET n 
1 2   TYR n 
1 3   GLN n 
1 4   LEU n 
1 5   GLU n 
1 6   LYS n 
1 7   GLU n 
1 8   PRO n 
1 9   ILE n 
1 10  VAL n 
1 11  GLY n 
1 12  ALA n 
1 13  GLU n 
1 14  THR n 
1 15  PHE n 
1 16  TYR n 
1 17  VAL n 
1 18  ASP n 
1 19  GLY n 
1 20  ALA n 
1 21  ALA n 
1 22  ASN n 
1 23  ARG n 
1 24  GLU n 
1 25  THR n 
1 26  LYS n 
1 27  LEU n 
1 28  GLY n 
1 29  LYS n 
1 30  ALA n 
1 31  GLY n 
1 32  TYR n 
1 33  VAL n 
1 34  THR n 
1 35  ASN n 
1 36  ARG n 
1 37  GLY n 
1 38  ARG n 
1 39  GLN n 
1 40  LYS n 
1 41  VAL n 
1 42  VAL n 
1 43  THR n 
1 44  LEU n 
1 45  THR n 
1 46  ASP n 
1 47  THR n 
1 48  THR n 
1 49  ASN n 
1 50  GLN n 
1 51  LYS n 
1 52  THR n 
1 53  GLU n 
1 54  LEU n 
1 55  GLN n 
1 56  ALA n 
1 57  ILE n 
1 58  TYR n 
1 59  LEU n 
1 60  ALA n 
1 61  LEU n 
1 62  GLN n 
1 63  ASP n 
1 64  SER n 
1 65  GLY n 
1 66  LEU n 
1 67  GLU n 
1 68  VAL n 
1 69  ASN n 
1 70  ILE n 
1 71  VAL n 
1 72  THR n 
1 73  ASP n 
1 74  SER n 
1 75  GLN n 
1 76  TYR n 
1 77  ALA n 
1 78  LEU n 
1 79  GLY n 
1 80  ILE n 
1 81  ILE n 
1 82  THR n 
1 83  GLN n 
1 84  TRP n 
1 85  ILE n 
1 86  HIS n 
1 87  ASN n 
1 88  TRP n 
1 89  LYS n 
1 90  LYS n 
1 91  ARG n 
1 92  GLY n 
1 93  TRP n 
1 94  LYS n 
1 95  THR n 
1 96  ALA n 
1 97  ASP n 
1 98  LYS n 
1 99  LYS n 
1 100 PRO n 
1 101 VAL n 
1 102 LYS n 
1 103 ASN n 
1 104 VAL n 
1 105 ASP n 
1 106 LEU n 
1 107 VAL n 
1 108 ASN n 
1 109 GLN n 
1 110 ILE n 
1 111 ILE n 
1 112 GLU n 
1 113 GLN n 
1 114 LEU n 
1 115 ILE n 
1 116 LYS n 
1 117 LYS n 
1 118 GLU n 
1 119 LYS n 
1 120 VAL n 
1 121 TYR n 
1 122 LEU n 
1 123 ALA n 
1 124 TRP n 
1 125 VAL n 
1 126 PRO n 
1 127 ALA n 
1 128 HIS n 
1 129 LYS n 
1 130 GLY n 
1 131 ILE n 
1 132 GLY n 
1 133 GLY n 
1 134 ASN n 
1 135 GLU n 
1 136 GLN n 
1 137 VAL n 
1 138 ASP n 
1 139 LYS n 
1 140 LEU n 
1 141 VAL n 
1 142 SER n 
1 143 ALA n 
1 144 GLY n 
1 145 ILE n 
1 146 ARG n 
1 147 LYS n 
1 148 VAL n 
1 149 LEU n 
1 150 PHE n 
# 
loop_
_entity_src_gen.entity_id 
_entity_src_gen.pdbx_src_id 
_entity_src_gen.pdbx_alt_source_flag 
_entity_src_gen.pdbx_seq_type 
_entity_src_gen.pdbx_beg_seq_num 
_entity_src_gen.pdbx_end_seq_num 
_entity_src_gen.gene_src_common_name 
_entity_src_gen.gene_src_genus 
_entity_src_gen.pdbx_gene_src_gene 
_entity_src_gen.gene_src_species 
_entity_src_gen.gene_src_strain 
_entity_src_gen.gene_src_tissue 
_entity_src_gen.gene_src_tissue_fraction 
_entity_src_gen.gene_src_details 
_entity_src_gen.pdbx_gene_src_fragment 
_entity_src_gen.pdbx_gene_src_scientific_name 
_entity_src_gen.pdbx_gene_src_ncbi_taxonomy_id 
_entity_src_gen.pdbx_gene_src_variant 
_entity_src_gen.pdbx_gene_src_cell_line 
_entity_src_gen.pdbx_gene_src_atcc 
_entity_src_gen.pdbx_gene_src_organ 
_entity_src_gen.pdbx_gene_src_organelle 
_entity_src_gen.pdbx_gene_src_cell 
_entity_src_gen.pdbx_gene_src_cellular_location 
_entity_src_gen.host_org_common_name 
_entity_src_gen.pdbx_host_org_scientific_name 
_entity_src_gen.pdbx_host_org_ncbi_taxonomy_id 
_entity_src_gen.host_org_genus 
_entity_src_gen.pdbx_host_org_gene 
_entity_src_gen.pdbx_host_org_organ 
_entity_src_gen.host_org_species 
_entity_src_gen.pdbx_host_org_tissue 
_entity_src_gen.pdbx_host_org_tissue_fraction 
_entity_src_gen.pdbx_host_org_strain 
_entity_src_gen.pdbx_host_org_variant 
_entity_src_gen.pdbx_host_org_cell_line 
_entity_src_gen.pdbx_host_org_atcc 
_entity_src_gen.pdbx_host_org_culture_collection 
_entity_src_gen.pdbx_host_org_cell 
_entity_src_gen.pdbx_host_org_organelle 
_entity_src_gen.pdbx_host_org_cellular_location 
_entity_src_gen.pdbx_host_org_vector_type 
_entity_src_gen.pdbx_host_org_vector 
_entity_src_gen.host_org_details 
_entity_src_gen.expression_system_id 
_entity_src_gen.plasmid_name 
_entity_src_gen.plasmid_details 
_entity_src_gen.pdbx_description 
1 1 sample 'Biological sequence' 1   81  HIV-1 ? gag-pol                                      ? 'isolate HXB2' ? ? ? ? 
'Human immunodeficiency virus type 1 group M subtype B'                11706 ? ? ? ? ? ? ? ? 'Escherichia coli' 469008 ? ? ? ? ? ? 
'BL21(DE3)' ? ? ? ? ? ? ? plasmid ? ? ? 'pET 30B' ? ? 
1 2 sample 'Biological sequence' 82  105 ?     ? 'rnhA, dasF, herA, rnh, sdrA, b0214, JW0204' ? K12            ? ? ? ? 
'Escherichia coli (strain K12)'                                        83333 ? ? ? ? ? ? ? ? 'Escherichia coli' 469008 ? ? ? ? ? ? 
'BL21(DE3)' ? ? ? ? ? ? ? plasmid ? ? ? 'pET 30B' ? ? 
1 3 sample 'Biological sequence' 106 150 HIV-1 ? gag-pol                                      ? 'isolate HXB2' ? ? ? ? 
'Human immunodeficiency virus type 1 group M subtype B (isolate HXB2)' 11706 ? ? ? ? ? ? ? ? 'Escherichia coli' 469008 ? ? ? ? ? ? 
'BL21(DE3)' ? ? ? ? ? ? ? plasmid ? ? ? 'pET 30B' ? ? 
# 
loop_
_struct_ref.id 
_struct_ref.db_name 
_struct_ref.db_code 
_struct_ref.pdbx_db_accession 
_struct_ref.pdbx_db_isoform 
_struct_ref.entity_id 
_struct_ref.pdbx_seq_one_letter_code 
_struct_ref.pdbx_align_begin 
1 UNP POL_HV1H2 P04585 ? 1 
;YQLEKEPIVGAETFYVDGAANRETKLGKAGYVTNRGRQKVVTLTDTTNQKTELQAIYLALQDSGLEVNIVTDSQYALGII

;
1014 
2 UNP RNH_ECOLI P0A7Y4 ? 1 TQWIHNWKKRGWKTADKKPVKNVD                                                            79   
3 UNP POL_HV1H2 P04585 ? 1 LVNQIIEQLIKKEKVYLAWVPAHKGIGGNEQVDKLVSAGIRKVLF                                       1104 
# 
loop_
_struct_ref_seq.align_id 
_struct_ref_seq.ref_id 
_struct_ref_seq.pdbx_PDB_id_code 
_struct_ref_seq.pdbx_strand_id 
_struct_ref_seq.seq_align_beg 
_struct_ref_seq.pdbx_seq_align_beg_ins_code 
_struct_ref_seq.seq_align_end 
_struct_ref_seq.pdbx_seq_align_end_ins_code 
_struct_ref_seq.pdbx_db_accession 
_struct_ref_seq.db_align_beg 
_struct_ref_seq.pdbx_db_align_beg_ins_code 
_struct_ref_seq.db_align_end 
_struct_ref_seq.pdbx_db_align_end_ins_code 
_struct_ref_seq.pdbx_auth_seq_align_beg 
_struct_ref_seq.pdbx_auth_seq_align_end 
1 1 3QIO A 2   ? 81  ? P04585 1014 ? 1093 ? 427 506 
2 2 3QIO A 82  ? 105 ? P0A7Y4 79   ? 102  ? 79  102 
3 3 3QIO A 106 ? 150 ? P04585 1104 ? 1148 ? 517 561 
# 
_struct_ref_seq_dif.align_id                     1 
_struct_ref_seq_dif.pdbx_pdb_id_code             3QIO 
_struct_ref_seq_dif.mon_id                       MET 
_struct_ref_seq_dif.pdbx_pdb_strand_id           A 
_struct_ref_seq_dif.seq_num                      1 
_struct_ref_seq_dif.pdbx_pdb_ins_code            ? 
_struct_ref_seq_dif.pdbx_seq_db_name             UNP 
_struct_ref_seq_dif.pdbx_seq_db_accession_code   P04585 
_struct_ref_seq_dif.db_mon_id                    ? 
_struct_ref_seq_dif.pdbx_seq_db_seq_num          ? 
_struct_ref_seq_dif.details                      'initiating methionine' 
_struct_ref_seq_dif.pdbx_auth_seq_num            426 
_struct_ref_seq_dif.pdbx_ordinal                 1 
# 
loop_
_chem_comp.id 
_chem_comp.type 
_chem_comp.mon_nstd_flag 
_chem_comp.name 
_chem_comp.pdbx_synonyms 
_chem_comp.formula 
_chem_comp.formula_weight 
ALA 'L-peptide linking' y ALANINE                                                    ? 'C3 H7 N O2'      89.093  
ARG 'L-peptide linking' y ARGININE                                                   ? 'C6 H15 N4 O2 1'  175.209 
ASN 'L-peptide linking' y ASPARAGINE                                                 ? 'C4 H8 N2 O3'     132.118 
ASP 'L-peptide linking' y 'ASPARTIC ACID'                                            ? 'C4 H7 N O4'      133.103 
GLN 'L-peptide linking' y GLUTAMINE                                                  ? 'C5 H10 N2 O3'    146.144 
GLU 'L-peptide linking' y 'GLUTAMIC ACID'                                            ? 'C5 H9 N O4'      147.129 
GLY 'peptide linking'   y GLYCINE                                                    ? 'C2 H5 N O2'      75.067  
HIS 'L-peptide linking' y HISTIDINE                                                  ? 'C6 H10 N3 O2 1'  156.162 
HOH non-polymer         . WATER                                                      ? 'H2 O'            18.015  
ILE 'L-peptide linking' y ISOLEUCINE                                                 ? 'C6 H13 N O2'     131.173 
LEU 'L-peptide linking' y LEUCINE                                                    ? 'C6 H13 N O2'     131.173 
LYS 'L-peptide linking' y LYSINE                                                     ? 'C6 H15 N2 O2 1'  147.195 
MET 'L-peptide linking' y METHIONINE                                                 ? 'C5 H11 N O2 S'   149.211 
MN  non-polymer         . 'MANGANESE (II) ION'                                       ? 'Mn 2'            54.938  
PHE 'L-peptide linking' y PHENYLALANINE                                              ? 'C9 H11 N O2'     165.189 
PRO 'L-peptide linking' y PROLINE                                                    ? 'C5 H9 N O2'      115.130 
QID non-polymer         . '3-hydroxy-6-(phenylsulfonyl)quinazoline-2,4(1H,3H)-dione' ? 'C14 H10 N2 O5 S' 318.305 
SER 'L-peptide linking' y SERINE                                                     ? 'C3 H7 N O3'      105.093 
SO4 non-polymer         . 'SULFATE ION'                                              ? 'O4 S -2'         96.063  
THR 'L-peptide linking' y THREONINE                                                  ? 'C4 H9 N O3'      119.119 
TRP 'L-peptide linking' y TRYPTOPHAN                                                 ? 'C11 H12 N2 O2'   204.225 
TYR 'L-peptide linking' y TYROSINE                                                   ? 'C9 H11 N O3'     181.189 
VAL 'L-peptide linking' y VALINE                                                     ? 'C5 H11 N O2'     117.146 
# 
_exptl.entry_id          3QIO 
_exptl.method            'X-RAY DIFFRACTION' 
_exptl.crystals_number   1 
# 
_exptl_crystal.id                    1 
_exptl_crystal.density_meas          ? 
_exptl_crystal.density_Matthews      2.29 
_exptl_crystal.density_percent_sol   46.23 
_exptl_crystal.description           ? 
_exptl_crystal.F_000                 ? 
_exptl_crystal.preparation           ? 
# 
_exptl_crystal_grow.crystal_id      1 
_exptl_crystal_grow.method          'VAPOR DIFFUSION, HANGING DROP' 
_exptl_crystal_grow.temp            293 
_exptl_crystal_grow.temp_details    ? 
_exptl_crystal_grow.pH              7.5 
_exptl_crystal_grow.pdbx_details    
'15% PEG 3350, 100mM HEPES pH 7.5, and 200mM LiSO4, VAPOR DIFFUSION, HANGING DROP, temperature 293K' 
_exptl_crystal_grow.pdbx_pH_range   ? 
# 
_diffrn.id                     1 
_diffrn.ambient_temp           100 
_diffrn.ambient_temp_details   ? 
_diffrn.crystal_id             1 
# 
_diffrn_detector.diffrn_id              1 
_diffrn_detector.detector               CCD 
_diffrn_detector.type                   'ADSC QUANTUM 210' 
_diffrn_detector.pdbx_collection_date   2007-10-25 
_diffrn_detector.details                ? 
# 
_diffrn_radiation.diffrn_id                        1 
_diffrn_radiation.wavelength_id                    1 
_diffrn_radiation.pdbx_monochromatic_or_laue_m_l   M 
_diffrn_radiation.monochromator                    'single crystal, cylindrically bent, SI(220)' 
_diffrn_radiation.pdbx_diffrn_protocol             'SINGLE WAVELENGTH' 
_diffrn_radiation.pdbx_scattering_type             x-ray 
# 
_diffrn_radiation_wavelength.id           1 
_diffrn_radiation_wavelength.wavelength   0.98 
_diffrn_radiation_wavelength.wt           1.0 
# 
_diffrn_source.diffrn_id                   1 
_diffrn_source.source                      SYNCHROTRON 
_diffrn_source.type                        'ALS BEAMLINE 5.0.1' 
_diffrn_source.pdbx_synchrotron_site       ALS 
_diffrn_source.pdbx_synchrotron_beamline   5.0.1 
_diffrn_source.pdbx_wavelength             ? 
_diffrn_source.pdbx_wavelength_list        0.98 
# 
_reflns.entry_id                     3QIO 
_reflns.observed_criterion_sigma_I   0 
_reflns.observed_criterion_sigma_F   0 
_reflns.d_resolution_low             50 
_reflns.d_resolution_high            1.4 
_reflns.number_obs                   30610 
_reflns.number_all                   ? 
_reflns.percent_possible_obs         98.0 
_reflns.pdbx_Rmerge_I_obs            0.060 
_reflns.pdbx_Rsym_value              ? 
_reflns.pdbx_netI_over_sigmaI        19.3 
_reflns.B_iso_Wilson_estimate        ? 
_reflns.pdbx_redundancy              5.3 
_reflns.R_free_details               ? 
_reflns.limit_h_max                  ? 
_reflns.limit_h_min                  ? 
_reflns.limit_k_max                  ? 
_reflns.limit_k_min                  ? 
_reflns.limit_l_max                  ? 
_reflns.limit_l_min                  ? 
_reflns.observed_criterion_F_max     ? 
_reflns.observed_criterion_F_min     ? 
_reflns.pdbx_chi_squared             ? 
_reflns.pdbx_scaling_rejects         ? 
_reflns.pdbx_ordinal                 1 
_reflns.pdbx_diffrn_id               1 
# 
_reflns_shell.d_res_high             1.4 
_reflns_shell.d_res_low              1.43 
_reflns_shell.percent_possible_all   83.1 
_reflns_shell.Rmerge_I_obs           0.497 
_reflns_shell.pdbx_Rsym_value        ? 
_reflns_shell.meanI_over_sigI_obs    1.7 
_reflns_shell.pdbx_redundancy        4.0 
_reflns_shell.percent_possible_obs   ? 
_reflns_shell.number_unique_all      ? 
_reflns_shell.number_measured_all    ? 
_reflns_shell.number_measured_obs    ? 
_reflns_shell.number_unique_obs      ? 
_reflns_shell.pdbx_chi_squared       ? 
_reflns_shell.pdbx_ordinal           1 
_reflns_shell.pdbx_diffrn_id         1 
# 
_refine.entry_id                                 3QIO 
_refine.ls_number_reflns_obs                     29060 
_refine.ls_number_reflns_all                     ? 
_refine.pdbx_ls_sigma_I                          ? 
_refine.pdbx_ls_sigma_F                          0.00 
_refine.pdbx_data_cutoff_high_absF               ? 
_refine.pdbx_data_cutoff_low_absF                ? 
_refine.pdbx_data_cutoff_high_rms_absF           ? 
_refine.ls_d_res_low                             28.176 
_refine.ls_d_res_high                            1.4011 
_refine.ls_percent_reflns_obs                    93.12 
_refine.ls_R_factor_obs                          0.1978 
_refine.ls_R_factor_all                          ? 
_refine.ls_R_factor_R_work                       0.1958 
_refine.ls_R_factor_R_free                       0.2280 
_refine.ls_R_factor_R_free_error                 ? 
_refine.ls_R_factor_R_free_error_details         ? 
_refine.ls_percent_reflns_R_free                 6.55 
_refine.ls_number_reflns_R_free                  1903 
_refine.ls_number_parameters                     ? 
_refine.ls_number_restraints                     ? 
_refine.occupancy_min                            ? 
_refine.occupancy_max                            ? 
_refine.correlation_coeff_Fo_to_Fc               ? 
_refine.correlation_coeff_Fo_to_Fc_free          ? 
_refine.B_iso_mean                               ? 
_refine.aniso_B[1][1]                            0.2908 
_refine.aniso_B[2][2]                            3.3656 
_refine.aniso_B[3][3]                            -3.6565 
_refine.aniso_B[1][2]                            0.0000 
_refine.aniso_B[1][3]                            -0.0000 
_refine.aniso_B[2][3]                            0.0000 
_refine.solvent_model_details                    'FLAT BULK SOLVENT MODEL' 
_refine.solvent_model_param_ksol                 0.332 
_refine.solvent_model_param_bsol                 45.216 
_refine.pdbx_solvent_vdw_probe_radii             1.30 
_refine.pdbx_solvent_ion_probe_radii             ? 
_refine.pdbx_solvent_shrinkage_radii             1.06 
_refine.pdbx_ls_cross_valid_method               THROUGHOUT 
_refine.details                                  ? 
_refine.pdbx_starting_model                      'PDB ENTRY 1HRH' 
_refine.pdbx_method_to_determine_struct          'MOLECULAR REPLACEMENT' 
_refine.pdbx_isotropic_thermal_model             ? 
_refine.pdbx_stereochemistry_target_values       ML 
_refine.pdbx_stereochem_target_val_spec_case     ? 
_refine.pdbx_R_Free_selection_details            random 
_refine.pdbx_overall_ESU_R_Free                  ? 
_refine.overall_SU_ML                            0.19 
_refine.overall_SU_B                             ? 
_refine.overall_SU_R_Cruickshank_DPI             ? 
_refine.ls_redundancy_reflns_obs                 ? 
_refine.B_iso_min                                ? 
_refine.B_iso_max                                ? 
_refine.overall_SU_R_free                        ? 
_refine.ls_wR_factor_R_free                      ? 
_refine.ls_wR_factor_R_work                      ? 
_refine.overall_FOM_free_R_set                   ? 
_refine.overall_FOM_work_R_set                   ? 
_refine.pdbx_overall_phase_error                 21.91 
_refine.pdbx_refine_id                           'X-RAY DIFFRACTION' 
_refine.pdbx_overall_ESU_R                       ? 
_refine.pdbx_diffrn_id                           1 
_refine.pdbx_TLS_residual_ADP_flag               ? 
_refine.pdbx_overall_SU_R_free_Cruickshank_DPI   ? 
_refine.pdbx_overall_SU_R_Blow_DPI               ? 
_refine.pdbx_overall_SU_R_free_Blow_DPI          ? 
# 
_refine_hist.pdbx_refine_id                   'X-RAY DIFFRACTION' 
_refine_hist.cycle_id                         LAST 
_refine_hist.pdbx_number_atoms_protein        1075 
_refine_hist.pdbx_number_atoms_nucleic_acid   0 
_refine_hist.pdbx_number_atoms_ligand         29 
_refine_hist.number_atoms_solvent             185 
_refine_hist.number_atoms_total               1289 
_refine_hist.d_res_high                       1.4011 
_refine_hist.d_res_low                        28.176 
# 
loop_
_refine_ls_restr.type 
_refine_ls_restr.dev_ideal 
_refine_ls_restr.dev_ideal_target 
_refine_ls_restr.weight 
_refine_ls_restr.number 
_refine_ls_restr.pdbx_refine_id 
_refine_ls_restr.pdbx_restraint_function 
f_bond_d           0.005  ? ? 1123 'X-RAY DIFFRACTION' ? 
f_angle_d          0.932  ? ? 1525 'X-RAY DIFFRACTION' ? 
f_dihedral_angle_d 11.809 ? ? 419  'X-RAY DIFFRACTION' ? 
f_chiral_restr     0.065  ? ? 173  'X-RAY DIFFRACTION' ? 
f_plane_restr      0.003  ? ? 189  'X-RAY DIFFRACTION' ? 
# 
loop_
_refine_ls_shell.pdbx_total_number_of_bins_used 
_refine_ls_shell.d_res_high 
_refine_ls_shell.d_res_low 
_refine_ls_shell.number_reflns_R_work 
_refine_ls_shell.R_factor_R_work 
_refine_ls_shell.percent_reflns_obs 
_refine_ls_shell.R_factor_R_free 
_refine_ls_shell.R_factor_R_free_error 
_refine_ls_shell.percent_reflns_R_free 
_refine_ls_shell.number_reflns_R_free 
_refine_ls_shell.number_reflns_all 
_refine_ls_shell.R_factor_all 
_refine_ls_shell.number_reflns_obs 
_refine_ls_shell.redundancy_reflns_obs 
_refine_ls_shell.pdbx_refine_id 
. 1.4011 1.4361  1404 0.3082 69.00  0.3814 . . 96  . . . . 'X-RAY DIFFRACTION' 
. 1.4361 1.4749  1673 0.2819 81.00  0.3157 . . 116 . . . . 'X-RAY DIFFRACTION' 
. 1.4749 1.5183  1815 0.2534 89.00  0.3055 . . 127 . . . . 'X-RAY DIFFRACTION' 
. 1.5183 1.5673  1898 0.2194 92.00  0.2674 . . 137 . . . . 'X-RAY DIFFRACTION' 
. 1.5673 1.6233  1927 0.2165 94.00  0.2375 . . 135 . . . . 'X-RAY DIFFRACTION' 
. 1.6233 1.6883  1946 0.2098 94.00  0.2591 . . 134 . . . . 'X-RAY DIFFRACTION' 
. 1.6883 1.7652  1983 0.2147 96.00  0.2692 . . 140 . . . . 'X-RAY DIFFRACTION' 
. 1.7652 1.8582  1985 0.1951 96.00  0.2385 . . 141 . . . . 'X-RAY DIFFRACTION' 
. 1.8582 1.9746  2018 0.1902 97.00  0.2531 . . 142 . . . . 'X-RAY DIFFRACTION' 
. 1.9746 2.1270  2077 0.1848 99.00  0.2144 . . 145 . . . . 'X-RAY DIFFRACTION' 
. 2.1270 2.3410  2070 0.1755 99.00  0.1912 . . 145 . . . . 'X-RAY DIFFRACTION' 
. 2.3410 2.6795  2100 0.1769 100.00 0.2330 . . 148 . . . . 'X-RAY DIFFRACTION' 
. 2.6795 3.3750  2122 0.1908 100.00 0.2098 . . 148 . . . . 'X-RAY DIFFRACTION' 
. 3.3750 28.1817 2139 0.1992 96.00  0.2239 . . 149 . . . . 'X-RAY DIFFRACTION' 
# 
_struct.entry_id                  3QIO 
_struct.title                     
'Crystal Structure of HIV-1 RNase H with engineered E. coli loop and N-hydroxy quinazolinedione inhibitor' 
_struct.pdbx_model_details        ? 
_struct.pdbx_CASP_flag            ? 
_struct.pdbx_model_type_details   ? 
# 
_struct_keywords.entry_id        3QIO 
_struct_keywords.pdbx_keywords   'TRANSFERASE, HYDROLASE/INHIBITOR' 
_struct_keywords.text            'RNase H, HIV-1, inhibitor, nuclease, TRANSFERASE, HYDROLASE-INHIBITOR complex' 
# 
loop_
_struct_asym.id 
_struct_asym.pdbx_blank_PDB_chainid_flag 
_struct_asym.pdbx_modified 
_struct_asym.entity_id 
_struct_asym.details 
A N N 1 ? 
B N N 2 ? 
C N N 2 ? 
D N N 3 ? 
E N N 4 ? 
F N N 5 ? 
# 
_struct_biol.id        1 
_struct_biol.details   ? 
# 
loop_
_struct_conf.conf_type_id 
_struct_conf.id 
_struct_conf.pdbx_PDB_helix_id 
_struct_conf.beg_label_comp_id 
_struct_conf.beg_label_asym_id 
_struct_conf.beg_label_seq_id 
_struct_conf.pdbx_beg_PDB_ins_code 
_struct_conf.end_label_comp_id 
_struct_conf.end_label_asym_id 
_struct_conf.end_label_seq_id 
_struct_conf.pdbx_end_PDB_ins_code 
_struct_conf.beg_auth_comp_id 
_struct_conf.beg_auth_asym_id 
_struct_conf.beg_auth_seq_id 
_struct_conf.end_auth_comp_id 
_struct_conf.end_auth_asym_id 
_struct_conf.end_auth_seq_id 
_struct_conf.pdbx_PDB_helix_class 
_struct_conf.details 
_struct_conf.pdbx_PDB_helix_length 
HELX_P HELX_P1 1 THR A 48  ? SER A 64  ? THR A 473 SER A 489 1 ? 17 
HELX_P HELX_P2 2 SER A 74  ? LYS A 89  ? SER A 499 LYS A 86  1 ? 16 
HELX_P HELX_P3 3 ASN A 103 ? ILE A 115 ? ASN A 100 ILE A 526 1 ? 13 
HELX_P HELX_P4 4 ILE A 131 ? ALA A 143 ? ILE A 542 ALA A 554 1 ? 13 
# 
_struct_conf_type.id          HELX_P 
_struct_conf_type.criteria    ? 
_struct_conf_type.reference   ? 
# 
loop_
_struct_conn.id 
_struct_conn.conn_type_id 
_struct_conn.pdbx_leaving_atom_flag 
_struct_conn.pdbx_PDB_id 
_struct_conn.ptnr1_label_asym_id 
_struct_conn.ptnr1_label_comp_id 
_struct_conn.ptnr1_label_seq_id 
_struct_conn.ptnr1_label_atom_id 
_struct_conn.pdbx_ptnr1_label_alt_id 
_struct_conn.pdbx_ptnr1_PDB_ins_code 
_struct_conn.pdbx_ptnr1_standard_comp_id 
_struct_conn.ptnr1_symmetry 
_struct_conn.ptnr2_label_asym_id 
_struct_conn.ptnr2_label_comp_id 
_struct_conn.ptnr2_label_seq_id 
_struct_conn.ptnr2_label_atom_id 
_struct_conn.pdbx_ptnr2_label_alt_id 
_struct_conn.pdbx_ptnr2_PDB_ins_code 
_struct_conn.ptnr1_auth_asym_id 
_struct_conn.ptnr1_auth_comp_id 
_struct_conn.ptnr1_auth_seq_id 
_struct_conn.ptnr2_auth_asym_id 
_struct_conn.ptnr2_auth_comp_id 
_struct_conn.ptnr2_auth_seq_id 
_struct_conn.ptnr2_symmetry 
_struct_conn.pdbx_ptnr3_label_atom_id 
_struct_conn.pdbx_ptnr3_label_seq_id 
_struct_conn.pdbx_ptnr3_label_comp_id 
_struct_conn.pdbx_ptnr3_label_asym_id 
_struct_conn.pdbx_ptnr3_label_alt_id 
_struct_conn.pdbx_ptnr3_PDB_ins_code 
_struct_conn.details 
_struct_conn.pdbx_dist_value 
_struct_conn.pdbx_value_order 
_struct_conn.pdbx_role 
metalc1  metalc ? ? B MN . MN ? ? ? 1_555 A ASP 18  OD1 ? ? A MN 1 A ASP 443 1_555 ? ? ? ? ? ? ? 2.164 ? ? 
metalc2  metalc ? ? B MN . MN ? ? ? 1_555 A GLU 53  OE1 ? ? A MN 1 A GLU 478 1_555 ? ? ? ? ? ? ? 2.104 ? ? 
metalc3  metalc ? ? B MN . MN ? ? ? 1_555 A ASP 73  OD2 ? ? A MN 1 A ASP 498 1_555 ? ? ? ? ? ? ? 2.071 ? ? 
metalc4  metalc ? ? B MN . MN ? ? ? 1_555 E QID .   O13 ? ? A MN 1 A QID 700 1_555 ? ? ? ? ? ? ? 2.122 ? ? 
metalc5  metalc ? ? B MN . MN ? ? ? 1_555 E QID .   O12 ? ? A MN 1 A QID 700 1_555 ? ? ? ? ? ? ? 2.254 ? ? 
metalc6  metalc ? ? C MN . MN ? ? ? 1_555 A ASP 18  OD2 ? ? A MN 2 A ASP 443 1_555 ? ? ? ? ? ? ? 2.164 ? ? 
metalc7  metalc ? ? C MN . MN ? ? ? 1_555 A ASP 138 OD1 ? ? A MN 2 A ASP 549 1_555 ? ? ? ? ? ? ? 2.102 ? ? 
metalc8  metalc ? ? C MN . MN ? ? ? 1_555 F HOH .   O   ? ? A MN 2 A HOH 562 1_555 ? ? ? ? ? ? ? 2.200 ? ? 
metalc9  metalc ? ? C MN . MN ? ? ? 1_555 F HOH .   O   ? ? A MN 2 A HOH 563 1_555 ? ? ? ? ? ? ? 2.182 ? ? 
metalc10 metalc ? ? C MN . MN ? ? ? 1_555 E QID .   O13 ? ? A MN 2 A QID 700 1_555 ? ? ? ? ? ? ? 2.091 ? ? 
metalc11 metalc ? ? C MN . MN ? ? ? 1_555 E QID .   O10 ? ? A MN 2 A QID 700 1_555 ? ? ? ? ? ? ? 2.251 ? ? 
# 
_struct_conn_type.id          metalc 
_struct_conn_type.criteria    ? 
_struct_conn_type.reference   ? 
# 
_struct_sheet.id               A 
_struct_sheet.type             ? 
_struct_sheet.number_strands   5 
_struct_sheet.details          ? 
# 
loop_
_struct_sheet_order.sheet_id 
_struct_sheet_order.range_id_1 
_struct_sheet_order.range_id_2 
_struct_sheet_order.offset 
_struct_sheet_order.sense 
A 1 2 ? anti-parallel 
A 2 3 ? anti-parallel 
A 3 4 ? parallel      
A 4 5 ? parallel      
# 
loop_
_struct_sheet_range.sheet_id 
_struct_sheet_range.id 
_struct_sheet_range.beg_label_comp_id 
_struct_sheet_range.beg_label_asym_id 
_struct_sheet_range.beg_label_seq_id 
_struct_sheet_range.pdbx_beg_PDB_ins_code 
_struct_sheet_range.end_label_comp_id 
_struct_sheet_range.end_label_asym_id 
_struct_sheet_range.end_label_seq_id 
_struct_sheet_range.pdbx_end_PDB_ins_code 
_struct_sheet_range.beg_auth_comp_id 
_struct_sheet_range.beg_auth_asym_id 
_struct_sheet_range.beg_auth_seq_id 
_struct_sheet_range.end_auth_comp_id 
_struct_sheet_range.end_auth_asym_id 
_struct_sheet_range.end_auth_seq_id 
A 1 GLN A 39  ? LEU A 44  ? GLN A 464 LEU A 469 
A 2 GLY A 28  ? THR A 34  ? GLY A 453 THR A 459 
A 3 GLU A 13  ? ALA A 21  ? GLU A 438 ALA A 446 
A 4 GLU A 67  ? THR A 72  ? GLU A 492 THR A 497 
A 5 LYS A 119 ? TRP A 124 ? LYS A 530 TRP A 535 
# 
loop_
_pdbx_struct_sheet_hbond.sheet_id 
_pdbx_struct_sheet_hbond.range_id_1 
_pdbx_struct_sheet_hbond.range_id_2 
_pdbx_struct_sheet_hbond.range_1_label_atom_id 
_pdbx_struct_sheet_hbond.range_1_label_comp_id 
_pdbx_struct_sheet_hbond.range_1_label_asym_id 
_pdbx_struct_sheet_hbond.range_1_label_seq_id 
_pdbx_struct_sheet_hbond.range_1_PDB_ins_code 
_pdbx_struct_sheet_hbond.range_1_auth_atom_id 
_pdbx_struct_sheet_hbond.range_1_auth_comp_id 
_pdbx_struct_sheet_hbond.range_1_auth_asym_id 
_pdbx_struct_sheet_hbond.range_1_auth_seq_id 
_pdbx_struct_sheet_hbond.range_2_label_atom_id 
_pdbx_struct_sheet_hbond.range_2_label_comp_id 
_pdbx_struct_sheet_hbond.range_2_label_asym_id 
_pdbx_struct_sheet_hbond.range_2_label_seq_id 
_pdbx_struct_sheet_hbond.range_2_PDB_ins_code 
_pdbx_struct_sheet_hbond.range_2_auth_atom_id 
_pdbx_struct_sheet_hbond.range_2_auth_comp_id 
_pdbx_struct_sheet_hbond.range_2_auth_asym_id 
_pdbx_struct_sheet_hbond.range_2_auth_seq_id 
A 1 2 O LEU A 44 ? O LEU A 469 N GLY A 28  ? N GLY A 453 
A 2 3 O VAL A 33 ? O VAL A 458 N TYR A 16  ? N TYR A 441 
A 3 4 N PHE A 15 ? N PHE A 440 O ASN A 69  ? O ASN A 494 
A 4 5 N ILE A 70 ? N ILE A 495 O TYR A 121 ? O TYR A 532 
# 
loop_
_struct_site.id 
_struct_site.pdbx_evidence_code 
_struct_site.pdbx_auth_asym_id 
_struct_site.pdbx_auth_comp_id 
_struct_site.pdbx_auth_seq_id 
_struct_site.pdbx_auth_ins_code 
_struct_site.pdbx_num_residues 
_struct_site.details 
AC1 Software A MN  1   ? 4  'BINDING SITE FOR RESIDUE MN A 1'    
AC2 Software A MN  2   ? 5  'BINDING SITE FOR RESIDUE MN A 2'    
AC3 Software A SO4 3   ? 5  'BINDING SITE FOR RESIDUE SO4 A 3'   
AC4 Software A QID 700 ? 17 'BINDING SITE FOR RESIDUE QID A 700' 
# 
loop_
_struct_site_gen.id 
_struct_site_gen.site_id 
_struct_site_gen.pdbx_num_res 
_struct_site_gen.label_comp_id 
_struct_site_gen.label_asym_id 
_struct_site_gen.label_seq_id 
_struct_site_gen.pdbx_auth_ins_code 
_struct_site_gen.auth_comp_id 
_struct_site_gen.auth_asym_id 
_struct_site_gen.auth_seq_id 
_struct_site_gen.label_atom_id 
_struct_site_gen.label_alt_id 
_struct_site_gen.symmetry 
_struct_site_gen.details 
1  AC1 4  ASP A 18  ? ASP A 443 . ? 1_555 ? 
2  AC1 4  GLU A 53  ? GLU A 478 . ? 1_555 ? 
3  AC1 4  ASP A 73  ? ASP A 498 . ? 1_555 ? 
4  AC1 4  QID E .   ? QID A 700 . ? 1_555 ? 
5  AC2 5  ASP A 18  ? ASP A 443 . ? 1_555 ? 
6  AC2 5  ASP A 138 ? ASP A 549 . ? 1_555 ? 
7  AC2 5  HOH F .   ? HOH A 562 . ? 1_555 ? 
8  AC2 5  HOH F .   ? HOH A 563 . ? 1_555 ? 
9  AC2 5  QID E .   ? QID A 700 . ? 1_555 ? 
10 AC3 5  HOH F .   ? HOH A 9   . ? 1_555 ? 
11 AC3 5  HOH F .   ? HOH A 31  . ? 1_555 ? 
12 AC3 5  HOH F .   ? HOH A 39  . ? 1_555 ? 
13 AC3 5  GLY A 11  ? GLY A 436 . ? 1_555 ? 
14 AC3 5  ARG A 36  ? ARG A 461 . ? 1_555 ? 
15 AC4 17 MN  B .   ? MN  A 1   . ? 1_555 ? 
16 AC4 17 MN  C .   ? MN  A 2   . ? 1_555 ? 
17 AC4 17 HOH F .   ? HOH A 17  . ? 1_555 ? 
18 AC4 17 TRP A 88  ? TRP A 85  . ? 3_444 ? 
19 AC4 17 LYS A 89  ? LYS A 86  . ? 3_444 ? 
20 AC4 17 HOH F .   ? HOH A 117 . ? 3_444 ? 
21 AC4 17 HOH F .   ? HOH A 143 . ? 3_444 ? 
22 AC4 17 MET A 1   ? MET A 426 . ? 3_444 ? 
23 AC4 17 TYR A 2   ? TYR A 427 . ? 3_444 ? 
24 AC4 17 ASP A 18  ? ASP A 443 . ? 1_555 ? 
25 AC4 17 GLU A 53  ? GLU A 478 . ? 1_555 ? 
26 AC4 17 ASP A 73  ? ASP A 498 . ? 1_555 ? 
27 AC4 17 HIS A 128 ? HIS A 539 . ? 1_555 ? 
28 AC4 17 ASP A 138 ? ASP A 549 . ? 1_555 ? 
29 AC4 17 ARG A 146 ? ARG A 557 . ? 1_555 ? 
30 AC4 17 HOH F .   ? HOH A 562 . ? 1_555 ? 
31 AC4 17 HOH F .   ? HOH A 563 . ? 1_555 ? 
# 
_atom_sites.entry_id                    3QIO 
_atom_sites.fract_transf_matrix[1][1]   0.01598712 
_atom_sites.fract_transf_matrix[1][2]   0.01012149 
_atom_sites.fract_transf_matrix[1][3]   -0.01360823 
_atom_sites.fract_transf_matrix[2][1]   0.00480222 
_atom_sites.fract_transf_matrix[2][2]   -0.01591957 
_atom_sites.fract_transf_matrix[2][3]   -0.00619890 
_atom_sites.fract_transf_matrix[3][1]   -0.01054817 
_atom_sites.fract_transf_matrix[3][2]   0.00127436 
_atom_sites.fract_transf_matrix[3][3]   -0.01144428 
_atom_sites.fract_transf_vector[1]      -0.355034 
_atom_sites.fract_transf_vector[2]      0.088494 
_atom_sites.fract_transf_vector[3]      -0.183368 
# 
loop_
_atom_type.symbol 
C  
MN 
N  
O  
S  
# 
loop_
_atom_site.group_PDB 
_atom_site.id 
_atom_site.type_symbol 
_atom_site.label_atom_id 
_atom_site.label_alt_id 
_atom_site.label_comp_id 
_atom_site.label_asym_id 
_atom_site.label_entity_id 
_atom_site.label_seq_id 
_atom_site.pdbx_PDB_ins_code 
_atom_site.Cartn_x 
_atom_site.Cartn_y 
_atom_site.Cartn_z 
_atom_site.occupancy 
_atom_site.B_iso_or_equiv 
_atom_site.pdbx_formal_charge 
_atom_site.auth_seq_id 
_atom_site.auth_comp_id 
_atom_site.auth_asym_id 
_atom_site.auth_atom_id 
_atom_site.pdbx_PDB_model_num 
ATOM   1    N  N   . MET A 1 1   ? 1.874   -16.608 7.073   1.00 23.45 ? 426 MET A N   1 
ATOM   2    C  CA  . MET A 1 1   ? 2.411   -15.704 8.080   1.00 24.62 ? 426 MET A CA  1 
ATOM   3    C  C   . MET A 1 1   ? 1.714   -15.877 9.428   1.00 23.25 ? 426 MET A C   1 
ATOM   4    O  O   . MET A 1 1   ? 0.515   -16.159 9.490   1.00 23.46 ? 426 MET A O   1 
ATOM   5    C  CB  . MET A 1 1   ? 2.304   -14.254 7.606   1.00 29.77 ? 426 MET A CB  1 
ATOM   6    C  CG  . MET A 1 1   ? 0.890   -13.822 7.269   1.00 27.99 ? 426 MET A CG  1 
ATOM   7    S  SD  . MET A 1 1   ? 0.260   -12.661 8.490   1.00 60.36 ? 426 MET A SD  1 
ATOM   8    C  CE  . MET A 1 1   ? 1.413   -11.310 8.282   1.00 31.51 ? 426 MET A CE  1 
ATOM   9    N  N   . TYR A 1 2   ? 2.482   -15.697 10.497  1.00 23.89 ? 427 TYR A N   1 
ATOM   10   C  CA  . TYR A 1 2   ? 2.002   -15.901 11.861  1.00 24.07 ? 427 TYR A CA  1 
ATOM   11   C  C   . TYR A 1 2   ? 1.530   -14.608 12.530  1.00 33.69 ? 427 TYR A C   1 
ATOM   12   O  O   . TYR A 1 2   ? 0.661   -14.629 13.399  1.00 35.84 ? 427 TYR A O   1 
ATOM   13   C  CB  . TYR A 1 2   ? 3.104   -16.556 12.711  1.00 27.89 ? 427 TYR A CB  1 
ATOM   14   C  CG  . TYR A 1 2   ? 3.196   -18.058 12.528  1.00 30.34 ? 427 TYR A CG  1 
ATOM   15   C  CD1 . TYR A 1 2   ? 3.864   -18.610 11.443  1.00 29.49 ? 427 TYR A CD1 1 
ATOM   16   C  CD2 . TYR A 1 2   ? 2.602   -18.922 13.439  1.00 26.23 ? 427 TYR A CD2 1 
ATOM   17   C  CE1 . TYR A 1 2   ? 3.938   -19.988 11.269  1.00 24.78 ? 427 TYR A CE1 1 
ATOM   18   C  CE2 . TYR A 1 2   ? 2.673   -20.293 13.277  1.00 26.86 ? 427 TYR A CE2 1 
ATOM   19   C  CZ  . TYR A 1 2   ? 3.338   -20.819 12.192  1.00 24.80 ? 427 TYR A CZ  1 
ATOM   20   O  OH  . TYR A 1 2   ? 3.396   -22.185 12.041  1.00 26.41 ? 427 TYR A OH  1 
ATOM   21   N  N   . GLN A 1 3   ? 2.110   -13.487 12.120  1.00 27.02 ? 428 GLN A N   1 
ATOM   22   C  CA  . GLN A 1 3   ? 1.864   -12.200 12.755  1.00 22.87 ? 428 GLN A CA  1 
ATOM   23   C  C   . GLN A 1 3   ? 2.512   -11.158 11.869  1.00 21.46 ? 428 GLN A C   1 
ATOM   24   O  O   . GLN A 1 3   ? 3.301   -11.503 11.000  1.00 29.36 ? 428 GLN A O   1 
ATOM   25   C  CB  . GLN A 1 3   ? 2.575   -12.156 14.105  1.00 29.57 ? 428 GLN A CB  1 
ATOM   26   C  CG  . GLN A 1 3   ? 4.084   -12.270 13.927  1.00 29.29 ? 428 GLN A CG  1 
ATOM   27   C  CD  . GLN A 1 3   ? 4.877   -12.054 15.198  1.00 41.61 ? 428 GLN A CD  1 
ATOM   28   O  OE1 . GLN A 1 3   ? 4.318   -11.944 16.288  1.00 56.36 ? 428 GLN A OE1 1 
ATOM   29   N  NE2 . GLN A 1 3   ? 6.198   -11.990 15.059  1.00 41.67 ? 428 GLN A NE2 1 
ATOM   30   N  N   . LEU A 1 4   ? 2.198   -9.886  12.090  1.00 19.81 ? 429 LEU A N   1 
ATOM   31   C  CA  . LEU A 1 4   ? 3.006   -8.814  11.505  1.00 17.43 ? 429 LEU A CA  1 
ATOM   32   C  C   . LEU A 1 4   ? 4.310   -8.715  12.299  1.00 19.18 ? 429 LEU A C   1 
ATOM   33   O  O   . LEU A 1 4   ? 4.303   -8.796  13.532  1.00 21.41 ? 429 LEU A O   1 
ATOM   34   C  CB  . LEU A 1 4   ? 2.261   -7.479  11.537  1.00 19.53 ? 429 LEU A CB  1 
ATOM   35   C  CG  . LEU A 1 4   ? 1.040   -7.323  10.630  1.00 23.48 ? 429 LEU A CG  1 
ATOM   36   C  CD1 . LEU A 1 4   ? 0.446   -5.931  10.802  1.00 24.64 ? 429 LEU A CD1 1 
ATOM   37   C  CD2 . LEU A 1 4   ? 1.405   -7.568  9.174   1.00 21.42 ? 429 LEU A CD2 1 
ATOM   38   N  N   . GLU A 1 5   ? 5.428   -8.556  11.598  1.00 16.01 ? 430 GLU A N   1 
ATOM   39   C  CA  . GLU A 1 5   ? 6.723   -8.459  12.267  1.00 16.97 ? 430 GLU A CA  1 
ATOM   40   C  C   . GLU A 1 5   ? 6.807   -7.205  13.125  1.00 18.67 ? 430 GLU A C   1 
ATOM   41   O  O   . GLU A 1 5   ? 6.206   -6.175  12.815  1.00 18.09 ? 430 GLU A O   1 
ATOM   42   C  CB  . GLU A 1 5   ? 7.877   -8.483  11.261  1.00 17.46 ? 430 GLU A CB  1 
ATOM   43   C  CG  . GLU A 1 5   ? 8.026   -9.807  10.509  1.00 18.98 ? 430 GLU A CG  1 
ATOM   44   C  CD  . GLU A 1 5   ? 8.076   -11.018 11.431  1.00 24.19 ? 430 GLU A CD  1 
ATOM   45   O  OE1 . GLU A 1 5   ? 7.262   -11.945 11.246  1.00 26.78 ? 430 GLU A OE1 1 
ATOM   46   O  OE2 . GLU A 1 5   ? 8.931   -11.053 12.345  1.00 26.10 ? 430 GLU A OE2 1 
ATOM   47   N  N   . LYS A 1 6   ? 7.561   -7.296  14.214  1.00 18.19 ? 431 LYS A N   1 
ATOM   48   C  CA  . LYS A 1 6   ? 7.680   -6.185  15.148  1.00 20.29 ? 431 LYS A CA  1 
ATOM   49   C  C   . LYS A 1 6   ? 8.690   -5.147  14.678  1.00 18.41 ? 431 LYS A C   1 
ATOM   50   O  O   . LYS A 1 6   ? 8.768   -4.052  15.242  1.00 23.03 ? 431 LYS A O   1 
ATOM   51   C  CB  . LYS A 1 6   ? 8.064   -6.700  16.541  1.00 23.49 ? 431 LYS A CB  1 
ATOM   52   C  CG  . LYS A 1 6   ? 6.951   -7.496  17.207  1.00 30.28 ? 431 LYS A CG  1 
ATOM   53   C  CD  . LYS A 1 6   ? 7.394   -8.120  18.516  1.00 38.77 ? 431 LYS A CD  1 
ATOM   54   C  CE  . LYS A 1 6   ? 6.196   -8.688  19.267  1.00 57.48 ? 431 LYS A CE  1 
ATOM   55   N  NZ  . LYS A 1 6   ? 5.332   -9.521  18.382  1.00 49.51 ? 431 LYS A NZ  1 
ATOM   56   N  N   . GLU A 1 7   ? 9.462   -5.491  13.654  1.00 15.43 ? 432 GLU A N   1 
ATOM   57   C  CA  . GLU A 1 7   ? 10.467  -4.596  13.094  1.00 15.66 ? 432 GLU A CA  1 
ATOM   58   C  C   . GLU A 1 7   ? 10.736  -5.012  11.650  1.00 17.06 ? 432 GLU A C   1 
ATOM   59   O  O   . GLU A 1 7   ? 10.326  -6.098  11.241  1.00 15.97 ? 432 GLU A O   1 
ATOM   60   C  CB  . GLU A 1 7   ? 11.759  -4.650  13.924  1.00 18.62 ? 432 GLU A CB  1 
ATOM   61   C  CG  . GLU A 1 7   ? 12.478  -5.995  13.880  1.00 19.32 ? 432 GLU A CG  1 
ATOM   62   C  CD  . GLU A 1 7   ? 11.758  -7.075  14.664  1.00 23.38 ? 432 GLU A CD  1 
ATOM   63   O  OE1 . GLU A 1 7   ? 11.469  -8.142  14.077  1.00 22.43 ? 432 GLU A OE1 1 
ATOM   64   O  OE2 . GLU A 1 7   ? 11.484  -6.862  15.868  1.00 23.82 ? 432 GLU A OE2 1 
ATOM   65   N  N   . PRO A 1 8   ? 11.405  -4.156  10.861  1.00 15.78 ? 433 PRO A N   1 
ATOM   66   C  CA  . PRO A 1 8   ? 11.611  -4.503  9.451   1.00 17.23 ? 433 PRO A CA  1 
ATOM   67   C  C   . PRO A 1 8   ? 12.381  -5.806  9.259   1.00 15.95 ? 433 PRO A C   1 
ATOM   68   O  O   . PRO A 1 8   ? 13.219  -6.179  10.097  1.00 18.38 ? 433 PRO A O   1 
ATOM   69   C  CB  . PRO A 1 8   ? 12.410  -3.312  8.906   1.00 17.69 ? 433 PRO A CB  1 
ATOM   70   C  CG  . PRO A 1 8   ? 12.045  -2.166  9.823   1.00 19.04 ? 433 PRO A CG  1 
ATOM   71   C  CD  . PRO A 1 8   ? 11.884  -2.795  11.177  1.00 18.49 ? 433 PRO A CD  1 
ATOM   72   N  N   . ILE A 1 9   ? 12.088  -6.503  8.172   1.00 15.69 ? 434 ILE A N   1 
ATOM   73   C  CA  . ILE A 1 9   ? 12.672  -7.801  7.888   1.00 15.42 ? 434 ILE A CA  1 
ATOM   74   C  C   . ILE A 1 9   ? 13.962  -7.606  7.109   1.00 17.07 ? 434 ILE A C   1 
ATOM   75   O  O   . ILE A 1 9   ? 13.964  -7.081  5.985   1.00 17.54 ? 434 ILE A O   1 
ATOM   76   C  CB  . ILE A 1 9   ? 11.695  -8.662  7.043   1.00 15.82 ? 434 ILE A CB  1 
ATOM   77   C  CG1 . ILE A 1 9   ? 10.360  -8.847  7.777   1.00 15.85 ? 434 ILE A CG1 1 
ATOM   78   C  CG2 . ILE A 1 9   ? 12.338  -9.996  6.676   1.00 18.31 ? 434 ILE A CG2 1 
ATOM   79   C  CD1 . ILE A 1 9   ? 9.170   -9.096  6.841   1.00 17.19 ? 434 ILE A CD1 1 
ATOM   80   N  N   . VAL A 1 10  ? 15.071  -8.016  7.713   1.00 18.11 ? 435 VAL A N   1 
ATOM   81   C  CA  . VAL A 1 10  ? 16.356  -7.919  7.045   1.00 18.46 ? 435 VAL A CA  1 
ATOM   82   C  C   . VAL A 1 10  ? 16.347  -8.767  5.777   1.00 18.17 ? 435 VAL A C   1 
ATOM   83   O  O   . VAL A 1 10  ? 15.871  -9.903  5.779   1.00 20.66 ? 435 VAL A O   1 
ATOM   84   C  CB  . VAL A 1 10  ? 17.512  -8.354  7.977   1.00 19.68 ? 435 VAL A CB  1 
ATOM   85   C  CG1 . VAL A 1 10  ? 18.825  -8.422  7.204   1.00 23.55 ? 435 VAL A CG1 1 
ATOM   86   C  CG2 . VAL A 1 10  ? 17.630  -7.385  9.146   1.00 24.38 ? 435 VAL A CG2 1 
ATOM   87   N  N   . GLY A 1 11  ? 16.831  -8.189  4.681   1.00 19.57 ? 436 GLY A N   1 
ATOM   88   C  CA  . GLY A 1 11  ? 16.905  -8.901  3.418   1.00 20.69 ? 436 GLY A CA  1 
ATOM   89   C  C   . GLY A 1 11  ? 15.643  -8.876  2.569   1.00 21.12 ? 436 GLY A C   1 
ATOM   90   O  O   . GLY A 1 11  ? 15.645  -9.360  1.440   1.00 23.38 ? 436 GLY A O   1 
ATOM   91   N  N   . ALA A 1 12  ? 14.560  -8.326  3.101   1.00 18.41 ? 437 ALA A N   1 
ATOM   92   C  CA  . ALA A 1 12  ? 13.318  -8.272  2.331   1.00 18.12 ? 437 ALA A CA  1 
ATOM   93   C  C   . ALA A 1 12  ? 13.205  -6.961  1.571   1.00 18.02 ? 437 ALA A C   1 
ATOM   94   O  O   . ALA A 1 12  ? 13.630  -5.910  2.056   1.00 19.09 ? 437 ALA A O   1 
ATOM   95   C  CB  . ALA A 1 12  ? 12.107  -8.460  3.247   1.00 17.25 ? 437 ALA A CB  1 
ATOM   96   N  N   . GLU A 1 13  ? 12.629  -7.026  0.378   1.00 17.83 ? 438 GLU A N   1 
ATOM   97   C  CA  . GLU A 1 13  ? 12.346  -5.827  -0.400  1.00 17.77 ? 438 GLU A CA  1 
ATOM   98   C  C   . GLU A 1 13  ? 11.344  -4.935  0.335   1.00 16.29 ? 438 GLU A C   1 
ATOM   99   O  O   . GLU A 1 13  ? 10.411  -5.422  0.993   1.00 17.37 ? 438 GLU A O   1 
ATOM   100  C  CB  . GLU A 1 13  ? 11.803  -6.203  -1.780  1.00 17.94 ? 438 GLU A CB  1 
ATOM   101  C  CG  . GLU A 1 13  ? 11.689  -5.031  -2.747  1.00 17.80 ? 438 GLU A CG  1 
ATOM   102  C  CD  . GLU A 1 13  ? 11.439  -5.474  -4.180  1.00 20.43 ? 438 GLU A CD  1 
ATOM   103  O  OE1 . GLU A 1 13  ? 11.057  -6.645  -4.390  1.00 21.15 ? 438 GLU A OE1 1 
ATOM   104  O  OE2 . GLU A 1 13  ? 11.626  -4.647  -5.100  1.00 20.81 ? 438 GLU A OE2 1 
ATOM   105  N  N   . THR A 1 14  ? 11.550  -3.626  0.219   1.00 15.96 ? 439 THR A N   1 
ATOM   106  C  CA  . THR A 1 14  ? 10.702  -2.641  0.877   1.00 14.64 ? 439 THR A CA  1 
ATOM   107  C  C   . THR A 1 14  ? 9.908   -1.869  -0.163  1.00 14.26 ? 439 THR A C   1 
ATOM   108  O  O   . THR A 1 14  ? 10.480  -1.288  -1.075  1.00 14.94 ? 439 THR A O   1 
ATOM   109  C  CB  . THR A 1 14  ? 11.541  -1.653  1.705   1.00 15.35 ? 439 THR A CB  1 
ATOM   110  O  OG1 . THR A 1 14  ? 12.252  -2.374  2.723   1.00 17.42 ? 439 THR A OG1 1 
ATOM   111  C  CG2 . THR A 1 14  ? 10.660  -0.589  2.349   1.00 15.90 ? 439 THR A CG2 1 
ATOM   112  N  N   . PHE A 1 15  ? 8.590   -1.891  -0.008  1.00 14.35 ? 440 PHE A N   1 
ATOM   113  C  CA  . PHE A 1 15  ? 7.674   -1.231  -0.929  1.00 13.55 ? 440 PHE A CA  1 
ATOM   114  C  C   . PHE A 1 15  ? 7.075   -0.022  -0.239  1.00 13.19 ? 440 PHE A C   1 
ATOM   115  O  O   . PHE A 1 15  ? 6.376   -0.167  0.774   1.00 15.37 ? 440 PHE A O   1 
ATOM   116  C  CB  . PHE A 1 15  ? 6.535   -2.179  -1.330  1.00 14.51 ? 440 PHE A CB  1 
ATOM   117  C  CG  . PHE A 1 15  ? 6.940   -3.271  -2.280  1.00 13.35 ? 440 PHE A CG  1 
ATOM   118  C  CD1 . PHE A 1 15  ? 7.789   -4.295  -1.889  1.00 15.98 ? 440 PHE A CD1 1 
ATOM   119  C  CD2 . PHE A 1 15  ? 6.449   -3.278  -3.581  1.00 14.65 ? 440 PHE A CD2 1 
ATOM   120  C  CE1 . PHE A 1 15  ? 8.148   -5.296  -2.786  1.00 15.24 ? 440 PHE A CE1 1 
ATOM   121  C  CE2 . PHE A 1 15  ? 6.806   -4.267  -4.478  1.00 17.25 ? 440 PHE A CE2 1 
ATOM   122  C  CZ  . PHE A 1 15  ? 7.653   -5.280  -4.086  1.00 17.00 ? 440 PHE A CZ  1 
ATOM   123  N  N   . TYR A 1 16  ? 7.353   1.164   -0.777  1.00 14.24 ? 441 TYR A N   1 
ATOM   124  C  CA  . TYR A 1 16  ? 6.667   2.380   -0.357  1.00 13.73 ? 441 TYR A CA  1 
ATOM   125  C  C   . TYR A 1 16  ? 5.441   2.521   -1.241  1.00 14.63 ? 441 TYR A C   1 
ATOM   126  O  O   . TYR A 1 16  ? 5.570   2.682   -2.460  1.00 16.07 ? 441 TYR A O   1 
ATOM   127  C  CB  . TYR A 1 16  ? 7.564   3.592   -0.537  1.00 14.99 ? 441 TYR A CB  1 
ATOM   128  C  CG  . TYR A 1 16  ? 8.785   3.530   0.349   1.00 17.89 ? 441 TYR A CG  1 
ATOM   129  C  CD1 . TYR A 1 16  ? 9.937   2.877   -0.072  1.00 17.47 ? 441 TYR A CD1 1 
ATOM   130  C  CD2 . TYR A 1 16  ? 8.781   4.109   1.611   1.00 16.80 ? 441 TYR A CD2 1 
ATOM   131  C  CE1 . TYR A 1 16  ? 11.060  2.808   0.738   1.00 17.34 ? 441 TYR A CE1 1 
ATOM   132  C  CE2 . TYR A 1 16  ? 9.900   4.045   2.431   1.00 19.45 ? 441 TYR A CE2 1 
ATOM   133  C  CZ  . TYR A 1 16  ? 11.025  3.388   1.987   1.00 19.05 ? 441 TYR A CZ  1 
ATOM   134  O  OH  . TYR A 1 16  ? 12.140  3.329   2.787   1.00 25.55 ? 441 TYR A OH  1 
ATOM   135  N  N   . VAL A 1 17  ? 4.263   2.442   -0.632  1.00 13.16 ? 442 VAL A N   1 
ATOM   136  C  CA  . VAL A 1 17  ? 3.007   2.419   -1.380  1.00 13.51 ? 442 VAL A CA  1 
ATOM   137  C  C   . VAL A 1 17  ? 2.250   3.723   -1.195  1.00 13.76 ? 442 VAL A C   1 
ATOM   138  O  O   . VAL A 1 17  ? 2.399   4.399   -0.177  1.00 14.95 ? 442 VAL A O   1 
ATOM   139  C  CB  . VAL A 1 17  ? 2.114   1.252   -0.931  1.00 14.48 ? 442 VAL A CB  1 
ATOM   140  C  CG1 . VAL A 1 17  ? 2.767   -0.075  -1.265  1.00 14.82 ? 442 VAL A CG1 1 
ATOM   141  C  CG2 . VAL A 1 17  ? 1.851   1.324   0.573   1.00 15.34 ? 442 VAL A CG2 1 
ATOM   142  N  N   . ASP A 1 18  ? 1.426   4.085   -2.181  1.00 15.19 ? 443 ASP A N   1 
ATOM   143  C  CA  . ASP A 1 18  ? 0.527   5.228   -2.039  1.00 15.31 ? 443 ASP A CA  1 
ATOM   144  C  C   . ASP A 1 18  ? -0.539  5.194   -3.122  1.00 15.00 ? 443 ASP A C   1 
ATOM   145  O  O   . ASP A 1 18  ? -0.391  4.492   -4.125  1.00 15.08 ? 443 ASP A O   1 
ATOM   146  C  CB  . ASP A 1 18  ? 1.298   6.539   -2.134  1.00 15.25 ? 443 ASP A CB  1 
ATOM   147  C  CG  . ASP A 1 18  ? 0.538   7.717   -1.538  1.00 12.88 ? 443 ASP A CG  1 
ATOM   148  O  OD1 . ASP A 1 18  ? -0.364  7.479   -0.715  1.00 14.79 ? 443 ASP A OD1 1 
ATOM   149  O  OD2 . ASP A 1 18  ? 0.883   8.863   -1.867  1.00 15.76 ? 443 ASP A OD2 1 
ATOM   150  N  N   . GLY A 1 19  ? -1.603  5.960   -2.899  1.00 13.84 ? 444 GLY A N   1 
ATOM   151  C  CA  . GLY A 1 19  ? -2.657  6.150   -3.886  1.00 15.19 ? 444 GLY A CA  1 
ATOM   152  C  C   . GLY A 1 19  ? -3.132  7.592   -3.869  1.00 17.52 ? 444 GLY A C   1 
ATOM   153  O  O   . GLY A 1 19  ? -2.913  8.313   -2.888  1.00 17.79 ? 444 GLY A O   1 
ATOM   154  N  N   . ALA A 1 20  ? -3.765  8.023   -4.961  1.00 16.25 ? 445 ALA A N   1 
ATOM   155  C  CA  . ALA A 1 20  ? -4.373  9.350   -5.039  1.00 16.49 ? 445 ALA A CA  1 
ATOM   156  C  C   . ALA A 1 20  ? -5.650  9.216   -5.833  1.00 16.30 ? 445 ALA A C   1 
ATOM   157  O  O   . ALA A 1 20  ? -5.682  8.468   -6.802  1.00 16.72 ? 445 ALA A O   1 
ATOM   158  C  CB  . ALA A 1 20  ? -3.440  10.339  -5.720  1.00 16.64 ? 445 ALA A CB  1 
ATOM   159  N  N   . ALA A 1 21  ? -6.698  9.920   -5.418  1.00 16.96 ? 446 ALA A N   1 
ATOM   160  C  CA  . ALA A 1 21  ? -7.943  9.929   -6.186  1.00 17.07 ? 446 ALA A CA  1 
ATOM   161  C  C   . ALA A 1 21  ? -8.529  11.326  -6.214  1.00 16.44 ? 446 ALA A C   1 
ATOM   162  O  O   . ALA A 1 21  ? -8.209  12.169  -5.380  1.00 18.88 ? 446 ALA A O   1 
ATOM   163  C  CB  . ALA A 1 21  ? -8.943  8.953   -5.599  1.00 18.24 ? 446 ALA A CB  1 
ATOM   164  N  N   . ASN A 1 22  ? -9.376  11.573  -7.210  1.00 16.69 ? 447 ASN A N   1 
ATOM   165  C  CA  . ASN A 1 22  ? -10.088 12.839  -7.319  1.00 17.61 ? 447 ASN A CA  1 
ATOM   166  C  C   . ASN A 1 22  ? -11.589 12.613  -7.220  1.00 16.43 ? 447 ASN A C   1 
ATOM   167  O  O   . ASN A 1 22  ? -12.142 11.797  -7.960  1.00 17.50 ? 447 ASN A O   1 
ATOM   168  C  CB  . ASN A 1 22  ? -9.749  13.545  -8.632  1.00 18.80 ? 447 ASN A CB  1 
ATOM   169  C  CG  . ASN A 1 22  ? -10.683 14.700  -8.920  1.00 19.43 ? 447 ASN A CG  1 
ATOM   170  O  OD1 . ASN A 1 22  ? -11.646 14.558  -9.672  1.00 18.96 ? 447 ASN A OD1 1 
ATOM   171  N  ND2 . ASN A 1 22  ? -10.415 15.848  -8.309  1.00 20.82 ? 447 ASN A ND2 1 
ATOM   172  N  N   . ARG A 1 23  ? -12.241 13.333  -6.312  1.00 16.71 ? 448 ARG A N   1 
ATOM   173  C  CA  . ARG A 1 23  ? -13.654 13.117  -6.009  1.00 17.86 ? 448 ARG A CA  1 
ATOM   174  C  C   . ARG A 1 23  ? -14.577 13.520  -7.160  1.00 16.52 ? 448 ARG A C   1 
ATOM   175  O  O   . ARG A 1 23  ? -15.616 12.909  -7.368  1.00 20.12 ? 448 ARG A O   1 
ATOM   176  C  CB  . ARG A 1 23  ? -14.052 13.879  -4.739  1.00 22.04 ? 448 ARG A CB  1 
ATOM   177  C  CG  . ARG A 1 23  ? -15.440 13.549  -4.202  1.00 41.90 ? 448 ARG A CG  1 
ATOM   178  C  CD  . ARG A 1 23  ? -15.719 14.281  -2.889  1.00 42.38 ? 448 ARG A CD  1 
ATOM   179  N  NE  . ARG A 1 23  ? -16.954 13.827  -2.253  1.00 50.89 ? 448 ARG A NE  1 
ATOM   180  C  CZ  . ARG A 1 23  ? -17.001 12.969  -1.237  1.00 51.93 ? 448 ARG A CZ  1 
ATOM   181  N  NH1 . ARG A 1 23  ? -15.880 12.473  -0.731  1.00 56.41 ? 448 ARG A NH1 1 
ATOM   182  N  NH2 . ARG A 1 23  ? -18.170 12.611  -0.722  1.00 54.23 ? 448 ARG A NH2 1 
ATOM   183  N  N   . GLU A 1 24  ? -14.181 14.543  -7.909  1.00 17.96 ? 449 GLU A N   1 
ATOM   184  C  CA  . GLU A 1 24  ? -15.030 15.065  -8.984  1.00 18.98 ? 449 GLU A CA  1 
ATOM   185  C  C   . GLU A 1 24  ? -15.196 14.081  -10.141 1.00 21.41 ? 449 GLU A C   1 
ATOM   186  O  O   . GLU A 1 24  ? -16.257 14.024  -10.763 1.00 19.22 ? 449 GLU A O   1 
ATOM   187  C  CB  . GLU A 1 24  ? -14.475 16.398  -9.497  1.00 20.84 ? 449 GLU A CB  1 
ATOM   188  C  CG  . GLU A 1 24  ? -14.773 17.593  -8.587  1.00 24.07 ? 449 GLU A CG  1 
ATOM   189  C  CD  . GLU A 1 24  ? -13.903 17.649  -7.340  1.00 24.32 ? 449 GLU A CD  1 
ATOM   190  O  OE1 . GLU A 1 24  ? -12.881 16.933  -7.277  1.00 22.24 ? 449 GLU A OE1 1 
ATOM   191  O  OE2 . GLU A 1 24  ? -14.238 18.436  -6.429  1.00 25.13 ? 449 GLU A OE2 1 
ATOM   192  N  N   . THR A 1 25  ? -14.152 13.310  -10.422 1.00 17.01 ? 450 THR A N   1 
ATOM   193  C  CA  . THR A 1 25  ? -14.136 12.386  -11.555 1.00 16.45 ? 450 THR A CA  1 
ATOM   194  C  C   . THR A 1 25  ? -14.047 10.912  -11.153 1.00 16.81 ? 450 THR A C   1 
ATOM   195  O  O   . THR A 1 25  ? -14.250 10.022  -11.982 1.00 17.25 ? 450 THR A O   1 
ATOM   196  C  CB  . THR A 1 25  ? -12.932 12.663  -12.457 1.00 14.21 ? 450 THR A CB  1 
ATOM   197  O  OG1 . THR A 1 25  ? -11.721 12.460  -11.697 1.00 16.67 ? 450 THR A OG1 1 
ATOM   198  C  CG2 . THR A 1 25  ? -12.969 14.088  -13.009 1.00 18.11 ? 450 THR A CG2 1 
ATOM   199  N  N   . LYS A 1 26  ? -13.704 10.662  -9.889  1.00 16.48 ? 451 LYS A N   1 
ATOM   200  C  CA  . LYS A 1 26  ? -13.470 9.307   -9.372  1.00 18.01 ? 451 LYS A CA  1 
ATOM   201  C  C   . LYS A 1 26  ? -12.281 8.607   -10.044 1.00 15.13 ? 451 LYS A C   1 
ATOM   202  O  O   . LYS A 1 26  ? -12.121 7.387   -9.928  1.00 18.12 ? 451 LYS A O   1 
ATOM   203  C  CB  . LYS A 1 26  ? -14.735 8.447   -9.440  1.00 19.29 ? 451 LYS A CB  1 
ATOM   204  C  CG  . LYS A 1 26  ? -15.961 9.110   -8.835  1.00 22.08 ? 451 LYS A CG  1 
ATOM   205  C  CD  . LYS A 1 26  ? -17.098 8.122   -8.634  1.00 35.16 ? 451 LYS A CD  1 
ATOM   206  C  CE  . LYS A 1 26  ? -16.756 7.093   -7.569  1.00 43.32 ? 451 LYS A CE  1 
ATOM   207  N  NZ  . LYS A 1 26  ? -17.905 6.183   -7.292  1.00 55.67 ? 451 LYS A NZ  1 
ATOM   208  N  N   . LEU A 1 27  ? -11.447 9.388   -10.728 1.00 15.44 ? 452 LEU A N   1 
ATOM   209  C  CA  . LEU A 1 27  ? -10.205 8.886   -11.306 1.00 18.07 ? 452 LEU A CA  1 
ATOM   210  C  C   . LEU A 1 27  ? -9.127  8.843   -10.225 1.00 17.93 ? 452 LEU A C   1 
ATOM   211  O  O   . LEU A 1 27  ? -9.108  9.695   -9.339  1.00 18.05 ? 452 LEU A O   1 
ATOM   212  C  CB  . LEU A 1 27  ? -9.727  9.798   -12.440 1.00 18.64 ? 452 LEU A CB  1 
ATOM   213  C  CG  . LEU A 1 27  ? -10.695 9.990   -13.611 1.00 20.37 ? 452 LEU A CG  1 
ATOM   214  C  CD1 . LEU A 1 27  ? -10.245 11.144  -14.505 1.00 22.84 ? 452 LEU A CD1 1 
ATOM   215  C  CD2 . LEU A 1 27  ? -10.816 8.699   -14.398 1.00 23.93 ? 452 LEU A CD2 1 
ATOM   216  N  N   . GLY A 1 28  ? -8.217  7.879   -10.327 1.00 16.33 ? 453 GLY A N   1 
ATOM   217  C  CA  . GLY A 1 28  ? -7.130  7.771   -9.368  1.00 17.71 ? 453 GLY A CA  1 
ATOM   218  C  C   . GLY A 1 28  ? -5.937  6.998   -9.900  1.00 18.99 ? 453 GLY A C   1 
ATOM   219  O  O   . GLY A 1 28  ? -5.932  6.523   -11.039 1.00 18.77 ? 453 GLY A O   1 
ATOM   220  N  N   . LYS A 1 29  ? -4.908  6.870   -9.062  1.00 17.00 ? 454 LYS A N   1 
ATOM   221  C  CA  . LYS A 1 29  ? -3.742  6.049   -9.376  1.00 17.78 ? 454 LYS A CA  1 
ATOM   222  C  C   . LYS A 1 29  ? -3.292  5.346   -8.107  1.00 15.92 ? 454 LYS A C   1 
ATOM   223  O  O   . LYS A 1 29  ? -3.505  5.866   -7.014  1.00 17.30 ? 454 LYS A O   1 
ATOM   224  C  CB  . LYS A 1 29  ? -2.593  6.906   -9.916  1.00 16.11 ? 454 LYS A CB  1 
ATOM   225  C  CG  . LYS A 1 29  ? -2.857  7.532   -11.285 1.00 17.24 ? 454 LYS A CG  1 
ATOM   226  C  CD  . LYS A 1 29  ? -1.688  8.377   -11.759 1.00 19.90 ? 454 LYS A CD  1 
ATOM   227  C  CE  . LYS A 1 29  ? -1.963  8.941   -13.147 1.00 24.30 ? 454 LYS A CE  1 
ATOM   228  N  NZ  . LYS A 1 29  ? -0.785  9.678   -13.681 1.00 26.81 ? 454 LYS A NZ  1 
ATOM   229  N  N   . ALA A 1 30  ? -2.678  4.175   -8.255  1.00 16.03 ? 455 ALA A N   1 
ATOM   230  C  CA  . ALA A 1 30  ? -2.067  3.495   -7.120  1.00 14.19 ? 455 ALA A CA  1 
ATOM   231  C  C   . ALA A 1 30  ? -0.722  2.955   -7.552  1.00 17.98 ? 455 ALA A C   1 
ATOM   232  O  O   . ALA A 1 30  ? -0.520  2.660   -8.725  1.00 18.99 ? 455 ALA A O   1 
ATOM   233  C  CB  . ALA A 1 30  ? -2.953  2.369   -6.648  1.00 16.32 ? 455 ALA A CB  1 
ATOM   234  N  N   . GLY A 1 31  ? 0.211   2.818   -6.616  1.00 14.98 ? 456 GLY A N   1 
ATOM   235  C  CA  . GLY A 1 31  ? 1.509   2.322   -6.994  1.00 17.87 ? 456 GLY A CA  1 
ATOM   236  C  C   . GLY A 1 31  ? 2.478   2.154   -5.853  1.00 15.83 ? 456 GLY A C   1 
ATOM   237  O  O   . GLY A 1 31  ? 2.138   2.300   -4.669  1.00 14.97 ? 456 GLY A O   1 
ATOM   238  N  N   . TYR A 1 32  ? 3.704   1.837   -6.235  1.00 14.43 ? 457 TYR A N   1 
ATOM   239  C  CA  . TYR A 1 32  ? 4.786   1.658   -5.283  1.00 14.50 ? 457 TYR A CA  1 
ATOM   240  C  C   . TYR A 1 32  ? 6.125   2.033   -5.889  1.00 17.23 ? 457 TYR A C   1 
ATOM   241  O  O   . TYR A 1 32  ? 6.275   2.072   -7.111  1.00 18.04 ? 457 TYR A O   1 
ATOM   242  C  CB  . TYR A 1 32  ? 4.827   0.214   -4.768  1.00 16.82 ? 457 TYR A CB  1 
ATOM   243  C  CG  . TYR A 1 32  ? 5.088   -0.856  -5.823  1.00 16.36 ? 457 TYR A CG  1 
ATOM   244  C  CD1 . TYR A 1 32  ? 6.338   -0.989  -6.419  1.00 17.47 ? 457 TYR A CD1 1 
ATOM   245  C  CD2 . TYR A 1 32  ? 4.087   -1.751  -6.205  1.00 16.71 ? 457 TYR A CD2 1 
ATOM   246  C  CE1 . TYR A 1 32  ? 6.589   -1.980  -7.364  1.00 18.41 ? 457 TYR A CE1 1 
ATOM   247  C  CE2 . TYR A 1 32  ? 4.332   -2.743  -7.148  1.00 16.40 ? 457 TYR A CE2 1 
ATOM   248  C  CZ  . TYR A 1 32  ? 5.580   -2.844  -7.730  1.00 18.72 ? 457 TYR A CZ  1 
ATOM   249  O  OH  . TYR A 1 32  ? 5.826   -3.824  -8.673  1.00 20.22 ? 457 TYR A OH  1 
ATOM   250  N  N   . VAL A 1 33  ? 7.081   2.345   -5.020  1.00 16.39 ? 458 VAL A N   1 
ATOM   251  C  CA  . VAL A 1 33  ? 8.496   2.370   -5.374  1.00 16.88 ? 458 VAL A CA  1 
ATOM   252  C  C   . VAL A 1 33  ? 9.192   1.494   -4.342  1.00 17.37 ? 458 VAL A C   1 
ATOM   253  O  O   . VAL A 1 33  ? 8.776   1.460   -3.178  1.00 17.81 ? 458 VAL A O   1 
ATOM   254  C  CB  . VAL A 1 33  ? 9.094   3.791   -5.353  1.00 18.41 ? 458 VAL A CB  1 
ATOM   255  C  CG1 . VAL A 1 33  ? 8.376   4.693   -6.359  1.00 18.11 ? 458 VAL A CG1 1 
ATOM   256  C  CG2 . VAL A 1 33  ? 9.054   4.388   -3.960  1.00 24.41 ? 458 VAL A CG2 1 
ATOM   257  N  N   . THR A 1 34  ? 10.217  0.754   -4.758  1.00 16.80 ? 459 THR A N   1 
ATOM   258  C  CA  . THR A 1 34  ? 10.918  -0.113  -3.816  1.00 17.38 ? 459 THR A CA  1 
ATOM   259  C  C   . THR A 1 34  ? 12.374  0.279   -3.616  1.00 21.76 ? 459 THR A C   1 
ATOM   260  O  O   . THR A 1 34  ? 12.952  1.032   -4.413  1.00 20.67 ? 459 THR A O   1 
ATOM   261  C  CB  . THR A 1 34  ? 10.850  -1.609  -4.202  1.00 19.77 ? 459 THR A CB  1 
ATOM   262  O  OG1 . THR A 1 34  ? 11.911  -1.935  -5.111  1.00 19.29 ? 459 THR A OG1 1 
ATOM   263  C  CG2 . THR A 1 34  ? 9.506   -1.961  -4.816  1.00 17.79 ? 459 THR A CG2 1 
ATOM   264  N  N   . ASN A 1 35  ? 12.960  -0.248  -2.544  1.00 19.31 ? 460 ASN A N   1 
ATOM   265  C  CA  . ASN A 1 35  ? 14.358  0.028   -2.221  1.00 21.34 ? 460 ASN A CA  1 
ATOM   266  C  C   . ASN A 1 35  ? 15.304  -0.708  -3.157  1.00 22.05 ? 460 ASN A C   1 
ATOM   267  O  O   . ASN A 1 35  ? 16.517  -0.523  -3.080  1.00 26.15 ? 460 ASN A O   1 
ATOM   268  C  CB  . ASN A 1 35  ? 14.673  -0.353  -0.775  1.00 19.37 ? 460 ASN A CB  1 
ATOM   269  C  CG  . ASN A 1 35  ? 14.679  -1.850  -0.561  1.00 17.41 ? 460 ASN A CG  1 
ATOM   270  O  OD1 . ASN A 1 35  ? 13.843  -2.575  -1.106  1.00 18.24 ? 460 ASN A OD1 1 
ATOM   271  N  ND2 . ASN A 1 35  ? 15.623  -2.328  0.230   1.00 19.32 ? 460 ASN A ND2 1 
ATOM   272  N  N   . ARG A 1 36  ? 14.754  -1.553  -4.023  1.00 21.80 ? 461 ARG A N   1 
ATOM   273  C  CA  . ARG A 1 36  ? 15.551  -2.254  -5.023  1.00 24.10 ? 461 ARG A CA  1 
ATOM   274  C  C   . ARG A 1 36  ? 15.367  -1.632  -6.407  1.00 27.23 ? 461 ARG A C   1 
ATOM   275  O  O   . ARG A 1 36  ? 15.690  -2.249  -7.420  1.00 33.27 ? 461 ARG A O   1 
ATOM   276  C  CB  . ARG A 1 36  ? 15.195  -3.741  -5.056  1.00 20.87 ? 461 ARG A CB  1 
ATOM   277  C  CG  . ARG A 1 36  ? 15.567  -4.490  -3.781  1.00 21.27 ? 461 ARG A CG  1 
ATOM   278  C  CD  . ARG A 1 36  ? 15.130  -5.946  -3.833  1.00 27.41 ? 461 ARG A CD  1 
ATOM   279  N  NE  . ARG A 1 36  ? 15.391  -6.627  -2.566  1.00 24.49 ? 461 ARG A NE  1 
ATOM   280  C  CZ  . ARG A 1 36  ? 15.104  -7.904  -2.334  1.00 25.17 ? 461 ARG A CZ  1 
ATOM   281  N  NH1 . ARG A 1 36  ? 14.550  -8.647  -3.281  1.00 24.34 ? 461 ARG A NH1 1 
ATOM   282  N  NH2 . ARG A 1 36  ? 15.371  -8.441  -1.151  1.00 25.69 ? 461 ARG A NH2 1 
ATOM   283  N  N   . GLY A 1 37  ? 14.830  -0.415  -6.443  1.00 24.77 ? 462 GLY A N   1 
ATOM   284  C  CA  . GLY A 1 37  ? 14.710  0.325   -7.688  1.00 29.67 ? 462 GLY A CA  1 
ATOM   285  C  C   . GLY A 1 37  ? 13.574  -0.100  -8.600  1.00 32.73 ? 462 GLY A C   1 
ATOM   286  O  O   . GLY A 1 37  ? 13.577  0.215   -9.790  1.00 38.45 ? 462 GLY A O   1 
ATOM   287  N  N   . ARG A 1 38  ? 12.605  -0.827  -8.060  1.00 24.66 ? 463 ARG A N   1 
ATOM   288  C  CA  . ARG A 1 38  ? 11.429  -1.178  -8.841  1.00 24.87 ? 463 ARG A CA  1 
ATOM   289  C  C   . ARG A 1 38  ? 10.335  -0.161  -8.580  1.00 22.84 ? 463 ARG A C   1 
ATOM   290  O  O   . ARG A 1 38  ? 10.275  0.437   -7.506  1.00 21.51 ? 463 ARG A O   1 
ATOM   291  C  CB  . ARG A 1 38  ? 10.934  -2.580  -8.487  1.00 24.67 ? 463 ARG A CB  1 
ATOM   292  C  CG  . ARG A 1 38  ? 11.903  -3.676  -8.869  1.00 34.79 ? 463 ARG A CG  1 
ATOM   293  C  CD  . ARG A 1 38  ? 11.171  -4.975  -9.104  1.00 35.40 ? 463 ARG A CD  1 
ATOM   294  N  NE  . ARG A 1 38  ? 10.727  -5.607  -7.862  1.00 28.58 ? 463 ARG A NE  1 
ATOM   295  C  CZ  . ARG A 1 38  ? 9.719   -6.469  -7.797  1.00 26.47 ? 463 ARG A CZ  1 
ATOM   296  N  NH1 . ARG A 1 38  ? 9.043   -6.780  -8.898  1.00 28.61 ? 463 ARG A NH1 1 
ATOM   297  N  NH2 . ARG A 1 38  ? 9.382   -7.017  -6.638  1.00 26.50 ? 463 ARG A NH2 1 
ATOM   298  N  N   . GLN A 1 39  ? 9.492   0.067   -9.576  1.00 20.45 ? 464 GLN A N   1 
ATOM   299  C  CA  . GLN A 1 39  ? 8.304   0.869   -9.351  1.00 21.87 ? 464 GLN A CA  1 
ATOM   300  C  C   . GLN A 1 39  ? 7.188   0.459   -10.283 1.00 22.15 ? 464 GLN A C   1 
ATOM   301  O  O   . GLN A 1 39  ? 7.417   -0.194  -11.308 1.00 23.58 ? 464 GLN A O   1 
ATOM   302  C  CB  . GLN A 1 39  ? 8.595   2.367   -9.463  1.00 25.63 ? 464 GLN A CB  1 
ATOM   303  C  CG  . GLN A 1 39  ? 8.895   2.871   -10.862 1.00 30.90 ? 464 GLN A CG  1 
ATOM   304  C  CD  . GLN A 1 39  ? 9.154   4.370   -10.886 1.00 33.63 ? 464 GLN A CD  1 
ATOM   305  O  OE1 . GLN A 1 39  ? 9.896   4.899   -10.054 1.00 30.67 ? 464 GLN A OE1 1 
ATOM   306  N  NE2 . GLN A 1 39  ? 8.527   5.065   -11.832 1.00 35.57 ? 464 GLN A NE2 1 
ATOM   307  N  N   . LYS A 1 40  ? 5.973   0.840   -9.910  1.00 18.84 ? 465 LYS A N   1 
ATOM   308  C  CA  . LYS A 1 40  ? 4.791   0.550   -10.707 1.00 18.73 ? 465 LYS A CA  1 
ATOM   309  C  C   . LYS A 1 40  ? 3.692   1.530   -10.342 1.00 20.79 ? 465 LYS A C   1 
ATOM   310  O  O   . LYS A 1 40  ? 3.510   1.860   -9.167  1.00 19.09 ? 465 LYS A O   1 
ATOM   311  C  CB  . LYS A 1 40  ? 4.293   -0.882  -10.479 1.00 19.72 ? 465 LYS A CB  1 
ATOM   312  C  CG  . LYS A 1 40  ? 2.953   -1.148  -11.167 1.00 22.48 ? 465 LYS A CG  1 
ATOM   313  C  CD  . LYS A 1 40  ? 2.476   -2.580  -10.987 1.00 27.14 ? 465 LYS A CD  1 
ATOM   314  C  CE  . LYS A 1 40  ? 3.230   -3.531  -11.891 1.00 25.38 ? 465 LYS A CE  1 
ATOM   315  N  NZ  . LYS A 1 40  ? 2.784   -4.943  -11.715 1.00 28.45 ? 465 LYS A NZ  1 
ATOM   316  N  N   . VAL A 1 41  ? 2.971   2.004   -11.354 1.00 20.40 ? 466 VAL A N   1 
ATOM   317  C  CA  . VAL A 1 41  ? 1.797   2.843   -11.147 1.00 20.21 ? 466 VAL A CA  1 
ATOM   318  C  C   . VAL A 1 41  ? 0.688   2.346   -12.055 1.00 22.30 ? 466 VAL A C   1 
ATOM   319  O  O   . VAL A 1 41  ? 0.932   2.012   -13.222 1.00 24.52 ? 466 VAL A O   1 
ATOM   320  C  CB  . VAL A 1 41  ? 2.097   4.334   -11.423 1.00 23.88 ? 466 VAL A CB  1 
ATOM   321  C  CG1 . VAL A 1 41  ? 2.589   4.530   -12.845 1.00 30.40 ? 466 VAL A CG1 1 
ATOM   322  C  CG2 . VAL A 1 41  ? 0.869   5.202   -11.152 1.00 22.74 ? 466 VAL A CG2 1 
ATOM   323  N  N   . VAL A 1 42  ? -0.522  2.258   -11.510 1.00 20.06 ? 467 VAL A N   1 
ATOM   324  C  CA  . VAL A 1 42  ? -1.691  1.870   -12.296 1.00 20.77 ? 467 VAL A CA  1 
ATOM   325  C  C   . VAL A 1 42  ? -2.755  2.948   -12.199 1.00 23.10 ? 467 VAL A C   1 
ATOM   326  O  O   . VAL A 1 42  ? -2.901  3.604   -11.167 1.00 20.99 ? 467 VAL A O   1 
ATOM   327  C  CB  . VAL A 1 42  ? -2.275  0.510   -11.850 1.00 23.70 ? 467 VAL A CB  1 
ATOM   328  C  CG1 . VAL A 1 42  ? -1.209  -0.583  -11.926 1.00 28.19 ? 467 VAL A CG1 1 
ATOM   329  C  CG2 . VAL A 1 42  ? -2.851  0.593   -10.444 1.00 23.54 ? 467 VAL A CG2 1 
ATOM   330  N  N   . THR A 1 43  ? -3.491  3.143   -13.288 1.00 21.53 ? 468 THR A N   1 
ATOM   331  C  CA  . THR A 1 43  ? -4.580  4.103   -13.297 1.00 23.01 ? 468 THR A CA  1 
ATOM   332  C  C   . THR A 1 43  ? -5.890  3.402   -12.934 1.00 19.72 ? 468 THR A C   1 
ATOM   333  O  O   . THR A 1 43  ? -6.115  2.249   -13.299 1.00 26.17 ? 468 THR A O   1 
ATOM   334  C  CB  . THR A 1 43  ? -4.683  4.803   -14.656 1.00 27.63 ? 468 THR A CB  1 
ATOM   335  O  OG1 . THR A 1 43  ? -4.738  3.813   -15.690 1.00 37.48 ? 468 THR A OG1 1 
ATOM   336  C  CG2 . THR A 1 43  ? -3.467  5.683   -14.874 1.00 22.74 ? 468 THR A CG2 1 
ATOM   337  N  N   . LEU A 1 44  ? -6.739  4.097   -12.190 1.00 18.92 ? 469 LEU A N   1 
ATOM   338  C  CA  . LEU A 1 44  ? -7.948  3.510   -11.660 1.00 18.96 ? 469 LEU A CA  1 
ATOM   339  C  C   . LEU A 1 44  ? -9.141  4.404   -11.961 1.00 19.19 ? 469 LEU A C   1 
ATOM   340  O  O   . LEU A 1 44  ? -8.997  5.623   -12.103 1.00 20.36 ? 469 LEU A O   1 
ATOM   341  C  CB  . LEU A 1 44  ? -7.812  3.324   -10.145 1.00 21.97 ? 469 LEU A CB  1 
ATOM   342  C  CG  . LEU A 1 44  ? -6.639  2.463   -9.666  1.00 25.15 ? 469 LEU A CG  1 
ATOM   343  C  CD1 . LEU A 1 44  ? -6.371  2.736   -8.196  1.00 22.19 ? 469 LEU A CD1 1 
ATOM   344  C  CD2 . LEU A 1 44  ? -6.912  0.984   -9.906  1.00 26.25 ? 469 LEU A CD2 1 
ATOM   345  N  N   . THR A 1 45  ? -10.319 3.798   -12.053 1.00 23.51 ? 470 THR A N   1 
ATOM   346  C  CA  . THR A 1 45  ? -11.545 4.560   -12.238 1.00 19.26 ? 470 THR A CA  1 
ATOM   347  C  C   . THR A 1 45  ? -12.575 4.140   -11.198 1.00 20.74 ? 470 THR A C   1 
ATOM   348  O  O   . THR A 1 45  ? -12.426 3.101   -10.549 1.00 21.73 ? 470 THR A O   1 
ATOM   349  C  CB  . THR A 1 45  ? -12.122 4.376   -13.663 1.00 22.48 ? 470 THR A CB  1 
ATOM   350  O  OG1 . THR A 1 45  ? -12.298 2.980   -13.922 1.00 25.56 ? 470 THR A OG1 1 
ATOM   351  C  CG2 . THR A 1 45  ? -11.177 4.955   -14.706 1.00 19.74 ? 470 THR A CG2 1 
ATOM   352  N  N   . ASP A 1 46  ? -13.612 4.955   -11.028 1.00 19.08 ? 471 ASP A N   1 
ATOM   353  C  CA  . ASP A 1 46  ? -14.637 4.718   -10.019 1.00 18.95 ? 471 ASP A CA  1 
ATOM   354  C  C   . ASP A 1 46  ? -14.029 4.391   -8.656  1.00 18.97 ? 471 ASP A C   1 
ATOM   355  O  O   . ASP A 1 46  ? -14.459 3.454   -7.977  1.00 21.13 ? 471 ASP A O   1 
ATOM   356  C  CB  . ASP A 1 46  ? -15.593 3.610   -10.468 1.00 20.75 ? 471 ASP A CB  1 
ATOM   357  C  CG  . ASP A 1 46  ? -16.365 3.986   -11.717 1.00 23.73 ? 471 ASP A CG  1 
ATOM   358  O  OD1 . ASP A 1 46  ? -16.292 3.230   -12.703 1.00 24.47 ? 471 ASP A OD1 1 
ATOM   359  O  OD2 . ASP A 1 46  ? -17.042 5.035   -11.703 1.00 27.97 ? 471 ASP A OD2 1 
ATOM   360  N  N   . THR A 1 47  ? -13.049 5.189   -8.256  1.00 17.73 ? 472 THR A N   1 
ATOM   361  C  CA  . THR A 1 47  ? -12.306 4.910   -7.035  1.00 17.80 ? 472 THR A CA  1 
ATOM   362  C  C   . THR A 1 47  ? -12.365 6.077   -6.049  1.00 20.07 ? 472 THR A C   1 
ATOM   363  O  O   . THR A 1 47  ? -12.968 7.119   -6.321  1.00 19.76 ? 472 THR A O   1 
ATOM   364  C  CB  . THR A 1 47  ? -10.834 4.529   -7.349  1.00 19.46 ? 472 THR A CB  1 
ATOM   365  O  OG1 . THR A 1 47  ? -10.230 3.933   -6.193  1.00 20.15 ? 472 THR A OG1 1 
ATOM   366  C  CG2 . THR A 1 47  ? -10.021 5.744   -7.778  1.00 22.08 ? 472 THR A CG2 1 
ATOM   367  N  N   . THR A 1 48  ? -11.737 5.882   -4.889  1.00 19.31 ? 473 THR A N   1 
ATOM   368  C  CA  . THR A 1 48  ? -11.728 6.855   -3.801  1.00 17.76 ? 473 THR A CA  1 
ATOM   369  C  C   . THR A 1 48  ? -10.331 6.842   -3.215  1.00 17.60 ? 473 THR A C   1 
ATOM   370  O  O   . THR A 1 48  ? -9.564  5.921   -3.477  1.00 19.23 ? 473 THR A O   1 
ATOM   371  C  CB  . THR A 1 48  ? -12.701 6.450   -2.681  1.00 19.25 ? 473 THR A CB  1 
ATOM   372  O  OG1 . THR A 1 48  ? -12.238 5.241   -2.062  1.00 21.05 ? 473 THR A OG1 1 
ATOM   373  C  CG2 . THR A 1 48  ? -14.105 6.226   -3.222  1.00 21.88 ? 473 THR A CG2 1 
ATOM   374  N  N   . ASN A 1 49  ? -9.998  7.858   -2.426  1.00 17.56 ? 474 ASN A N   1 
ATOM   375  C  CA  . ASN A 1 49  ? -8.684  7.894   -1.788  1.00 19.00 ? 474 ASN A CA  1 
ATOM   376  C  C   . ASN A 1 49  ? -8.391  6.611   -1.007  1.00 17.18 ? 474 ASN A C   1 
ATOM   377  O  O   . ASN A 1 49  ? -7.337  6.005   -1.176  1.00 16.00 ? 474 ASN A O   1 
ATOM   378  C  CB  . ASN A 1 49  ? -8.545  9.122   -0.885  1.00 19.83 ? 474 ASN A CB  1 
ATOM   379  C  CG  . ASN A 1 49  ? -8.176  10.379  -1.657  1.00 30.23 ? 474 ASN A CG  1 
ATOM   380  O  OD1 . ASN A 1 49  ? -7.342  10.346  -2.568  1.00 28.00 ? 474 ASN A OD1 1 
ATOM   381  N  ND2 . ASN A 1 49  ? -8.787  11.497  -1.289  1.00 38.26 ? 474 ASN A ND2 1 
ATOM   382  N  N   . GLN A 1 50  ? -9.330  6.177   -0.176  1.00 17.45 ? 475 GLN A N   1 
ATOM   383  C  CA  . GLN A 1 50  ? -9.091  4.983   0.628   1.00 19.81 ? 475 GLN A CA  1 
ATOM   384  C  C   . GLN A 1 50  ? -8.961  3.726   -0.232  1.00 18.03 ? 475 GLN A C   1 
ATOM   385  O  O   . GLN A 1 50  ? -8.116  2.868   0.037   1.00 18.29 ? 475 GLN A O   1 
ATOM   386  C  CB  . GLN A 1 50  ? -10.144 4.823   1.734   1.00 20.09 ? 475 GLN A CB  1 
ATOM   387  C  CG  . GLN A 1 50  ? -9.962  5.817   2.870   1.00 20.11 ? 475 GLN A CG  1 
ATOM   388  C  CD  . GLN A 1 50  ? -10.904 5.563   4.031   1.00 19.71 ? 475 GLN A CD  1 
ATOM   389  O  OE1 . GLN A 1 50  ? -11.930 4.910   3.879   1.00 24.93 ? 475 GLN A OE1 1 
ATOM   390  N  NE2 . GLN A 1 50  ? -10.539 6.067   5.208   1.00 21.76 ? 475 GLN A NE2 1 
ATOM   391  N  N   . LYS A 1 51  ? -9.763  3.627   -1.296  1.00 16.86 ? 476 LYS A N   1 
ATOM   392  C  CA  . LYS A 1 51  ? -9.621  2.498   -2.212  1.00 17.81 ? 476 LYS A CA  1 
ATOM   393  C  C   . LYS A 1 51  ? -8.241  2.474   -2.876  1.00 15.27 ? 476 LYS A C   1 
ATOM   394  O  O   . LYS A 1 51  ? -7.645  1.404   -3.013  1.00 16.68 ? 476 LYS A O   1 
ATOM   395  C  CB  . LYS A 1 51  ? -10.713 2.500   -3.287  1.00 18.53 ? 476 LYS A CB  1 
ATOM   396  C  CG  . LYS A 1 51  ? -12.091 2.079   -2.797  1.00 25.88 ? 476 LYS A CG  1 
ATOM   397  C  CD  . LYS A 1 51  ? -13.072 1.975   -3.968  1.00 28.77 ? 476 LYS A CD  1 
ATOM   398  C  CE  . LYS A 1 51  ? -14.426 1.439   -3.525  1.00 36.11 ? 476 LYS A CE  1 
ATOM   399  N  NZ  . LYS A 1 51  ? -15.371 1.313   -4.668  1.00 54.53 ? 476 LYS A NZ  1 
ATOM   400  N  N   . THR A 1 52  ? -7.732  3.636   -3.287  1.00 14.96 ? 477 THR A N   1 
ATOM   401  C  CA  . THR A 1 52  ? -6.419  3.657   -3.925  1.00 16.21 ? 477 THR A CA  1 
ATOM   402  C  C   . THR A 1 52  ? -5.306  3.213   -2.972  1.00 16.94 ? 477 THR A C   1 
ATOM   403  O  O   . THR A 1 52  ? -4.344  2.595   -3.411  1.00 15.98 ? 477 THR A O   1 
ATOM   404  C  CB  . THR A 1 52  ? -6.054  5.016   -4.561  1.00 14.60 ? 477 THR A CB  1 
ATOM   405  O  OG1 . THR A 1 52  ? -5.910  6.021   -3.554  1.00 17.86 ? 477 THR A OG1 1 
ATOM   406  C  CG2 . THR A 1 52  ? -7.123  5.454   -5.557  1.00 14.87 ? 477 THR A CG2 1 
ATOM   407  N  N   . GLU A 1 53  ? -5.428  3.521   -1.677  1.00 15.12 ? 478 GLU A N   1 
ATOM   408  C  CA  . GLU A 1 53  ? -4.425  3.067   -0.711  1.00 13.76 ? 478 GLU A CA  1 
ATOM   409  C  C   . GLU A 1 53  ? -4.440  1.539   -0.608  1.00 14.89 ? 478 GLU A C   1 
ATOM   410  O  O   . GLU A 1 53  ? -3.385  0.898   -0.536  1.00 16.35 ? 478 GLU A O   1 
ATOM   411  C  CB  . GLU A 1 53  ? -4.654  3.696   0.669   1.00 14.14 ? 478 GLU A CB  1 
ATOM   412  C  CG  . GLU A 1 53  ? -4.647  5.210   0.726   1.00 15.41 ? 478 GLU A CG  1 
ATOM   413  C  CD  . GLU A 1 53  ? -3.255  5.818   0.700   1.00 16.02 ? 478 GLU A CD  1 
ATOM   414  O  OE1 . GLU A 1 53  ? -3.178  7.060   0.735   1.00 18.15 ? 478 GLU A OE1 1 
ATOM   415  O  OE2 . GLU A 1 53  ? -2.250  5.075   0.631   1.00 16.95 ? 478 GLU A OE2 1 
ATOM   416  N  N   . LEU A 1 54  ? -5.638  0.950   -0.609  1.00 15.47 ? 479 LEU A N   1 
ATOM   417  C  CA  . LEU A 1 54  ? -5.755  -0.506  -0.615  1.00 17.06 ? 479 LEU A CA  1 
ATOM   418  C  C   . LEU A 1 54  ? -5.217  -1.133  -1.898  1.00 16.58 ? 479 LEU A C   1 
ATOM   419  O  O   . LEU A 1 54  ? -4.536  -2.157  -1.851  1.00 17.36 ? 479 LEU A O   1 
ATOM   420  C  CB  . LEU A 1 54  ? -7.202  -0.946  -0.395  1.00 18.40 ? 479 LEU A CB  1 
ATOM   421  C  CG  . LEU A 1 54  ? -7.848  -0.569  0.933   1.00 19.04 ? 479 LEU A CG  1 
ATOM   422  C  CD1 . LEU A 1 54  ? -9.315  -1.014  0.942   1.00 22.50 ? 479 LEU A CD1 1 
ATOM   423  C  CD2 . LEU A 1 54  ? -7.085  -1.204  2.081   1.00 21.75 ? 479 LEU A CD2 1 
ATOM   424  N  N   . GLN A 1 55  ? -5.536  -0.527  -3.041  1.00 16.42 ? 480 GLN A N   1 
ATOM   425  C  CA  . GLN A 1 55  ? -5.017  -1.017  -4.311  1.00 16.60 ? 480 GLN A CA  1 
ATOM   426  C  C   . GLN A 1 55  ? -3.491  -1.020  -4.325  1.00 15.85 ? 480 GLN A C   1 
ATOM   427  O  O   . GLN A 1 55  ? -2.880  -1.933  -4.875  1.00 16.74 ? 480 GLN A O   1 
ATOM   428  C  CB  . GLN A 1 55  ? -5.551  -0.182  -5.480  1.00 16.61 ? 480 GLN A CB  1 
ATOM   429  C  CG  . GLN A 1 55  ? -7.063  -0.264  -5.693  1.00 24.76 ? 480 GLN A CG  1 
ATOM   430  C  CD  . GLN A 1 55  ? -7.494  -1.476  -6.518  1.00 31.91 ? 480 GLN A CD  1 
ATOM   431  O  OE1 . GLN A 1 55  ? -6.733  -2.433  -6.702  1.00 27.02 ? 480 GLN A OE1 1 
ATOM   432  N  NE2 . GLN A 1 55  ? -8.728  -1.434  -7.020  1.00 31.23 ? 480 GLN A NE2 1 
ATOM   433  N  N   . ALA A 1 56  ? -2.871  -0.007  -3.722  1.00 15.77 ? 481 ALA A N   1 
ATOM   434  C  CA  . ALA A 1 56  ? -1.405  0.069   -3.706  1.00 15.85 ? 481 ALA A CA  1 
ATOM   435  C  C   . ALA A 1 56  ? -0.814  -1.062  -2.877  1.00 14.20 ? 481 ALA A C   1 
ATOM   436  O  O   . ALA A 1 56  ? 0.178   -1.666  -3.267  1.00 15.97 ? 481 ALA A O   1 
ATOM   437  C  CB  . ALA A 1 56  ? -0.929  1.418   -3.177  1.00 17.52 ? 481 ALA A CB  1 
ATOM   438  N  N   . ILE A 1 57  ? -1.442  -1.360  -1.744  1.00 15.41 ? 482 ILE A N   1 
ATOM   439  C  CA  . ILE A 1 57  ? -0.956  -2.461  -0.920  1.00 17.12 ? 482 ILE A CA  1 
ATOM   440  C  C   . ILE A 1 57  ? -1.145  -3.793  -1.640  1.00 17.31 ? 482 ILE A C   1 
ATOM   441  O  O   . ILE A 1 57  ? -0.274  -4.656  -1.580  1.00 17.91 ? 482 ILE A O   1 
ATOM   442  C  CB  . ILE A 1 57  ? -1.616  -2.485  0.458   1.00 20.60 ? 482 ILE A CB  1 
ATOM   443  C  CG1 . ILE A 1 57  ? -1.057  -1.336  1.294   1.00 22.25 ? 482 ILE A CG1 1 
ATOM   444  C  CG2 . ILE A 1 57  ? -1.343  -3.816  1.166   1.00 19.29 ? 482 ILE A CG2 1 
ATOM   445  C  CD1 . ILE A 1 57  ? -1.710  -1.175  2.639   1.00 29.02 ? 482 ILE A CD1 1 
ATOM   446  N  N   . TYR A 1 58  ? -2.267  -3.943  -2.344  1.00 17.77 ? 483 TYR A N   1 
ATOM   447  C  CA  . TYR A 1 58  ? -2.502  -5.153  -3.126  1.00 16.75 ? 483 TYR A CA  1 
ATOM   448  C  C   . TYR A 1 58  ? -1.385  -5.359  -4.155  1.00 16.35 ? 483 TYR A C   1 
ATOM   449  O  O   . TYR A 1 58  ? -0.857  -6.466  -4.292  1.00 17.55 ? 483 TYR A O   1 
ATOM   450  C  CB  . TYR A 1 58  ? -3.871  -5.092  -3.812  1.00 18.29 ? 483 TYR A CB  1 
ATOM   451  C  CG  . TYR A 1 58  ? -4.180  -6.305  -4.663  1.00 24.97 ? 483 TYR A CG  1 
ATOM   452  C  CD1 . TYR A 1 58  ? -4.015  -6.274  -6.041  1.00 33.87 ? 483 TYR A CD1 1 
ATOM   453  C  CD2 . TYR A 1 58  ? -4.621  -7.483  -4.083  1.00 24.84 ? 483 TYR A CD2 1 
ATOM   454  C  CE1 . TYR A 1 58  ? -4.295  -7.387  -6.820  1.00 34.33 ? 483 TYR A CE1 1 
ATOM   455  C  CE2 . TYR A 1 58  ? -4.906  -8.599  -4.855  1.00 29.84 ? 483 TYR A CE2 1 
ATOM   456  C  CZ  . TYR A 1 58  ? -4.740  -8.545  -6.216  1.00 34.70 ? 483 TYR A CZ  1 
ATOM   457  O  OH  . TYR A 1 58  ? -5.024  -9.659  -6.979  1.00 43.83 ? 483 TYR A OH  1 
ATOM   458  N  N   . LEU A 1 59  ? -1.017  -4.292  -4.861  1.00 16.89 ? 484 LEU A N   1 
ATOM   459  C  CA  . LEU A 1 59  ? 0.056   -4.360  -5.851  1.00 18.59 ? 484 LEU A CA  1 
ATOM   460  C  C   . LEU A 1 59  ? 1.369   -4.795  -5.206  1.00 17.97 ? 484 LEU A C   1 
ATOM   461  O  O   . LEU A 1 59  ? 2.087   -5.645  -5.732  1.00 18.16 ? 484 LEU A O   1 
ATOM   462  C  CB  . LEU A 1 59  ? 0.249   -3.012  -6.546  1.00 20.59 ? 484 LEU A CB  1 
ATOM   463  C  CG  . LEU A 1 59  ? -0.800  -2.581  -7.568  1.00 26.02 ? 484 LEU A CG  1 
ATOM   464  C  CD1 . LEU A 1 59  ? -0.508  -1.169  -8.047  1.00 26.67 ? 484 LEU A CD1 1 
ATOM   465  C  CD2 . LEU A 1 59  ? -0.838  -3.553  -8.748  1.00 27.58 ? 484 LEU A CD2 1 
ATOM   466  N  N   . ALA A 1 60  ? 1.685   -4.209  -4.054  1.00 16.83 ? 485 ALA A N   1 
ATOM   467  C  CA  . ALA A 1 60  ? 2.918   -4.556  -3.363  1.00 17.89 ? 485 ALA A CA  1 
ATOM   468  C  C   . ALA A 1 60  ? 2.939   -6.024  -2.949  1.00 16.24 ? 485 ALA A C   1 
ATOM   469  O  O   . ALA A 1 60  ? 3.967   -6.688  -3.063  1.00 17.71 ? 485 ALA A O   1 
ATOM   470  C  CB  . ALA A 1 60  ? 3.130   -3.653  -2.146  1.00 17.53 ? 485 ALA A CB  1 
ATOM   471  N  N   . LEU A 1 61  ? 1.808   -6.526  -2.463  1.00 15.06 ? 486 LEU A N   1 
ATOM   472  C  CA  . LEU A 1 61  ? 1.720   -7.935  -2.095  1.00 16.35 ? 486 LEU A CA  1 
ATOM   473  C  C   . LEU A 1 61  ? 1.845   -8.831  -3.325  1.00 17.80 ? 486 LEU A C   1 
ATOM   474  O  O   . LEU A 1 61  ? 2.567   -9.830  -3.314  1.00 18.88 ? 486 LEU A O   1 
ATOM   475  C  CB  . LEU A 1 61  ? 0.414   -8.210  -1.342  1.00 17.71 ? 486 LEU A CB  1 
ATOM   476  C  CG  . LEU A 1 61  ? 0.339   -7.596  0.062   1.00 17.93 ? 486 LEU A CG  1 
ATOM   477  C  CD1 . LEU A 1 61  ? -1.073  -7.677  0.636   1.00 20.37 ? 486 LEU A CD1 1 
ATOM   478  C  CD2 . LEU A 1 61  ? 1.344   -8.281  0.988   1.00 18.51 ? 486 LEU A CD2 1 
ATOM   479  N  N   . GLN A 1 62  ? 1.164   -8.453  -4.397  1.00 18.61 ? 487 GLN A N   1 
ATOM   480  C  CA  . GLN A 1 62  ? 1.198   -9.244  -5.623  1.00 21.13 ? 487 GLN A CA  1 
ATOM   481  C  C   . GLN A 1 62  ? 2.613   -9.362  -6.186  1.00 20.50 ? 487 GLN A C   1 
ATOM   482  O  O   . GLN A 1 62  ? 3.023   -10.430 -6.649  1.00 22.25 ? 487 GLN A O   1 
ATOM   483  C  CB  . GLN A 1 62  ? 0.275   -8.614  -6.668  1.00 21.29 ? 487 GLN A CB  1 
ATOM   484  C  CG  . GLN A 1 62  ? -0.235  -9.584  -7.719  1.00 40.48 ? 487 GLN A CG  1 
ATOM   485  C  CD  . GLN A 1 62  ? -1.446  -9.049  -8.465  1.00 48.07 ? 487 GLN A CD  1 
ATOM   486  O  OE1 . GLN A 1 62  ? -1.471  -7.894  -8.889  1.00 43.19 ? 487 GLN A OE1 1 
ATOM   487  N  NE2 . GLN A 1 62  ? -2.464  -9.888  -8.617  1.00 42.37 ? 487 GLN A NE2 1 
ATOM   488  N  N   . ASP A 1 63  ? 3.366   -8.265  -6.141  1.00 17.32 ? 488 ASP A N   1 
ATOM   489  C  CA  . ASP A 1 63  ? 4.639   -8.183  -6.855  1.00 20.99 ? 488 ASP A CA  1 
ATOM   490  C  C   . ASP A 1 63  ? 5.867   -8.522  -6.009  1.00 18.21 ? 488 ASP A C   1 
ATOM   491  O  O   . ASP A 1 63  ? 6.982   -8.558  -6.519  1.00 22.30 ? 488 ASP A O   1 
ATOM   492  C  CB  . ASP A 1 63  ? 4.816   -6.793  -7.480  1.00 19.32 ? 488 ASP A CB  1 
ATOM   493  C  CG  . ASP A 1 63  ? 3.847   -6.532  -8.630  1.00 20.46 ? 488 ASP A CG  1 
ATOM   494  O  OD1 . ASP A 1 63  ? 3.096   -7.457  -9.005  1.00 22.98 ? 488 ASP A OD1 1 
ATOM   495  O  OD2 . ASP A 1 63  ? 3.841   -5.392  -9.149  1.00 22.78 ? 488 ASP A OD2 1 
ATOM   496  N  N   . SER A 1 64  ? 5.660   -8.756  -4.717  1.00 17.67 ? 489 SER A N   1 
ATOM   497  C  CA  . SER A 1 64  ? 6.755   -9.069  -3.812  1.00 18.76 ? 489 SER A CA  1 
ATOM   498  C  C   . SER A 1 64  ? 6.948   -10.564 -3.599  1.00 18.50 ? 489 SER A C   1 
ATOM   499  O  O   . SER A 1 64  ? 6.070   -11.374 -3.918  1.00 19.16 ? 489 SER A O   1 
ATOM   500  C  CB  . SER A 1 64  ? 6.517   -8.394  -2.464  1.00 16.78 ? 489 SER A CB  1 
ATOM   501  O  OG  . SER A 1 64  ? 5.275   -8.796  -1.915  1.00 16.18 ? 489 SER A OG  1 
ATOM   502  N  N   . GLY A 1 65  ? 8.109   -10.910 -3.058  1.00 17.77 ? 490 GLY A N   1 
ATOM   503  C  CA  . GLY A 1 65  ? 8.429   -12.271 -2.669  1.00 19.38 ? 490 GLY A CA  1 
ATOM   504  C  C   . GLY A 1 65  ? 7.716   -12.680 -1.394  1.00 18.97 ? 490 GLY A C   1 
ATOM   505  O  O   . GLY A 1 65  ? 6.795   -12.007 -0.931  1.00 19.40 ? 490 GLY A O   1 
ATOM   506  N  N   . LEU A 1 66  ? 8.153   -13.790 -0.815  1.00 17.92 ? 491 LEU A N   1 
ATOM   507  C  CA  . LEU A 1 66  ? 7.458   -14.348 0.339   1.00 18.33 ? 491 LEU A CA  1 
ATOM   508  C  C   . LEU A 1 66  ? 7.650   -13.542 1.620   1.00 18.28 ? 491 LEU A C   1 
ATOM   509  O  O   . LEU A 1 66  ? 6.875   -13.680 2.564   1.00 17.63 ? 491 LEU A O   1 
ATOM   510  C  CB  . LEU A 1 66  ? 7.867   -15.802 0.555   1.00 20.59 ? 491 LEU A CB  1 
ATOM   511  C  CG  . LEU A 1 66  ? 7.317   -16.740 -0.521  1.00 20.93 ? 491 LEU A CG  1 
ATOM   512  C  CD1 . LEU A 1 66  ? 7.679   -18.180 -0.183  1.00 26.97 ? 491 LEU A CD1 1 
ATOM   513  C  CD2 . LEU A 1 66  ? 5.805   -16.587 -0.651  1.00 22.90 ? 491 LEU A CD2 1 
ATOM   514  N  N   . GLU A 1 67  ? 8.688   -12.715 1.653   1.00 17.40 ? 492 GLU A N   1 
ATOM   515  C  CA  . GLU A 1 67  ? 8.936   -11.826 2.782   1.00 18.67 ? 492 GLU A CA  1 
ATOM   516  C  C   . GLU A 1 67  ? 8.982   -10.411 2.239   1.00 16.63 ? 492 GLU A C   1 
ATOM   517  O  O   . GLU A 1 67  ? 9.635   -10.157 1.232   1.00 18.07 ? 492 GLU A O   1 
ATOM   518  C  CB  . GLU A 1 67  ? 10.245  -12.188 3.481   1.00 19.86 ? 492 GLU A CB  1 
ATOM   519  C  CG  . GLU A 1 67  ? 10.248  -13.620 3.997   1.00 19.20 ? 492 GLU A CG  1 
ATOM   520  C  CD  . GLU A 1 67  ? 11.458  -13.974 4.844   1.00 26.01 ? 492 GLU A CD  1 
ATOM   521  O  OE1 . GLU A 1 67  ? 12.237  -13.071 5.222   1.00 24.89 ? 492 GLU A OE1 1 
ATOM   522  O  OE2 . GLU A 1 67  ? 11.623  -15.177 5.138   1.00 26.32 ? 492 GLU A OE2 1 
ATOM   523  N  N   . VAL A 1 68  ? 8.266   -9.497  2.887   1.00 14.83 ? 493 VAL A N   1 
ATOM   524  C  CA  . VAL A 1 68  ? 8.143   -8.147  2.359   1.00 13.72 ? 493 VAL A CA  1 
ATOM   525  C  C   . VAL A 1 68  ? 7.965   -7.101  3.461   1.00 13.74 ? 493 VAL A C   1 
ATOM   526  O  O   . VAL A 1 68  ? 7.267   -7.327  4.450   1.00 14.94 ? 493 VAL A O   1 
ATOM   527  C  CB  . VAL A 1 68  ? 6.977   -8.078  1.324   1.00 15.72 ? 493 VAL A CB  1 
ATOM   528  C  CG1 . VAL A 1 68  ? 5.632   -8.346  2.007   1.00 18.45 ? 493 VAL A CG1 1 
ATOM   529  C  CG2 . VAL A 1 68  ? 6.984   -6.739  0.605   1.00 16.48 ? 493 VAL A CG2 1 
ATOM   530  N  N   . ASN A 1 69  ? 8.617   -5.956  3.268   1.00 13.57 ? 494 ASN A N   1 
ATOM   531  C  CA  . ASN A 1 69  ? 8.393   -4.770  4.090   1.00 14.17 ? 494 ASN A CA  1 
ATOM   532  C  C   . ASN A 1 69  ? 7.532   -3.794  3.297   1.00 13.42 ? 494 ASN A C   1 
ATOM   533  O  O   . ASN A 1 69  ? 7.841   -3.499  2.142   1.00 15.32 ? 494 ASN A O   1 
ATOM   534  C  CB  . ASN A 1 69  ? 9.722   -4.079  4.432   1.00 14.43 ? 494 ASN A CB  1 
ATOM   535  C  CG  . ASN A 1 69  ? 10.660  -4.966  5.215   1.00 15.98 ? 494 ASN A CG  1 
ATOM   536  O  OD1 . ASN A 1 69  ? 10.276  -5.538  6.234   1.00 15.96 ? 494 ASN A OD1 1 
ATOM   537  N  ND2 . ASN A 1 69  ? 11.899  -5.081  4.743   1.00 16.41 ? 494 ASN A ND2 1 
ATOM   538  N  N   . ILE A 1 70  ? 6.484   -3.276  3.924   1.00 13.78 ? 495 ILE A N   1 
ATOM   539  C  CA  . ILE A 1 70  ? 5.595   -2.321  3.260   1.00 14.29 ? 495 ILE A CA  1 
ATOM   540  C  C   . ILE A 1 70  ? 5.461   -1.078  4.130   1.00 14.64 ? 495 ILE A C   1 
ATOM   541  O  O   . ILE A 1 70  ? 5.159   -1.183  5.332   1.00 15.11 ? 495 ILE A O   1 
ATOM   542  C  CB  . ILE A 1 70  ? 4.195   -2.926  2.997   1.00 16.48 ? 495 ILE A CB  1 
ATOM   543  C  CG1 . ILE A 1 70  ? 4.316   -4.133  2.059   1.00 17.50 ? 495 ILE A CG1 1 
ATOM   544  C  CG2 . ILE A 1 70  ? 3.273   -1.879  2.397   1.00 15.28 ? 495 ILE A CG2 1 
ATOM   545  C  CD1 . ILE A 1 70  ? 3.026   -4.943  1.892   1.00 17.00 ? 495 ILE A CD1 1 
ATOM   546  N  N   . VAL A 1 71  ? 5.686   0.093   3.533   1.00 13.92 ? 496 VAL A N   1 
ATOM   547  C  CA  . VAL A 1 71  ? 5.584   1.367   4.249   1.00 13.24 ? 496 VAL A CA  1 
ATOM   548  C  C   . VAL A 1 71  ? 4.436   2.152   3.625   1.00 13.47 ? 496 VAL A C   1 
ATOM   549  O  O   . VAL A 1 71  ? 4.494   2.522   2.447   1.00 14.94 ? 496 VAL A O   1 
ATOM   550  C  CB  . VAL A 1 71  ? 6.891   2.185   4.169   1.00 16.70 ? 496 VAL A CB  1 
ATOM   551  C  CG1 . VAL A 1 71  ? 6.725   3.519   4.909   1.00 17.94 ? 496 VAL A CG1 1 
ATOM   552  C  CG2 . VAL A 1 71  ? 8.059   1.382   4.767   1.00 17.69 ? 496 VAL A CG2 1 
ATOM   553  N  N   . THR A 1 72  ? 3.399   2.377   4.420   1.00 14.27 ? 497 THR A N   1 
ATOM   554  C  CA  . THR A 1 72  ? 2.193   3.060   3.968   1.00 13.20 ? 497 THR A CA  1 
ATOM   555  C  C   . THR A 1 72  ? 2.015   4.346   4.765   1.00 16.51 ? 497 THR A C   1 
ATOM   556  O  O   . THR A 1 72  ? 2.551   4.456   5.878   1.00 15.72 ? 497 THR A O   1 
ATOM   557  C  CB  . THR A 1 72  ? 0.959   2.157   4.194   1.00 13.80 ? 497 THR A CB  1 
ATOM   558  O  OG1 . THR A 1 72  ? -0.235  2.816   3.742   1.00 15.51 ? 497 THR A OG1 1 
ATOM   559  C  CG2 . THR A 1 72  ? 0.794   1.817   5.668   1.00 17.90 ? 497 THR A CG2 1 
ATOM   560  N  N   . ASP A 1 73  ? 1.283   5.312   4.210   1.00 14.06 ? 498 ASP A N   1 
ATOM   561  C  CA  . ASP A 1 73  ? 0.871   6.499   4.970   1.00 14.20 ? 498 ASP A CA  1 
ATOM   562  C  C   . ASP A 1 73  ? -0.622  6.473   5.330   1.00 14.63 ? 498 ASP A C   1 
ATOM   563  O  O   . ASP A 1 73  ? -1.171  7.460   5.816   1.00 17.09 ? 498 ASP A O   1 
ATOM   564  C  CB  . ASP A 1 73  ? 1.273   7.826   4.282   1.00 16.70 ? 498 ASP A CB  1 
ATOM   565  C  CG  . ASP A 1 73  ? 0.618   8.025   2.927   1.00 16.07 ? 498 ASP A CG  1 
ATOM   566  O  OD1 . ASP A 1 73  ? 1.190   8.768   2.105   1.00 17.01 ? 498 ASP A OD1 1 
ATOM   567  O  OD2 . ASP A 1 73  ? -0.460  7.459   2.690   1.00 16.22 ? 498 ASP A OD2 1 
ATOM   568  N  N   . SER A 1 74  ? -1.254  5.324   5.119   1.00 13.86 ? 499 SER A N   1 
ATOM   569  C  CA  . SER A 1 74  ? -2.677  5.149   5.385   1.00 14.59 ? 499 SER A CA  1 
ATOM   570  C  C   . SER A 1 74  ? -2.966  4.356   6.658   1.00 16.63 ? 499 SER A C   1 
ATOM   571  O  O   . SER A 1 74  ? -2.805  3.135   6.687   1.00 15.74 ? 499 SER A O   1 
ATOM   572  C  CB  . SER A 1 74  ? -3.329  4.442   4.194   1.00 15.63 ? 499 SER A CB  1 
ATOM   573  O  OG  . SER A 1 74  ? -4.699  4.182   4.446   1.00 16.53 ? 499 SER A OG  1 
ATOM   574  N  N   . GLN A 1 75  ? -3.401  5.055   7.706   1.00 15.36 ? 500 GLN A N   1 
ATOM   575  C  CA  . GLN A 1 75  ? -3.861  4.389   8.919   1.00 15.41 ? 500 GLN A CA  1 
ATOM   576  C  C   . GLN A 1 75  ? -5.062  3.492   8.630   1.00 16.76 ? 500 GLN A C   1 
ATOM   577  O  O   . GLN A 1 75  ? -5.220  2.431   9.230   1.00 18.14 ? 500 GLN A O   1 
ATOM   578  C  CB  . GLN A 1 75  ? -4.190  5.417   10.008  1.00 19.08 ? 500 GLN A CB  1 
ATOM   579  C  CG  . GLN A 1 75  ? -2.966  6.012   10.722  1.00 19.25 ? 500 GLN A CG  1 
ATOM   580  C  CD  . GLN A 1 75  ? -2.384  5.086   11.779  1.00 20.75 ? 500 GLN A CD  1 
ATOM   581  O  OE1 . GLN A 1 75  ? -3.096  4.274   12.369  1.00 24.09 ? 500 GLN A OE1 1 
ATOM   582  N  NE2 . GLN A 1 75  ? -1.079  5.205   12.018  1.00 25.67 ? 500 GLN A NE2 1 
ATOM   583  N  N   . TYR A 1 76  ? -5.905  3.902   7.689   1.00 16.55 ? 501 TYR A N   1 
ATOM   584  C  CA  . TYR A 1 76  ? -7.046  3.077   7.313   1.00 17.69 ? 501 TYR A CA  1 
ATOM   585  C  C   . TYR A 1 76  ? -6.595  1.713   6.791   1.00 17.73 ? 501 TYR A C   1 
ATOM   586  O  O   . TYR A 1 76  ? -7.076  0.679   7.255   1.00 18.36 ? 501 TYR A O   1 
ATOM   587  C  CB  . TYR A 1 76  ? -7.902  3.792   6.266   1.00 18.17 ? 501 TYR A CB  1 
ATOM   588  C  CG  . TYR A 1 76  ? -8.851  2.871   5.539   1.00 18.00 ? 501 TYR A CG  1 
ATOM   589  C  CD1 . TYR A 1 76  ? -9.968  2.349   6.178   1.00 20.03 ? 501 TYR A CD1 1 
ATOM   590  C  CD2 . TYR A 1 76  ? -8.633  2.525   4.207   1.00 20.23 ? 501 TYR A CD2 1 
ATOM   591  C  CE1 . TYR A 1 76  ? -10.844 1.503   5.511   1.00 20.72 ? 501 TYR A CE1 1 
ATOM   592  C  CE2 . TYR A 1 76  ? -9.501  1.678   3.538   1.00 21.32 ? 501 TYR A CE2 1 
ATOM   593  C  CZ  . TYR A 1 76  ? -10.603 1.174   4.196   1.00 21.62 ? 501 TYR A CZ  1 
ATOM   594  O  OH  . TYR A 1 76  ? -11.477 0.331   3.545   1.00 24.62 ? 501 TYR A OH  1 
ATOM   595  N  N   . ALA A 1 77  ? -5.665  1.714   5.839   1.00 16.41 ? 502 ALA A N   1 
ATOM   596  C  CA  . ALA A 1 77  ? -5.178  0.461   5.267   1.00 18.30 ? 502 ALA A CA  1 
ATOM   597  C  C   . ALA A 1 77  ? -4.449  -0.377  6.324   1.00 18.98 ? 502 ALA A C   1 
ATOM   598  O  O   . ALA A 1 77  ? -4.657  -1.592  6.425   1.00 23.17 ? 502 ALA A O   1 
ATOM   599  C  CB  . ALA A 1 77  ? -4.267  0.742   4.082   1.00 20.24 ? 502 ALA A CB  1 
ATOM   600  N  N   . LEU A 1 78  ? -3.595  0.267   7.112   1.00 18.18 ? 503 LEU A N   1 
ATOM   601  C  CA  . LEU A 1 78  ? -2.910  -0.427  8.196   1.00 20.91 ? 503 LEU A CA  1 
ATOM   602  C  C   . LEU A 1 78  ? -3.921  -1.087  9.138   1.00 24.22 ? 503 LEU A C   1 
ATOM   603  O  O   . LEU A 1 78  ? -3.737  -2.229  9.560   1.00 24.34 ? 503 LEU A O   1 
ATOM   604  C  CB  . LEU A 1 78  ? -2.019  0.540   8.978   1.00 20.19 ? 503 LEU A CB  1 
ATOM   605  C  CG  . LEU A 1 78  ? -1.348  -0.035  10.230  1.00 22.03 ? 503 LEU A CG  1 
ATOM   606  C  CD1 . LEU A 1 78  ? -0.369  -1.135  9.860   1.00 29.68 ? 503 LEU A CD1 1 
ATOM   607  C  CD2 . LEU A 1 78  ? -0.654  1.063   11.018  1.00 24.59 ? 503 LEU A CD2 1 
ATOM   608  N  N   . GLY A 1 79  ? -4.996  -0.371  9.455   1.00 19.57 ? 504 GLY A N   1 
ATOM   609  C  CA  . GLY A 1 79  ? -6.017  -0.875  10.359  1.00 22.11 ? 504 GLY A CA  1 
ATOM   610  C  C   . GLY A 1 79  ? -6.806  -2.060  9.823   1.00 23.36 ? 504 GLY A C   1 
ATOM   611  O  O   . GLY A 1 79  ? -7.147  -2.970  10.578  1.00 27.67 ? 504 GLY A O   1 
ATOM   612  N  N   . ILE A 1 80  ? -7.097  -2.049  8.527   1.00 22.30 ? 505 ILE A N   1 
ATOM   613  C  CA  . ILE A 1 80  ? -7.778  -3.168  7.879   1.00 25.20 ? 505 ILE A CA  1 
ATOM   614  C  C   . ILE A 1 80  ? -6.996  -4.464  8.087   1.00 30.98 ? 505 ILE A C   1 
ATOM   615  O  O   . ILE A 1 80  ? -7.556  -5.500  8.439   1.00 28.53 ? 505 ILE A O   1 
ATOM   616  C  CB  . ILE A 1 80  ? -7.930  -2.926  6.361   1.00 26.64 ? 505 ILE A CB  1 
ATOM   617  C  CG1 . ILE A 1 80  ? -8.986  -1.855  6.092   1.00 32.04 ? 505 ILE A CG1 1 
ATOM   618  C  CG2 . ILE A 1 80  ? -8.291  -4.220  5.643   1.00 36.02 ? 505 ILE A CG2 1 
ATOM   619  C  CD1 . ILE A 1 80  ? -10.360 -2.219  6.597   1.00 35.63 ? 505 ILE A CD1 1 
ATOM   620  N  N   . ILE A 1 81  ? -5.692  -4.393  7.863   1.00 20.29 ? 506 ILE A N   1 
ATOM   621  C  CA  . ILE A 1 81  ? -4.838  -5.566  7.953   1.00 21.25 ? 506 ILE A CA  1 
ATOM   622  C  C   . ILE A 1 81  ? -4.630  -5.997  9.394   1.00 25.59 ? 506 ILE A C   1 
ATOM   623  O  O   . ILE A 1 81  ? -4.706  -7.180  9.709   1.00 24.91 ? 506 ILE A O   1 
ATOM   624  C  CB  . ILE A 1 81  ? -3.493  -5.312  7.248   1.00 20.91 ? 506 ILE A CB  1 
ATOM   625  C  CG1 . ILE A 1 81  ? -3.743  -5.152  5.744   1.00 24.82 ? 506 ILE A CG1 1 
ATOM   626  C  CG2 . ILE A 1 81  ? -2.536  -6.446  7.506   1.00 20.13 ? 506 ILE A CG2 1 
ATOM   627  C  CD1 . ILE A 1 81  ? -2.523  -4.750  4.958   1.00 29.35 ? 506 ILE A CD1 1 
ATOM   628  N  N   . THR A 1 82  ? -4.383  -5.036  10.275  1.00 20.85 ? 79  THR A N   1 
ATOM   629  C  CA  . THR A 1 82  ? -4.211  -5.353  11.684  1.00 22.80 ? 79  THR A CA  1 
ATOM   630  C  C   . THR A 1 82  ? -5.486  -5.957  12.273  1.00 30.64 ? 79  THR A C   1 
ATOM   631  O  O   . THR A 1 82  ? -5.429  -6.906  13.063  1.00 30.09 ? 79  THR A O   1 
ATOM   632  C  CB  . THR A 1 82  ? -3.792  -4.112  12.483  1.00 22.38 ? 79  THR A CB  1 
ATOM   633  O  OG1 . THR A 1 82  ? -2.543  -3.626  11.973  1.00 28.39 ? 79  THR A OG1 1 
ATOM   634  C  CG2 . THR A 1 82  ? -3.627  -4.453  13.949  1.00 34.20 ? 79  THR A CG2 1 
ATOM   635  N  N   . GLN A 1 83  ? -6.639  -5.425  11.877  1.00 25.23 ? 80  GLN A N   1 
ATOM   636  C  CA  . GLN A 1 83  ? -7.906  -5.915  12.406  1.00 26.72 ? 80  GLN A CA  1 
ATOM   637  C  C   . GLN A 1 83  ? -8.186  -7.336  11.936  1.00 35.99 ? 80  GLN A C   1 
ATOM   638  O  O   . GLN A 1 83  ? -8.678  -8.159  12.709  1.00 32.83 ? 80  GLN A O   1 
ATOM   639  C  CB  . GLN A 1 83  ? -9.071  -4.996  12.029  1.00 29.25 ? 80  GLN A CB  1 
ATOM   640  C  CG  . GLN A 1 83  ? -10.390 -5.406  12.676  1.00 42.12 ? 80  GLN A CG  1 
ATOM   641  C  CD  . GLN A 1 83  ? -11.506 -4.402  12.446  1.00 52.58 ? 80  GLN A CD  1 
ATOM   642  O  OE1 . GLN A 1 83  ? -11.398 -3.513  11.601  1.00 52.40 ? 80  GLN A OE1 1 
ATOM   643  N  NE2 . GLN A 1 83  ? -12.588 -4.539  13.207  1.00 52.28 ? 80  GLN A NE2 1 
ATOM   644  N  N   . TRP A 1 84  ? -7.880  -7.632  10.675  1.00 28.28 ? 81  TRP A N   1 
ATOM   645  C  CA  . TRP A 1 84  ? -8.122  -8.978  10.166  1.00 25.12 ? 81  TRP A CA  1 
ATOM   646  C  C   . TRP A 1 84  ? -7.276  -10.008 10.905  1.00 31.82 ? 81  TRP A C   1 
ATOM   647  O  O   . TRP A 1 84  ? -7.790  -11.036 11.340  1.00 32.00 ? 81  TRP A O   1 
ATOM   648  C  CB  . TRP A 1 84  ? -7.881  -9.102  8.662   1.00 30.41 ? 81  TRP A CB  1 
ATOM   649  C  CG  . TRP A 1 84  ? -8.338  -10.446 8.157   1.00 34.16 ? 81  TRP A CG  1 
ATOM   650  C  CD1 . TRP A 1 84  ? -9.589  -10.773 7.720   1.00 38.79 ? 81  TRP A CD1 1 
ATOM   651  C  CD2 . TRP A 1 84  ? -7.559  -11.650 8.080   1.00 24.21 ? 81  TRP A CD2 1 
ATOM   652  N  NE1 . TRP A 1 84  ? -9.636  -12.100 7.361   1.00 37.90 ? 81  TRP A NE1 1 
ATOM   653  C  CE2 . TRP A 1 84  ? -8.404  -12.661 7.574   1.00 33.46 ? 81  TRP A CE2 1 
ATOM   654  C  CE3 . TRP A 1 84  ? -6.230  -11.967 8.378   1.00 28.24 ? 81  TRP A CE3 1 
ATOM   655  C  CZ2 . TRP A 1 84  ? -7.962  -13.967 7.359   1.00 32.95 ? 81  TRP A CZ2 1 
ATOM   656  C  CZ3 . TRP A 1 84  ? -5.793  -13.266 8.164   1.00 32.17 ? 81  TRP A CZ3 1 
ATOM   657  C  CH2 . TRP A 1 84  ? -6.658  -14.249 7.662   1.00 33.51 ? 81  TRP A CH2 1 
ATOM   658  N  N   . ILE A 1 85  ? -5.982  -9.740  11.035  1.00 24.39 ? 82  ILE A N   1 
ATOM   659  C  CA  . ILE A 1 85  ? -5.098  -10.671 11.729  1.00 24.21 ? 82  ILE A CA  1 
ATOM   660  C  C   . ILE A 1 85  ? -5.617  -10.918 13.141  1.00 37.58 ? 82  ILE A C   1 
ATOM   661  O  O   . ILE A 1 85  ? -5.612  -12.051 13.629  1.00 31.04 ? 82  ILE A O   1 
ATOM   662  C  CB  . ILE A 1 85  ? -3.654  -10.157 11.778  1.00 22.84 ? 82  ILE A CB  1 
ATOM   663  C  CG1 . ILE A 1 85  ? -3.082  -10.088 10.362  1.00 28.90 ? 82  ILE A CG1 1 
ATOM   664  C  CG2 . ILE A 1 85  ? -2.798  -11.055 12.658  1.00 31.75 ? 82  ILE A CG2 1 
ATOM   665  C  CD1 . ILE A 1 85  ? -1.743  -9.399  10.277  1.00 29.71 ? 82  ILE A CD1 1 
ATOM   666  N  N   . HIS A 1 86  ? -6.087  -9.855  13.784  1.00 33.10 ? 83  HIS A N   1 
ATOM   667  C  CA  . HIS A 1 86  ? -6.627  -9.955  15.136  1.00 38.93 ? 83  HIS A CA  1 
ATOM   668  C  C   . HIS A 1 86  ? -7.842  -10.877 15.175  1.00 41.19 ? 83  HIS A C   1 
ATOM   669  O  O   . HIS A 1 86  ? -7.895  -11.810 15.976  1.00 47.46 ? 83  HIS A O   1 
ATOM   670  C  CB  . HIS A 1 86  ? -6.999  -8.570  15.664  1.00 40.41 ? 83  HIS A CB  1 
ATOM   671  C  CG  . HIS A 1 86  ? -7.544  -8.578  17.057  1.00 48.92 ? 83  HIS A CG  1 
ATOM   672  N  ND1 . HIS A 1 86  ? -6.748  -8.770  18.168  1.00 47.84 ? 83  HIS A ND1 1 
ATOM   673  C  CD2 . HIS A 1 86  ? -8.805  -8.413  17.523  1.00 51.74 ? 83  HIS A CD2 1 
ATOM   674  C  CE1 . HIS A 1 86  ? -7.496  -8.725  19.255  1.00 50.22 ? 83  HIS A CE1 1 
ATOM   675  N  NE2 . HIS A 1 86  ? -8.748  -8.510  18.892  1.00 51.43 ? 83  HIS A NE2 1 
ATOM   676  N  N   . ASN A 1 87  ? -8.815  -10.614 14.311  1.00 32.61 ? 84  ASN A N   1 
ATOM   677  C  CA  . ASN A 1 87  ? -10.027 -11.426 14.261  1.00 39.98 ? 84  ASN A CA  1 
ATOM   678  C  C   . ASN A 1 87  ? -9.736  -12.864 13.838  1.00 48.88 ? 84  ASN A C   1 
ATOM   679  O  O   . ASN A 1 87  ? -10.544 -13.765 14.063  1.00 44.13 ? 84  ASN A O   1 
ATOM   680  C  CB  . ASN A 1 87  ? -11.072 -10.802 13.330  1.00 36.16 ? 84  ASN A CB  1 
ATOM   681  C  CG  . ASN A 1 87  ? -11.589 -9.471  13.843  1.00 41.81 ? 84  ASN A CG  1 
ATOM   682  O  OD1 . ASN A 1 87  ? -11.425 -9.137  15.017  1.00 52.85 ? 84  ASN A OD1 1 
ATOM   683  N  ND2 . ASN A 1 87  ? -12.224 -8.704  12.964  1.00 51.79 ? 84  ASN A ND2 1 
ATOM   684  N  N   . TRP A 1 88  ? -8.574  -13.068 13.227  1.00 40.50 ? 85  TRP A N   1 
ATOM   685  C  CA  . TRP A 1 88  ? -8.166  -14.385 12.755  1.00 42.58 ? 85  TRP A CA  1 
ATOM   686  C  C   . TRP A 1 88  ? -7.491  -15.185 13.867  1.00 36.99 ? 85  TRP A C   1 
ATOM   687  O  O   . TRP A 1 88  ? -7.829  -16.347 14.095  1.00 44.61 ? 85  TRP A O   1 
ATOM   688  C  CB  . TRP A 1 88  ? -7.231  -14.244 11.550  1.00 29.14 ? 85  TRP A CB  1 
ATOM   689  C  CG  . TRP A 1 88  ? -6.759  -15.542 10.971  1.00 24.01 ? 85  TRP A CG  1 
ATOM   690  C  CD1 . TRP A 1 88  ? -7.528  -16.618 10.621  1.00 30.27 ? 85  TRP A CD1 1 
ATOM   691  C  CD2 . TRP A 1 88  ? -5.408  -15.887 10.639  1.00 24.59 ? 85  TRP A CD2 1 
ATOM   692  N  NE1 . TRP A 1 88  ? -6.734  -17.617 10.104  1.00 28.81 ? 85  TRP A NE1 1 
ATOM   693  C  CE2 . TRP A 1 88  ? -5.429  -17.193 10.104  1.00 31.91 ? 85  TRP A CE2 1 
ATOM   694  C  CE3 . TRP A 1 88  ? -4.181  -15.222 10.748  1.00 26.76 ? 85  TRP A CE3 1 
ATOM   695  C  CZ2 . TRP A 1 88  ? -4.272  -17.845 9.680   1.00 28.64 ? 85  TRP A CZ2 1 
ATOM   696  C  CZ3 . TRP A 1 88  ? -3.034  -15.870 10.325  1.00 31.17 ? 85  TRP A CZ3 1 
ATOM   697  C  CH2 . TRP A 1 88  ? -3.087  -17.169 9.797   1.00 28.38 ? 85  TRP A CH2 1 
ATOM   698  N  N   . LYS A 1 89  ? -6.538  -14.559 14.554  1.00 39.67 ? 86  LYS A N   1 
ATOM   699  C  CA  . LYS A 1 89  ? -5.830  -15.206 15.656  1.00 38.61 ? 86  LYS A CA  1 
ATOM   700  C  C   . LYS A 1 89  ? -6.641  -15.138 16.947  1.00 47.99 ? 86  LYS A C   1 
ATOM   701  O  O   . LYS A 1 89  ? -7.873  -15.194 16.922  1.00 58.17 ? 86  LYS A O   1 
ATOM   702  C  CB  . LYS A 1 89  ? -4.451  -14.572 15.864  1.00 36.83 ? 86  LYS A CB  1 
ATOM   703  C  CG  . LYS A 1 89  ? -3.501  -14.745 14.688  1.00 44.53 ? 86  LYS A CG  1 
ATOM   704  C  CD  . LYS A 1 89  ? -2.201  -13.976 14.895  1.00 34.22 ? 86  LYS A CD  1 
ATOM   705  C  CE  . LYS A 1 89  ? -1.417  -14.516 16.079  1.00 46.01 ? 86  LYS A CE  1 
ATOM   706  N  NZ  . LYS A 1 89  ? -0.212  -13.687 16.358  1.00 51.79 ? 86  LYS A NZ  1 
ATOM   707  N  N   . LYS A 1 102 ? -17.413 -1.686  4.006   1.00 44.31 ? 99  LYS A N   1 
ATOM   708  C  CA  . LYS A 1 102 ? -16.741 -0.737  3.123   1.00 44.46 ? 99  LYS A CA  1 
ATOM   709  C  C   . LYS A 1 102 ? -15.605 -1.412  2.355   1.00 33.14 ? 99  LYS A C   1 
ATOM   710  O  O   . LYS A 1 102 ? -14.768 -2.097  2.946   1.00 32.94 ? 99  LYS A O   1 
ATOM   711  C  CB  . LYS A 1 102 ? -16.216 0.460   3.927   1.00 35.50 ? 99  LYS A CB  1 
ATOM   712  C  CG  . LYS A 1 102 ? -15.551 1.540   3.082   1.00 44.01 ? 99  LYS A CG  1 
ATOM   713  C  CD  . LYS A 1 102 ? -15.313 2.827   3.875   1.00 46.70 ? 99  LYS A CD  1 
ATOM   714  C  CE  . LYS A 1 102 ? -14.249 2.653   4.950   1.00 40.29 ? 99  LYS A CE  1 
ATOM   715  N  NZ  . LYS A 1 102 ? -13.813 3.961   5.540   1.00 32.89 ? 99  LYS A NZ  1 
ATOM   716  N  N   . ASN A 1 103 ? -15.593 -1.230  1.036   1.00 29.34 ? 100 ASN A N   1 
ATOM   717  C  CA  . ASN A 1 103 ? -14.527 -1.766  0.186   1.00 24.45 ? 100 ASN A CA  1 
ATOM   718  C  C   . ASN A 1 103 ? -14.313 -3.259  0.402   1.00 29.19 ? 100 ASN A C   1 
ATOM   719  O  O   . ASN A 1 103 ? -13.177 -3.736  0.442   1.00 26.87 ? 100 ASN A O   1 
ATOM   720  C  CB  . ASN A 1 103 ? -13.217 -1.017  0.440   1.00 27.93 ? 100 ASN A CB  1 
ATOM   721  C  CG  . ASN A 1 103 ? -13.349 0.472   0.213   1.00 30.44 ? 100 ASN A CG  1 
ATOM   722  O  OD1 . ASN A 1 103 ? -14.112 0.912   -0.647  1.00 34.44 ? 100 ASN A OD1 1 
ATOM   723  N  ND2 . ASN A 1 103 ? -12.614 1.260   0.988   1.00 30.18 ? 100 ASN A ND2 1 
ATOM   724  N  N   . VAL A 1 104 ? -15.410 -3.995  0.543   1.00 33.14 ? 101 VAL A N   1 
ATOM   725  C  CA  . VAL A 1 104 ? -15.344 -5.409  0.907   1.00 34.23 ? 101 VAL A CA  1 
ATOM   726  C  C   . VAL A 1 104 ? -14.521 -6.255  -0.063  1.00 29.84 ? 101 VAL A C   1 
ATOM   727  O  O   . VAL A 1 104 ? -13.739 -7.102  0.358   1.00 31.82 ? 101 VAL A O   1 
ATOM   728  C  CB  . VAL A 1 104 ? -16.754 -6.027  1.032   1.00 40.75 ? 101 VAL A CB  1 
ATOM   729  C  CG1 . VAL A 1 104 ? -16.659 -7.498  1.418   1.00 42.86 ? 101 VAL A CG1 1 
ATOM   730  C  CG2 . VAL A 1 104 ? -17.578 -5.255  2.051   1.00 44.11 ? 101 VAL A CG2 1 
ATOM   731  N  N   . ASP A 1 105 ? -14.702 -6.041  -1.364  1.00 29.10 ? 102 ASP A N   1 
ATOM   732  C  CA  . ASP A 1 105 ? -14.017 -6.856  -2.370  1.00 31.22 ? 102 ASP A CA  1 
ATOM   733  C  C   . ASP A 1 105 ? -12.512 -6.624  -2.346  1.00 32.11 ? 102 ASP A C   1 
ATOM   734  O  O   . ASP A 1 105 ? -11.724 -7.567  -2.425  1.00 34.69 ? 102 ASP A O   1 
ATOM   735  C  CB  . ASP A 1 105 ? -14.569 -6.594  -3.773  1.00 38.46 ? 102 ASP A CB  1 
ATOM   736  C  CG  . ASP A 1 105 ? -15.960 -7.123  -3.945  1.00 40.69 ? 102 ASP A CG  1 
ATOM   737  O  OD1 . ASP A 1 105 ? -16.363 -8.014  -3.154  1.00 52.60 ? 102 ASP A OD1 1 
ATOM   738  O  OD2 . ASP A 1 105 ? -16.652 -6.654  -4.868  1.00 59.32 ? 102 ASP A OD2 1 
ATOM   739  N  N   . LEU A 1 106 ? -12.121 -5.362  -2.238  1.00 30.25 ? 517 LEU A N   1 
ATOM   740  C  CA  . LEU A 1 106 ? -10.712 -5.014  -2.236  1.00 30.85 ? 517 LEU A CA  1 
ATOM   741  C  C   . LEU A 1 106 ? -10.045 -5.580  -0.997  1.00 26.38 ? 517 LEU A C   1 
ATOM   742  O  O   . LEU A 1 106 ? -8.929  -6.097  -1.062  1.00 27.13 ? 517 LEU A O   1 
ATOM   743  C  CB  . LEU A 1 106 ? -10.528 -3.500  -2.277  1.00 35.92 ? 517 LEU A CB  1 
ATOM   744  C  CG  . LEU A 1 106 ? -9.950  -2.934  -3.572  1.00 49.17 ? 517 LEU A CG  1 
ATOM   745  C  CD1 . LEU A 1 106 ? -9.818  -1.423  -3.455  1.00 36.85 ? 517 LEU A CD1 1 
ATOM   746  C  CD2 . LEU A 1 106 ? -8.609  -3.588  -3.895  1.00 35.58 ? 517 LEU A CD2 1 
ATOM   747  N  N   . VAL A 1 107 ? -10.730 -5.480  0.137   1.00 22.45 ? 518 VAL A N   1 
ATOM   748  C  CA  . VAL A 1 107 ? -10.190 -5.998  1.388   1.00 23.27 ? 518 VAL A CA  1 
ATOM   749  C  C   . VAL A 1 107 ? -9.981  -7.506  1.302   1.00 23.36 ? 518 VAL A C   1 
ATOM   750  O  O   . VAL A 1 107 ? -8.948  -8.022  1.710   1.00 22.68 ? 518 VAL A O   1 
ATOM   751  C  CB  . VAL A 1 107 ? -11.100 -5.646  2.583   1.00 22.62 ? 518 VAL A CB  1 
ATOM   752  C  CG1 . VAL A 1 107 ? -10.675 -6.411  3.819   1.00 24.67 ? 518 VAL A CG1 1 
ATOM   753  C  CG2 . VAL A 1 107 ? -11.092 -4.137  2.828   1.00 27.07 ? 518 VAL A CG2 1 
ATOM   754  N  N   . ASN A 1 108 ? -10.964 -8.213  0.754   1.00 24.58 ? 519 ASN A N   1 
ATOM   755  C  CA  . ASN A 1 108 ? -10.838 -9.658  0.571   1.00 26.71 ? 519 ASN A CA  1 
ATOM   756  C  C   . ASN A 1 108 ? -9.656  -10.028 -0.321  1.00 27.45 ? 519 ASN A C   1 
ATOM   757  O  O   . ASN A 1 108 ? -8.940  -10.991 -0.045  1.00 25.87 ? 519 ASN A O   1 
ATOM   758  C  CB  . ASN A 1 108 ? -12.137 -10.255 0.015   1.00 31.32 ? 519 ASN A CB  1 
ATOM   759  C  CG  . ASN A 1 108 ? -13.228 -10.366 1.067   1.00 38.70 ? 519 ASN A CG  1 
ATOM   760  O  OD1 . ASN A 1 108 ? -12.948 -10.482 2.262   1.00 44.91 ? 519 ASN A OD1 1 
ATOM   761  N  ND2 . ASN A 1 108 ? -14.480 -10.342 0.623   1.00 44.76 ? 519 ASN A ND2 1 
ATOM   762  N  N   . GLN A 1 109 ? -9.446  -9.260  -1.385  1.00 25.08 ? 520 GLN A N   1 
ATOM   763  C  CA  . GLN A 1 109 ? -8.322  -9.512  -2.282  1.00 29.25 ? 520 GLN A CA  1 
ATOM   764  C  C   . GLN A 1 109 ? -6.993  -9.325  -1.557  1.00 24.01 ? 520 GLN A C   1 
ATOM   765  O  O   . GLN A 1 109 ? -6.071  -10.119 -1.725  1.00 23.46 ? 520 GLN A O   1 
ATOM   766  C  CB  . GLN A 1 109 ? -8.400  -8.617  -3.520  1.00 33.68 ? 520 GLN A CB  1 
ATOM   767  C  CG  . GLN A 1 109 ? -9.604  -8.905  -4.407  1.00 32.42 ? 520 GLN A CG  1 
ATOM   768  C  CD  . GLN A 1 109 ? -9.801  -7.857  -5.484  1.00 42.04 ? 520 GLN A CD  1 
ATOM   769  O  OE1 . GLN A 1 109 ? -8.931  -7.018  -5.720  1.00 51.80 ? 520 GLN A OE1 1 
ATOM   770  N  NE2 . GLN A 1 109 ? -10.954 -7.897  -6.142  1.00 54.70 ? 520 GLN A NE2 1 
ATOM   771  N  N   . ILE A 1 110 ? -6.902  -8.284  -0.736  1.00 21.52 ? 521 ILE A N   1 
ATOM   772  C  CA  . ILE A 1 110 ? -5.691  -8.054  0.046   1.00 20.12 ? 521 ILE A CA  1 
ATOM   773  C  C   . ILE A 1 110 ? -5.434  -9.200  1.017   1.00 20.75 ? 521 ILE A C   1 
ATOM   774  O  O   . ILE A 1 110 ? -4.319  -9.712  1.103   1.00 19.98 ? 521 ILE A O   1 
ATOM   775  C  CB  . ILE A 1 110 ? -5.759  -6.724  0.805   1.00 22.11 ? 521 ILE A CB  1 
ATOM   776  C  CG1 . ILE A 1 110 ? -5.652  -5.556  -0.184  1.00 23.92 ? 521 ILE A CG1 1 
ATOM   777  C  CG2 . ILE A 1 110 ? -4.667  -6.659  1.879   1.00 21.01 ? 521 ILE A CG2 1 
ATOM   778  C  CD1 . ILE A 1 110 ? -5.875  -4.200  0.448   1.00 30.45 ? 521 ILE A CD1 1 
ATOM   779  N  N   . ILE A 1 111 ? -6.462  -9.614  1.748   1.00 20.66 ? 522 ILE A N   1 
ATOM   780  C  CA  . ILE A 1 111 ? -6.289  -10.707 2.703   1.00 21.57 ? 522 ILE A CA  1 
ATOM   781  C  C   . ILE A 1 111 ? -5.876  -12.009 2.008   1.00 22.49 ? 522 ILE A C   1 
ATOM   782  O  O   . ILE A 1 111 ? -5.048  -12.760 2.520   1.00 25.05 ? 522 ILE A O   1 
ATOM   783  C  CB  . ILE A 1 111 ? -7.566  -10.937 3.532   1.00 26.71 ? 522 ILE A CB  1 
ATOM   784  C  CG1 . ILE A 1 111 ? -7.901  -9.685  4.341   1.00 23.61 ? 522 ILE A CG1 1 
ATOM   785  C  CG2 . ILE A 1 111 ? -7.391  -12.129 4.448   1.00 28.20 ? 522 ILE A CG2 1 
ATOM   786  C  CD1 . ILE A 1 111 ? -6.772  -9.209  5.232   1.00 27.01 ? 522 ILE A CD1 1 
ATOM   787  N  N   . GLU A 1 112 ? -6.459  -12.259 0.839   1.00 22.13 ? 523 GLU A N   1 
ATOM   788  C  CA  . GLU A 1 112 ? -6.093  -13.400 0.004   1.00 25.37 ? 523 GLU A CA  1 
ATOM   789  C  C   . GLU A 1 112 ? -4.591  -13.428 -0.295  1.00 24.70 ? 523 GLU A C   1 
ATOM   790  O  O   . GLU A 1 112 ? -3.964  -14.486 -0.278  1.00 28.22 ? 523 GLU A O   1 
ATOM   791  C  CB  . GLU A 1 112 ? -6.890  -13.358 -1.307  1.00 30.89 ? 523 GLU A CB  1 
ATOM   792  C  CG  . GLU A 1 112 ? -6.521  -14.437 -2.314  1.00 46.95 ? 523 GLU A CG  1 
ATOM   793  C  CD  . GLU A 1 112 ? -7.302  -14.317 -3.616  1.00 56.00 ? 523 GLU A CD  1 
ATOM   794  O  OE1 . GLU A 1 112 ? -6.919  -14.977 -4.606  1.00 62.45 ? 523 GLU A OE1 1 
ATOM   795  O  OE2 . GLU A 1 112 ? -8.301  -13.565 -3.649  1.00 55.75 ? 523 GLU A OE2 1 
ATOM   796  N  N   . GLN A 1 113 ? -4.015  -12.263 -0.572  1.00 20.16 ? 524 GLN A N   1 
ATOM   797  C  CA  . GLN A 1 113 ? -2.589  -12.174 -0.871  1.00 21.30 ? 524 GLN A CA  1 
ATOM   798  C  C   . GLN A 1 113 ? -1.746  -12.224 0.395   1.00 24.76 ? 524 GLN A C   1 
ATOM   799  O  O   . GLN A 1 113 ? -0.678  -12.831 0.422   1.00 23.90 ? 524 GLN A O   1 
ATOM   800  C  CB  . GLN A 1 113 ? -2.293  -10.877 -1.619  1.00 22.27 ? 524 GLN A CB  1 
ATOM   801  C  CG  . GLN A 1 113 ? -2.821  -10.851 -3.038  1.00 28.43 ? 524 GLN A CG  1 
ATOM   802  C  CD  . GLN A 1 113 ? -2.125  -11.866 -3.927  1.00 34.92 ? 524 GLN A CD  1 
ATOM   803  O  OE1 . GLN A 1 113 ? -0.921  -12.093 -3.806  1.00 32.01 ? 524 GLN A OE1 1 
ATOM   804  N  NE2 . GLN A 1 113 ? -2.885  -12.488 -4.823  1.00 43.18 ? 524 GLN A NE2 1 
ATOM   805  N  N   . LEU A 1 114 ? -2.229  -11.567 1.442   1.00 19.90 ? 525 LEU A N   1 
ATOM   806  C  CA  . LEU A 1 114 ? -1.517  -11.514 2.704   1.00 21.98 ? 525 LEU A CA  1 
ATOM   807  C  C   . LEU A 1 114 ? -1.253  -12.905 3.265   1.00 24.62 ? 525 LEU A C   1 
ATOM   808  O  O   . LEU A 1 114 ? -0.148  -13.200 3.724   1.00 22.28 ? 525 LEU A O   1 
ATOM   809  C  CB  . LEU A 1 114 ? -2.325  -10.702 3.713   1.00 24.04 ? 525 LEU A CB  1 
ATOM   810  C  CG  . LEU A 1 114 ? -1.570  -10.316 4.979   1.00 30.72 ? 525 LEU A CG  1 
ATOM   811  C  CD1 . LEU A 1 114 ? -0.581  -9.196  4.659   1.00 27.45 ? 525 LEU A CD1 1 
ATOM   812  C  CD2 . LEU A 1 114 ? -2.550  -9.894  6.065   1.00 31.55 ? 525 LEU A CD2 1 
ATOM   813  N  N   . ILE A 1 115 ? -2.270  -13.761 3.234   1.00 23.50 ? 526 ILE A N   1 
ATOM   814  C  CA  . ILE A 1 115 ? -2.142  -15.087 3.830   1.00 25.18 ? 526 ILE A CA  1 
ATOM   815  C  C   . ILE A 1 115 ? -1.146  -15.992 3.090   1.00 23.72 ? 526 ILE A C   1 
ATOM   816  O  O   . ILE A 1 115 ? -0.723  -17.017 3.626   1.00 25.57 ? 526 ILE A O   1 
ATOM   817  C  CB  . ILE A 1 115 ? -3.508  -15.790 3.978   1.00 27.35 ? 526 ILE A CB  1 
ATOM   818  C  CG1 . ILE A 1 115 ? -4.184  -15.946 2.619   1.00 29.61 ? 526 ILE A CG1 1 
ATOM   819  C  CG2 . ILE A 1 115 ? -4.401  -15.020 4.942   1.00 32.87 ? 526 ILE A CG2 1 
ATOM   820  C  CD1 . ILE A 1 115 ? -5.534  -16.634 2.685   1.00 40.92 ? 526 ILE A CD1 1 
ATOM   821  N  N   . LYS A 1 116 ? -0.759  -15.607 1.876   1.00 20.93 ? 527 LYS A N   1 
ATOM   822  C  CA  . LYS A 1 116 ? 0.254   -16.361 1.134   1.00 21.72 ? 527 LYS A CA  1 
ATOM   823  C  C   . LYS A 1 116 ? 1.694   -15.994 1.511   1.00 25.33 ? 527 LYS A C   1 
ATOM   824  O  O   . LYS A 1 116 ? 2.637   -16.657 1.082   1.00 30.25 ? 527 LYS A O   1 
ATOM   825  C  CB  . LYS A 1 116 ? 0.072   -16.177 -0.369  1.00 21.66 ? 527 LYS A CB  1 
ATOM   826  C  CG  . LYS A 1 116 ? -1.214  -16.767 -0.917  1.00 27.41 ? 527 LYS A CG  1 
ATOM   827  C  CD  . LYS A 1 116 ? -1.168  -16.845 -2.437  1.00 33.01 ? 527 LYS A CD  1 
ATOM   828  C  CE  . LYS A 1 116 ? -2.319  -16.086 -3.070  1.00 43.16 ? 527 LYS A CE  1 
ATOM   829  N  NZ  . LYS A 1 116 ? -2.203  -16.062 -4.555  1.00 51.56 ? 527 LYS A NZ  1 
ATOM   830  N  N   . LYS A 1 117 ? 1.871   -14.939 2.301   1.00 17.95 ? 528 LYS A N   1 
ATOM   831  C  CA  . LYS A 1 117 ? 3.217   -14.514 2.672   1.00 18.07 ? 528 LYS A CA  1 
ATOM   832  C  C   . LYS A 1 117 ? 3.800   -15.295 3.845   1.00 16.94 ? 528 LYS A C   1 
ATOM   833  O  O   . LYS A 1 117 ? 3.073   -15.745 4.728   1.00 19.31 ? 528 LYS A O   1 
ATOM   834  C  CB  . LYS A 1 117 ? 3.231   -13.026 3.025   1.00 18.52 ? 528 LYS A CB  1 
ATOM   835  C  CG  . LYS A 1 117 ? 2.824   -12.108 1.887   1.00 18.61 ? 528 LYS A CG  1 
ATOM   836  C  CD  . LYS A 1 117 ? 3.722   -12.294 0.670   1.00 18.88 ? 528 LYS A CD  1 
ATOM   837  C  CE  . LYS A 1 117 ? 3.405   -11.250 -0.392  1.00 18.86 ? 528 LYS A CE  1 
ATOM   838  N  NZ  . LYS A 1 117 ? 4.173   -11.480 -1.655  1.00 18.17 ? 528 LYS A NZ  1 
ATOM   839  N  N   . GLU A 1 118 ? 5.119   -15.433 3.851   1.00 16.13 ? 529 GLU A N   1 
ATOM   840  C  CA  . GLU A 1 118 ? 5.806   -16.031 4.984   1.00 16.36 ? 529 GLU A CA  1 
ATOM   841  C  C   . GLU A 1 118 ? 6.036   -15.018 6.105   1.00 21.58 ? 529 GLU A C   1 
ATOM   842  O  O   . GLU A 1 118 ? 5.823   -15.332 7.277   1.00 19.88 ? 529 GLU A O   1 
ATOM   843  C  CB  . GLU A 1 118 ? 7.126   -16.660 4.545   1.00 20.47 ? 529 GLU A CB  1 
ATOM   844  C  CG  . GLU A 1 118 ? 6.943   -17.874 3.646   1.00 19.33 ? 529 GLU A CG  1 
ATOM   845  C  CD  . GLU A 1 118 ? 6.463   -19.106 4.405   1.00 23.03 ? 529 GLU A CD  1 
ATOM   846  O  OE1 . GLU A 1 118 ? 5.644   -19.874 3.860   1.00 22.36 ? 529 GLU A OE1 1 
ATOM   847  O  OE2 . GLU A 1 118 ? 6.915   -19.316 5.550   1.00 24.78 ? 529 GLU A OE2 1 
ATOM   848  N  N   . LYS A 1 119 ? 6.458   -13.807 5.736   1.00 18.61 ? 530 LYS A N   1 
ATOM   849  C  CA  . LYS A 1 119 ? 6.676   -12.727 6.697   1.00 18.08 ? 530 LYS A CA  1 
ATOM   850  C  C   . LYS A 1 119 ? 6.244   -11.397 6.100   1.00 18.48 ? 530 LYS A C   1 
ATOM   851  O  O   . LYS A 1 119 ? 6.527   -11.114 4.929   1.00 17.58 ? 530 LYS A O   1 
ATOM   852  C  CB  . LYS A 1 119 ? 8.153   -12.623 7.062   1.00 20.20 ? 530 LYS A CB  1 
ATOM   853  C  CG  . LYS A 1 119 ? 8.696   -13.701 7.973   1.00 22.95 ? 530 LYS A CG  1 
ATOM   854  C  CD  . LYS A 1 119 ? 10.148  -13.381 8.299   1.00 24.35 ? 530 LYS A CD  1 
ATOM   855  C  CE  . LYS A 1 119 ? 10.666  -14.182 9.468   1.00 38.87 ? 530 LYS A CE  1 
ATOM   856  N  NZ  . LYS A 1 119 ? 12.019  -13.691 9.853   1.00 30.80 ? 530 LYS A NZ  1 
ATOM   857  N  N   . VAL A 1 120 ? 5.602   -10.565 6.915   1.00 15.73 ? 531 VAL A N   1 
ATOM   858  C  CA  . VAL A 1 120 ? 5.196   -9.230  6.486   1.00 16.06 ? 531 VAL A CA  1 
ATOM   859  C  C   . VAL A 1 120 ? 5.471   -8.240  7.603   1.00 17.09 ? 531 VAL A C   1 
ATOM   860  O  O   . VAL A 1 120 ? 5.098   -8.476  8.747   1.00 16.52 ? 531 VAL A O   1 
ATOM   861  C  CB  . VAL A 1 120 ? 3.689   -9.163  6.139   1.00 16.93 ? 531 VAL A CB  1 
ATOM   862  C  CG1 . VAL A 1 120 ? 3.283   -7.749  5.744   1.00 19.97 ? 531 VAL A CG1 1 
ATOM   863  C  CG2 . VAL A 1 120 ? 3.356   -10.149 5.028   1.00 19.58 ? 531 VAL A CG2 1 
ATOM   864  N  N   . TYR A 1 121 ? 6.147   -7.148  7.257   1.00 14.94 ? 532 TYR A N   1 
ATOM   865  C  CA  . TYR A 1 121 ? 6.290   -6.006  8.144   1.00 15.01 ? 532 TYR A CA  1 
ATOM   866  C  C   . TYR A 1 121 ? 5.533   -4.863  7.489   1.00 14.04 ? 532 TYR A C   1 
ATOM   867  O  O   . TYR A 1 121 ? 5.742   -4.584  6.313   1.00 16.16 ? 532 TYR A O   1 
ATOM   868  C  CB  . TYR A 1 121 ? 7.764   -5.623  8.297   1.00 16.40 ? 532 TYR A CB  1 
ATOM   869  C  CG  . TYR A 1 121 ? 7.983   -4.282  8.969   1.00 15.27 ? 532 TYR A CG  1 
ATOM   870  C  CD1 . TYR A 1 121 ? 7.848   -4.142  10.342  1.00 17.20 ? 532 TYR A CD1 1 
ATOM   871  C  CD2 . TYR A 1 121 ? 8.313   -3.155  8.223   1.00 17.22 ? 532 TYR A CD2 1 
ATOM   872  C  CE1 . TYR A 1 121 ? 8.047   -2.921  10.962  1.00 16.92 ? 532 TYR A CE1 1 
ATOM   873  C  CE2 . TYR A 1 121 ? 8.514   -1.923  8.836   1.00 18.82 ? 532 TYR A CE2 1 
ATOM   874  C  CZ  . TYR A 1 121 ? 8.383   -1.818  10.201  1.00 15.47 ? 532 TYR A CZ  1 
ATOM   875  O  OH  . TYR A 1 121 ? 8.585   -0.596  10.815  1.00 20.22 ? 532 TYR A OH  1 
ATOM   876  N  N   . LEU A 1 122 ? 4.670   -4.203  8.248   1.00 16.01 ? 533 LEU A N   1 
ATOM   877  C  CA  . LEU A 1 122 ? 3.861   -3.116  7.716   1.00 17.47 ? 533 LEU A CA  1 
ATOM   878  C  C   . LEU A 1 122 ? 3.952   -1.928  8.664   1.00 23.14 ? 533 LEU A C   1 
ATOM   879  O  O   . LEU A 1 122 ? 3.516   -2.013  9.814   1.00 32.08 ? 533 LEU A O   1 
ATOM   880  C  CB  . LEU A 1 122 ? 2.405   -3.583  7.561   1.00 23.64 ? 533 LEU A CB  1 
ATOM   881  C  CG  . LEU A 1 122 ? 1.345   -2.619  7.029   1.00 24.95 ? 533 LEU A CG  1 
ATOM   882  C  CD1 . LEU A 1 122 ? 1.675   -2.143  5.624   1.00 23.73 ? 533 LEU A CD1 1 
ATOM   883  C  CD2 . LEU A 1 122 ? -0.021  -3.288  7.051   1.00 33.04 ? 533 LEU A CD2 1 
ATOM   884  N  N   . ALA A 1 123 ? 4.526   -0.827  8.184   1.00 19.68 ? 534 ALA A N   1 
ATOM   885  C  CA  . ALA A 1 123 ? 4.750   0.355   9.008   1.00 21.55 ? 534 ALA A CA  1 
ATOM   886  C  C   . ALA A 1 123 ? 4.009   1.545   8.432   1.00 18.98 ? 534 ALA A C   1 
ATOM   887  O  O   . ALA A 1 123 ? 3.866   1.646   7.218   1.00 16.79 ? 534 ALA A O   1 
ATOM   888  C  CB  . ALA A 1 123 ? 6.233   0.657   9.092   1.00 26.79 ? 534 ALA A CB  1 
ATOM   889  N  N   . TRP A 1 124 ? 3.552   2.433   9.312   1.00 18.58 ? 535 TRP A N   1 
ATOM   890  C  CA  . TRP A 1 124 ? 2.931   3.694   8.916   1.00 18.34 ? 535 TRP A CA  1 
ATOM   891  C  C   . TRP A 1 124 ? 3.899   4.853   9.091   1.00 17.22 ? 535 TRP A C   1 
ATOM   892  O  O   . TRP A 1 124 ? 4.630   4.930   10.091  1.00 18.60 ? 535 TRP A O   1 
ATOM   893  C  CB  . TRP A 1 124 ? 1.652   3.957   9.724   1.00 19.05 ? 535 TRP A CB  1 
ATOM   894  C  CG  . TRP A 1 124 ? 1.034   5.320   9.477   1.00 17.60 ? 535 TRP A CG  1 
ATOM   895  C  CD1 . TRP A 1 124 ? 0.128   5.653   8.510   1.00 18.13 ? 535 TRP A CD1 1 
ATOM   896  C  CD2 . TRP A 1 124 ? 1.293   6.525   10.214  1.00 18.27 ? 535 TRP A CD2 1 
ATOM   897  N  NE1 . TRP A 1 124 ? -0.185  6.990   8.596   1.00 19.05 ? 535 TRP A NE1 1 
ATOM   898  C  CE2 . TRP A 1 124 ? 0.510   7.546   9.637   1.00 18.79 ? 535 TRP A CE2 1 
ATOM   899  C  CE3 . TRP A 1 124 ? 2.110   6.838   11.306  1.00 22.49 ? 535 TRP A CE3 1 
ATOM   900  C  CZ2 . TRP A 1 124 ? 0.520   8.853   10.115  1.00 21.89 ? 535 TRP A CZ2 1 
ATOM   901  C  CZ3 . TRP A 1 124 ? 2.118   8.141   11.776  1.00 24.60 ? 535 TRP A CZ3 1 
ATOM   902  C  CH2 . TRP A 1 124 ? 1.329   9.130   11.182  1.00 23.43 ? 535 TRP A CH2 1 
ATOM   903  N  N   . VAL A 1 125 ? 3.918   5.744   8.105   1.00 16.53 ? 536 VAL A N   1 
ATOM   904  C  CA  . VAL A 1 125 ? 4.613   7.020   8.219   1.00 18.32 ? 536 VAL A CA  1 
ATOM   905  C  C   . VAL A 1 125 ? 3.655   8.116   7.778   1.00 18.00 ? 536 VAL A C   1 
ATOM   906  O  O   . VAL A 1 125 ? 2.773   7.869   6.960   1.00 17.92 ? 536 VAL A O   1 
ATOM   907  C  CB  . VAL A 1 125 ? 5.897   7.087   7.352   1.00 18.53 ? 536 VAL A CB  1 
ATOM   908  C  CG1 . VAL A 1 125 ? 6.902   6.030   7.802   1.00 22.95 ? 536 VAL A CG1 1 
ATOM   909  C  CG2 . VAL A 1 125 ? 5.569   6.931   5.866   1.00 19.30 ? 536 VAL A CG2 1 
ATOM   910  N  N   . PRO A 1 126 ? 3.818   9.334   8.312   1.00 16.96 ? 537 PRO A N   1 
ATOM   911  C  CA  . PRO A 1 126 ? 2.954   10.447  7.909   1.00 19.41 ? 537 PRO A CA  1 
ATOM   912  C  C   . PRO A 1 126 ? 3.192   10.917  6.473   1.00 18.31 ? 537 PRO A C   1 
ATOM   913  O  O   . PRO A 1 126 ? 4.336   11.034  6.034   1.00 18.71 ? 537 PRO A O   1 
ATOM   914  C  CB  . PRO A 1 126 ? 3.336   11.562  8.896   1.00 22.23 ? 537 PRO A CB  1 
ATOM   915  C  CG  . PRO A 1 126 ? 4.715   11.218  9.341   1.00 25.44 ? 537 PRO A CG  1 
ATOM   916  C  CD  . PRO A 1 126 ? 4.760   9.716   9.381   1.00 20.08 ? 537 PRO A CD  1 
ATOM   917  N  N   . ALA A 1 127 ? 2.104   11.208  5.764   1.00 21.26 ? 538 ALA A N   1 
ATOM   918  C  CA  . ALA A 1 127 ? 2.189   11.780  4.423   1.00 21.69 ? 538 ALA A CA  1 
ATOM   919  C  C   . ALA A 1 127 ? 2.757   13.196  4.460   1.00 19.14 ? 538 ALA A C   1 
ATOM   920  O  O   . ALA A 1 127 ? 2.552   13.937  5.427   1.00 22.73 ? 538 ALA A O   1 
ATOM   921  C  CB  . ALA A 1 127 ? 0.820   11.792  3.762   1.00 18.73 ? 538 ALA A CB  1 
ATOM   922  N  N   . HIS A 1 128 ? 3.472   13.558  3.398   1.00 19.58 ? 539 HIS A N   1 
ATOM   923  C  CA  . HIS A 1 128 ? 3.990   14.909  3.218   1.00 17.87 ? 539 HIS A CA  1 
ATOM   924  C  C   . HIS A 1 128 ? 4.793   15.417  4.409   1.00 25.61 ? 539 HIS A C   1 
ATOM   925  O  O   . HIS A 1 128 ? 4.633   16.554  4.857   1.00 23.73 ? 539 HIS A O   1 
ATOM   926  C  CB  . HIS A 1 128 ? 2.860   15.852  2.812   1.00 21.56 ? 539 HIS A CB  1 
ATOM   927  C  CG  . HIS A 1 128 ? 2.215   15.444  1.528   1.00 21.44 ? 539 HIS A CG  1 
ATOM   928  N  ND1 . HIS A 1 128 ? 2.816   15.643  0.305   1.00 23.00 ? 539 HIS A ND1 1 
ATOM   929  C  CD2 . HIS A 1 128 ? 1.072   14.763  1.283   1.00 22.00 ? 539 HIS A CD2 1 
ATOM   930  C  CE1 . HIS A 1 128 ? 2.047   15.140  -0.645  1.00 18.88 ? 539 HIS A CE1 1 
ATOM   931  N  NE2 . HIS A 1 128 ? 0.987   14.595  -0.077  1.00 19.64 ? 539 HIS A NE2 1 
ATOM   932  N  N   . LYS A 1 129 ? 5.680   14.555  4.894   1.00 22.64 ? 540 LYS A N   1 
ATOM   933  C  CA  . LYS A 1 129 ? 6.594   14.900  5.977   1.00 27.80 ? 540 LYS A CA  1 
ATOM   934  C  C   . LYS A 1 129 ? 8.048   14.688  5.554   1.00 27.53 ? 540 LYS A C   1 
ATOM   935  O  O   . LYS A 1 129 ? 8.938   14.554  6.401   1.00 31.28 ? 540 LYS A O   1 
ATOM   936  C  CB  . LYS A 1 129 ? 6.282   14.084  7.234   1.00 24.75 ? 540 LYS A CB  1 
ATOM   937  C  CG  . LYS A 1 129 ? 4.993   14.480  7.932   1.00 34.86 ? 540 LYS A CG  1 
ATOM   938  C  CD  . LYS A 1 129 ? 4.944   15.975  8.199   1.00 45.36 ? 540 LYS A CD  1 
ATOM   939  C  CE  . LYS A 1 129 ? 3.822   16.328  9.162   1.00 43.45 ? 540 LYS A CE  1 
ATOM   940  N  NZ  . LYS A 1 129 ? 4.205   16.047  10.575  1.00 47.73 ? 540 LYS A NZ  1 
ATOM   941  N  N   . GLY A 1 130 ? 8.285   14.652  4.247   1.00 25.84 ? 541 GLY A N   1 
ATOM   942  C  CA  . GLY A 1 130 ? 9.630   14.586  3.703   1.00 27.18 ? 541 GLY A CA  1 
ATOM   943  C  C   . GLY A 1 130 ? 10.289  13.217  3.727   1.00 29.22 ? 541 GLY A C   1 
ATOM   944  O  O   . GLY A 1 130 ? 11.489  13.098  3.481   1.00 35.89 ? 541 GLY A O   1 
ATOM   945  N  N   . ILE A 1 131 ? 9.512   12.181  4.023   1.00 24.80 ? 542 ILE A N   1 
ATOM   946  C  CA  . ILE A 1 131 ? 10.031  10.816  4.060   1.00 20.08 ? 542 ILE A CA  1 
ATOM   947  C  C   . ILE A 1 131 ? 10.285  10.301  2.647   1.00 26.69 ? 542 ILE A C   1 
ATOM   948  O  O   . ILE A 1 131 ? 9.367   10.191  1.846   1.00 20.48 ? 542 ILE A O   1 
ATOM   949  C  CB  . ILE A 1 131 ? 9.082   9.903   4.835   1.00 21.59 ? 542 ILE A CB  1 
ATOM   950  C  CG1 . ILE A 1 131 ? 8.961   10.428  6.270   1.00 24.27 ? 542 ILE A CG1 1 
ATOM   951  C  CG2 . ILE A 1 131 ? 9.549   8.452   4.781   1.00 24.82 ? 542 ILE A CG2 1 
ATOM   952  C  CD1 . ILE A 1 131 ? 7.857   9.828   7.079   1.00 26.58 ? 542 ILE A CD1 1 
ATOM   953  N  N   . GLY A 1 132 ? 11.543  9.996   2.351   1.00 21.14 ? 543 GLY A N   1 
ATOM   954  C  CA  . GLY A 1 132 ? 12.002  9.700   1.005   1.00 23.62 ? 543 GLY A CA  1 
ATOM   955  C  C   . GLY A 1 132 ? 11.131  8.865   0.077   1.00 24.43 ? 543 GLY A C   1 
ATOM   956  O  O   . GLY A 1 132 ? 10.586  9.375   -0.909  1.00 22.05 ? 543 GLY A O   1 
ATOM   957  N  N   . GLY A 1 133 ? 11.028  7.574   0.373   1.00 21.25 ? 544 GLY A N   1 
ATOM   958  C  CA  . GLY A 1 133 ? 10.312  6.644   -0.480  1.00 18.21 ? 544 GLY A CA  1 
ATOM   959  C  C   . GLY A 1 133 ? 8.845   7.001   -0.597  1.00 16.47 ? 544 GLY A C   1 
ATOM   960  O  O   . GLY A 1 133 ? 8.228   6.836   -1.652  1.00 18.87 ? 544 GLY A O   1 
ATOM   961  N  N   . ASN A 1 134 ? 8.286   7.491   0.502   1.00 17.82 ? 545 ASN A N   1 
ATOM   962  C  CA  . ASN A 1 134 ? 6.898   7.928   0.522   1.00 17.20 ? 545 ASN A CA  1 
ATOM   963  C  C   . ASN A 1 134 ? 6.672   9.142   -0.382  1.00 16.85 ? 545 ASN A C   1 
ATOM   964  O  O   . ASN A 1 134 ? 5.703   9.188   -1.149  1.00 16.57 ? 545 ASN A O   1 
ATOM   965  C  CB  . ASN A 1 134 ? 6.466   8.239   1.956   1.00 16.56 ? 545 ASN A CB  1 
ATOM   966  C  CG  . ASN A 1 134 ? 5.106   8.887   2.017   1.00 17.17 ? 545 ASN A CG  1 
ATOM   967  O  OD1 . ASN A 1 134 ? 4.996   10.110  2.113   1.00 19.67 ? 545 ASN A OD1 1 
ATOM   968  N  ND2 . ASN A 1 134 ? 4.053   8.070   1.933   1.00 16.20 ? 545 ASN A ND2 1 
ATOM   969  N  N   . GLU A 1 135 ? 7.563   10.126  -0.320  1.00 18.13 ? 546 GLU A N   1 
ATOM   970  C  CA  . GLU A 1 135 ? 7.442   11.280  -1.205  1.00 18.73 ? 546 GLU A CA  1 
ATOM   971  C  C   . GLU A 1 135 ? 7.587   10.892  -2.682  1.00 17.07 ? 546 GLU A C   1 
ATOM   972  O  O   . GLU A 1 135 ? 6.887   11.427  -3.545  1.00 16.98 ? 546 GLU A O   1 
ATOM   973  C  CB  . GLU A 1 135 ? 8.419   12.393  -0.819  1.00 21.79 ? 546 GLU A CB  1 
ATOM   974  C  CG  . GLU A 1 135 ? 8.147   13.009  0.563   1.00 31.54 ? 546 GLU A CG  1 
ATOM   975  C  CD  . GLU A 1 135 ? 6.930   13.946  0.618   1.00 40.49 ? 546 GLU A CD  1 
ATOM   976  O  OE1 . GLU A 1 135 ? 6.957   14.878  1.456   1.00 33.13 ? 546 GLU A OE1 1 
ATOM   977  O  OE2 . GLU A 1 135 ? 5.946   13.757  -0.145  1.00 32.61 ? 546 GLU A OE2 1 
ATOM   978  N  N   . GLN A 1 136 ? 8.465   9.937   -2.967  1.00 18.06 ? 547 GLN A N   1 
ATOM   979  C  CA  . GLN A 1 136 ? 8.688   9.466   -4.330  1.00 20.76 ? 547 GLN A CA  1 
ATOM   980  C  C   . GLN A 1 136 ? 7.432   8.812   -4.910  1.00 17.97 ? 547 GLN A C   1 
ATOM   981  O  O   . GLN A 1 136 ? 7.001   9.139   -6.021  1.00 18.82 ? 547 GLN A O   1 
ATOM   982  C  CB  . GLN A 1 136 ? 9.872   8.490   -4.344  1.00 23.10 ? 547 GLN A CB  1 
ATOM   983  C  CG  . GLN A 1 136 ? 10.377  8.072   -5.711  1.00 43.88 ? 547 GLN A CG  1 
ATOM   984  C  CD  . GLN A 1 136 ? 11.651  7.239   -5.610  1.00 42.18 ? 547 GLN A CD  1 
ATOM   985  O  OE1 . GLN A 1 136 ? 12.269  7.157   -4.544  1.00 43.46 ? 547 GLN A OE1 1 
ATOM   986  N  NE2 . GLN A 1 136 ? 12.045  6.616   -6.717  1.00 43.18 ? 547 GLN A NE2 1 
ATOM   987  N  N   . VAL A 1 137 ? 6.827   7.894   -4.158  1.00 17.17 ? 548 VAL A N   1 
ATOM   988  C  CA  . VAL A 1 137 ? 5.618   7.243   -4.649  1.00 16.91 ? 548 VAL A CA  1 
ATOM   989  C  C   . VAL A 1 137 ? 4.444   8.227   -4.709  1.00 17.60 ? 548 VAL A C   1 
ATOM   990  O  O   . VAL A 1 137 ? 3.613   8.149   -5.622  1.00 15.65 ? 548 VAL A O   1 
ATOM   991  C  CB  . VAL A 1 137 ? 5.264   5.954   -3.853  1.00 16.32 ? 548 VAL A CB  1 
ATOM   992  C  CG1 . VAL A 1 137 ? 4.950   6.254   -2.394  1.00 18.13 ? 548 VAL A CG1 1 
ATOM   993  C  CG2 . VAL A 1 137 ? 4.120   5.214   -4.528  1.00 17.22 ? 548 VAL A CG2 1 
ATOM   994  N  N   . ASP A 1 138 ? 4.384   9.170   -3.772  1.00 17.35 ? 549 ASP A N   1 
ATOM   995  C  CA  . ASP A 1 138 ? 3.336   10.191  -3.826  1.00 16.27 ? 549 ASP A CA  1 
ATOM   996  C  C   . ASP A 1 138 ? 3.400   11.000  -5.124  1.00 18.19 ? 549 ASP A C   1 
ATOM   997  O  O   . ASP A 1 138 ? 2.368   11.286  -5.737  1.00 17.39 ? 549 ASP A O   1 
ATOM   998  C  CB  . ASP A 1 138 ? 3.404   11.142  -2.629  1.00 17.02 ? 549 ASP A CB  1 
ATOM   999  C  CG  . ASP A 1 138 ? 2.441   12.311  -2.779  1.00 16.72 ? 549 ASP A CG  1 
ATOM   1000 O  OD1 . ASP A 1 138 ? 1.257   12.125  -2.455  1.00 16.67 ? 549 ASP A OD1 1 
ATOM   1001 O  OD2 . ASP A 1 138 ? 2.874   13.391  -3.234  1.00 19.45 ? 549 ASP A OD2 1 
ATOM   1002 N  N   . LYS A 1 139 ? 4.601   11.373  -5.540  1.00 18.02 ? 550 LYS A N   1 
ATOM   1003 C  CA  . LYS A 1 139 ? 4.764   12.151  -6.764  1.00 19.75 ? 550 LYS A CA  1 
ATOM   1004 C  C   . LYS A 1 139 ? 4.274   11.347  -7.960  1.00 19.47 ? 550 LYS A C   1 
ATOM   1005 O  O   . LYS A 1 139 ? 3.623   11.882  -8.865  1.00 22.06 ? 550 LYS A O   1 
ATOM   1006 C  CB  . LYS A 1 139 ? 6.225   12.564  -6.949  1.00 22.11 ? 550 LYS A CB  1 
ATOM   1007 C  CG  . LYS A 1 139 ? 6.516   13.285  -8.253  1.00 34.30 ? 550 LYS A CG  1 
ATOM   1008 C  CD  . LYS A 1 139 ? 8.007   13.567  -8.394  1.00 44.09 ? 550 LYS A CD  1 
ATOM   1009 C  CE  . LYS A 1 139 ? 8.305   14.451  -9.598  1.00 47.52 ? 550 LYS A CE  1 
ATOM   1010 N  NZ  . LYS A 1 139 ? 9.761   14.760  -9.701  1.00 59.26 ? 550 LYS A NZ  1 
ATOM   1011 N  N   . LEU A 1 140 ? 4.556   10.051  -7.946  1.00 18.54 ? 551 LEU A N   1 
ATOM   1012 C  CA  . LEU A 1 140 ? 4.164   9.156   -9.030  1.00 17.98 ? 551 LEU A CA  1 
ATOM   1013 C  C   . LEU A 1 140 ? 2.647   9.004   -9.162  1.00 18.75 ? 551 LEU A C   1 
ATOM   1014 O  O   . LEU A 1 140 ? 2.098   9.062   -10.268 1.00 22.95 ? 551 LEU A O   1 
ATOM   1015 C  CB  . LEU A 1 140 ? 4.814   7.783   -8.824  1.00 22.48 ? 551 LEU A CB  1 
ATOM   1016 C  CG  . LEU A 1 140 ? 4.633   6.687   -9.872  1.00 27.98 ? 551 LEU A CG  1 
ATOM   1017 C  CD1 . LEU A 1 140 ? 5.191   7.135   -11.217 1.00 31.17 ? 551 LEU A CD1 1 
ATOM   1018 C  CD2 . LEU A 1 140 ? 5.309   5.399   -9.414  1.00 34.00 ? 551 LEU A CD2 1 
ATOM   1019 N  N   . VAL A 1 141 ? 1.962   8.796   -8.041  1.00 16.61 ? 552 VAL A N   1 
ATOM   1020 C  CA  . VAL A 1 141 ? 0.524   8.535   -8.093  1.00 17.62 ? 552 VAL A CA  1 
ATOM   1021 C  C   . VAL A 1 141 ? -0.340  9.800   -8.140  1.00 17.08 ? 552 VAL A C   1 
ATOM   1022 O  O   . VAL A 1 141 ? -1.489  9.750   -8.578  1.00 18.81 ? 552 VAL A O   1 
ATOM   1023 C  CB  . VAL A 1 141 ? 0.040   7.613   -6.930  1.00 16.14 ? 552 VAL A CB  1 
ATOM   1024 C  CG1 . VAL A 1 141 ? 0.765   6.280   -6.972  1.00 16.88 ? 552 VAL A CG1 1 
ATOM   1025 C  CG2 . VAL A 1 141 ? 0.236   8.297   -5.589  1.00 16.36 ? 552 VAL A CG2 1 
ATOM   1026 N  N   . SER A 1 142 ? 0.198   10.930  -7.703  1.00 18.33 ? 553 SER A N   1 
ATOM   1027 C  CA  A SER A 1 142 ? -0.572  12.168  -7.617  0.50 16.79 ? 553 SER A CA  1 
ATOM   1028 C  CA  B SER A 1 142 ? -0.589  12.157  -7.623  0.50 16.80 ? 553 SER A CA  1 
ATOM   1029 C  C   . SER A 1 142 ? -0.549  12.957  -8.923  1.00 19.91 ? 553 SER A C   1 
ATOM   1030 O  O   . SER A 1 142 ? -1.410  13.810  -9.166  1.00 21.43 ? 553 SER A O   1 
ATOM   1031 C  CB  A SER A 1 142 ? -0.058  13.035  -6.464  0.50 21.01 ? 553 SER A CB  1 
ATOM   1032 C  CB  B SER A 1 142 ? -0.122  13.026  -6.454  0.50 21.06 ? 553 SER A CB  1 
ATOM   1033 O  OG  A SER A 1 142 ? -0.253  12.381  -5.221  0.50 23.60 ? 553 SER A OG  1 
ATOM   1034 O  OG  B SER A 1 142 ? 1.171   13.540  -6.700  0.50 19.68 ? 553 SER A OG  1 
ATOM   1035 N  N   . ALA A 1 143 ? 0.441   12.679  -9.760  1.00 17.93 ? 554 ALA A N   1 
ATOM   1036 C  CA  . ALA A 1 143 ? 0.560   13.363  -11.043 1.00 22.57 ? 554 ALA A CA  1 
ATOM   1037 C  C   . ALA A 1 143 ? -0.681  13.091  -11.889 1.00 20.55 ? 554 ALA A C   1 
ATOM   1038 O  O   . ALA A 1 143 ? -1.025  11.939  -12.150 1.00 22.00 ? 554 ALA A O   1 
ATOM   1039 C  CB  . ALA A 1 143 ? 1.817   12.908  -11.774 1.00 22.77 ? 554 ALA A CB  1 
ATOM   1040 N  N   . GLY A 1 144 ? -1.366  14.151  -12.306 1.00 18.96 ? 555 GLY A N   1 
ATOM   1041 C  CA  . GLY A 1 144 ? -2.561  14.006  -13.125 1.00 18.38 ? 555 GLY A CA  1 
ATOM   1042 C  C   . GLY A 1 144 ? -3.825  13.791  -12.315 1.00 21.28 ? 555 GLY A C   1 
ATOM   1043 O  O   . GLY A 1 144 ? -4.926  13.714  -12.870 1.00 21.13 ? 555 GLY A O   1 
ATOM   1044 N  N   . ILE A 1 145 ? -3.664  13.708  -10.995 1.00 18.75 ? 556 ILE A N   1 
ATOM   1045 C  CA  . ILE A 1 145 ? -4.775  13.481  -10.071 1.00 19.03 ? 556 ILE A CA  1 
ATOM   1046 C  C   . ILE A 1 145 ? -4.952  14.634  -9.069  1.00 20.23 ? 556 ILE A C   1 
ATOM   1047 O  O   . ILE A 1 145 ? -6.058  15.142  -8.897  1.00 21.32 ? 556 ILE A O   1 
ATOM   1048 C  CB  . ILE A 1 145 ? -4.601  12.152  -9.286  1.00 17.91 ? 556 ILE A CB  1 
ATOM   1049 C  CG1 . ILE A 1 145 ? -4.481  10.955  -10.237 1.00 17.27 ? 556 ILE A CG1 1 
ATOM   1050 C  CG2 . ILE A 1 145 ? -5.750  11.942  -8.322  1.00 19.77 ? 556 ILE A CG2 1 
ATOM   1051 C  CD1 . ILE A 1 145 ? -5.709  10.739  -11.138 1.00 19.31 ? 556 ILE A CD1 1 
ATOM   1052 N  N   . ARG A 1 146 ? -3.867  15.029  -8.405  1.00 19.03 ? 557 ARG A N   1 
ATOM   1053 C  CA  . ARG A 1 146 ? -3.885  16.102  -7.410  1.00 18.31 ? 557 ARG A CA  1 
ATOM   1054 C  C   . ARG A 1 146 ? -3.044  17.283  -7.888  1.00 18.60 ? 557 ARG A C   1 
ATOM   1055 O  O   . ARG A 1 146 ? -1.916  17.107  -8.339  1.00 23.10 ? 557 ARG A O   1 
ATOM   1056 C  CB  . ARG A 1 146 ? -3.338  15.590  -6.069  1.00 21.97 ? 557 ARG A CB  1 
ATOM   1057 C  CG  . ARG A 1 146 ? -3.485  16.576  -4.913  1.00 24.41 ? 557 ARG A CG  1 
ATOM   1058 C  CD  . ARG A 1 146 ? -2.730  16.085  -3.671  1.00 24.93 ? 557 ARG A CD  1 
ATOM   1059 N  NE  . ARG A 1 146 ? -1.285  16.201  -3.850  1.00 26.69 ? 557 ARG A NE  1 
ATOM   1060 C  CZ  . ARG A 1 146 ? -0.411  15.239  -3.563  1.00 23.40 ? 557 ARG A CZ  1 
ATOM   1061 N  NH1 . ARG A 1 146 ? -0.835  14.086  -3.079  1.00 24.87 ? 557 ARG A NH1 1 
ATOM   1062 N  NH2 . ARG A 1 146 ? 0.885   15.435  -3.766  1.00 28.10 ? 557 ARG A NH2 1 
ATOM   1063 N  N   . LYS A 1 147 ? -3.604  18.486  -7.800  1.00 21.34 ? 558 LYS A N   1 
ATOM   1064 C  CA  . LYS A 1 147 ? -2.916  19.676  -8.280  1.00 24.41 ? 558 LYS A CA  1 
ATOM   1065 C  C   . LYS A 1 147 ? -1.684  19.962  -7.430  1.00 33.23 ? 558 LYS A C   1 
ATOM   1066 O  O   . LYS A 1 147 ? -1.719  19.826  -6.209  1.00 30.36 ? 558 LYS A O   1 
ATOM   1067 C  CB  . LYS A 1 147 ? -3.864  20.880  -8.272  1.00 26.95 ? 558 LYS A CB  1 
ATOM   1068 C  CG  . LYS A 1 147 ? -3.288  22.120  -8.938  1.00 31.09 ? 558 LYS A CG  1 
ATOM   1069 C  CD  . LYS A 1 147 ? -4.342  23.205  -9.086  1.00 31.96 ? 558 LYS A CD  1 
ATOM   1070 C  CE  . LYS A 1 147 ? -3.830  24.348  -9.949  1.00 34.45 ? 558 LYS A CE  1 
ATOM   1071 N  NZ  . LYS A 1 147 ? -4.908  25.333  -10.249 1.00 44.62 ? 558 LYS A NZ  1 
ATOM   1072 N  N   . VAL A 1 148 ? -0.595  20.349  -8.086  1.00 30.70 ? 559 VAL A N   1 
ATOM   1073 C  CA  . VAL A 1 148 ? 0.643   20.671  -7.383  1.00 38.74 ? 559 VAL A CA  1 
ATOM   1074 C  C   . VAL A 1 148 ? 0.494   21.949  -6.562  1.00 45.58 ? 559 VAL A C   1 
ATOM   1075 O  O   . VAL A 1 148 ? 1.054   22.076  -5.472  1.00 47.32 ? 559 VAL A O   1 
ATOM   1076 C  CB  . VAL A 1 148 ? 1.812   20.843  -8.368  1.00 42.75 ? 559 VAL A CB  1 
ATOM   1077 C  CG1 . VAL A 1 148 ? 3.086   21.202  -7.618  1.00 47.99 ? 559 VAL A CG1 1 
ATOM   1078 C  CG2 . VAL A 1 148 ? 2.004   19.575  -9.185  1.00 43.21 ? 559 VAL A CG2 1 
HETATM 1079 MN MN  . MN  B 2 .   ? -1.435  8.202   1.021   1.00 15.95 ? 1   MN  A MN  1 
HETATM 1080 MN MN  . MN  C 2 .   ? 0.059   10.796  -1.352  1.00 15.89 ? 2   MN  A MN  1 
HETATM 1081 S  S   . SO4 D 3 .   ? 13.793  -12.040 -2.136  1.00 44.20 ? 3   SO4 A S   1 
HETATM 1082 O  O1  . SO4 D 3 .   ? 14.791  -13.075 -1.878  1.00 44.81 ? 3   SO4 A O1  1 
HETATM 1083 O  O2  . SO4 D 3 .   ? 12.468  -12.649 -2.228  1.00 47.00 ? 3   SO4 A O2  1 
HETATM 1084 O  O3  . SO4 D 3 .   ? 13.821  -11.056 -1.051  1.00 34.87 ? 3   SO4 A O3  1 
HETATM 1085 O  O4  . SO4 D 3 .   ? 14.095  -11.385 -3.408  1.00 45.17 ? 3   SO4 A O4  1 
HETATM 1086 C  C01 . QID E 4 .   ? -2.667  15.856  1.624   1.00 23.27 ? 700 QID A C01 1 
HETATM 1087 C  C02 . QID E 4 .   ? -3.265  15.584  2.819   1.00 21.25 ? 700 QID A C02 1 
HETATM 1088 C  C03 . QID E 4 .   ? -3.353  14.250  3.265   1.00 23.26 ? 700 QID A C03 1 
HETATM 1089 C  C04 . QID E 4 .   ? -2.821  13.209  2.447   1.00 18.27 ? 700 QID A C04 1 
HETATM 1090 C  C05 . QID E 4 .   ? -2.211  13.511  1.206   1.00 18.58 ? 700 QID A C05 1 
HETATM 1091 C  C06 . QID E 4 .   ? -2.129  14.789  0.761   1.00 21.33 ? 700 QID A C06 1 
HETATM 1092 C  C07 . QID E 4 .   ? -1.649  12.394  0.353   1.00 17.05 ? 700 QID A C07 1 
HETATM 1093 N  N08 . QID E 4 .   ? -2.920  11.823  2.918   1.00 22.16 ? 700 QID A N08 1 
HETATM 1094 N  N09 . QID E 4 .   ? -1.743  11.058  0.828   1.00 17.79 ? 700 QID A N09 1 
HETATM 1095 O  O10 . QID E 4 .   ? -1.075  12.628  -0.701  1.00 16.77 ? 700 QID A O10 1 
HETATM 1096 C  C11 . QID E 4 .   ? -2.387  10.749  2.099   1.00 17.62 ? 700 QID A C11 1 
HETATM 1097 O  O12 . QID E 4 .   ? -2.463  9.596   2.463   1.00 20.35 ? 700 QID A O12 1 
HETATM 1098 O  O13 . QID E 4 .   ? -1.290  10.102  0.087   1.00 19.15 ? 700 QID A O13 1 
HETATM 1099 S  S14 . QID E 4 .   ? -2.604  17.508  1.055   1.00 22.50 ? 700 QID A S14 1 
HETATM 1100 C  C15 . QID E 4 .   ? -0.972  18.083  1.350   1.00 22.05 ? 700 QID A C15 1 
HETATM 1101 O  O16 . QID E 4 .   ? -2.948  17.563  -0.345  1.00 25.72 ? 700 QID A O16 1 
HETATM 1102 O  O17 . QID E 4 .   ? -3.612  18.301  1.721   1.00 28.46 ? 700 QID A O17 1 
HETATM 1103 C  C18 . QID E 4 .   ? -0.122  18.219  0.288   1.00 25.77 ? 700 QID A C18 1 
HETATM 1104 C  C19 . QID E 4 .   ? 1.190   18.692  0.492   1.00 26.65 ? 700 QID A C19 1 
HETATM 1105 C  C20 . QID E 4 .   ? 1.622   19.042  1.812   1.00 28.40 ? 700 QID A C20 1 
HETATM 1106 C  C21 . QID E 4 .   ? 0.742   18.913  2.909   1.00 30.58 ? 700 QID A C21 1 
HETATM 1107 C  C22 . QID E 4 .   ? -0.534  18.455  2.715   1.00 24.86 ? 700 QID A C22 1 
HETATM 1108 O  O   . HOH F 5 .   ? 0.345   4.758   1.635   1.00 16.03 ? 4   HOH A O   1 
HETATM 1109 O  O   . HOH F 5 .   ? 5.320   -11.922 9.537   1.00 20.06 ? 5   HOH A O   1 
HETATM 1110 O  O   . HOH F 5 .   ? 4.465   -4.876  11.020  1.00 21.49 ? 6   HOH A O   1 
HETATM 1111 O  O   . HOH F 5 .   ? 10.309  -8.973  -3.082  1.00 21.53 ? 7   HOH A O   1 
HETATM 1112 O  O   . HOH F 5 .   ? 3.770   12.171  0.917   1.00 19.30 ? 8   HOH A O   1 
HETATM 1113 O  O   . HOH F 5 .   ? 11.559  -9.505  -0.637  1.00 21.08 ? 9   HOH A O   1 
HETATM 1114 O  O   . HOH F 5 .   ? -5.434  13.406  -15.451 1.00 23.70 ? 10  HOH A O   1 
HETATM 1115 O  O   . HOH F 5 .   ? -5.829  6.647   3.997   1.00 21.89 ? 11  HOH A O   1 
HETATM 1116 O  O   . HOH F 5 .   ? -14.019 7.251   -12.793 1.00 21.28 ? 12  HOH A O   1 
HETATM 1117 O  O   . HOH F 5 .   ? 12.285  -4.978  17.630  1.00 24.03 ? 13  HOH A O   1 
HETATM 1118 O  O   . HOH F 5 .   ? 6.259   11.775  4.136   1.00 20.01 ? 14  HOH A O   1 
HETATM 1119 O  O   . HOH F 5 .   ? -3.469  12.512  -2.707  1.00 26.65 ? 15  HOH A O   1 
HETATM 1120 O  O   . HOH F 5 .   ? 4.277   1.609   -13.959 1.00 29.06 ? 16  HOH A O   1 
HETATM 1121 O  O   . HOH F 5 .   ? -3.711  8.549   4.539   1.00 24.84 ? 17  HOH A O   1 
HETATM 1122 O  O   . HOH F 5 .   ? 12.208  -8.654  11.473  1.00 25.81 ? 18  HOH A O   1 
HETATM 1123 O  O   . HOH F 5 .   ? -13.319 9.679   -5.215  1.00 24.07 ? 19  HOH A O   1 
HETATM 1124 O  O   . HOH F 5 .   ? 13.653  -13.685 7.388   1.00 26.34 ? 20  HOH A O   1 
HETATM 1125 O  O   . HOH F 5 .   ? -11.735 7.803   0.590   1.00 24.88 ? 21  HOH A O   1 
HETATM 1126 O  O   . HOH F 5 .   ? 10.266  -15.208 -2.308  1.00 30.18 ? 22  HOH A O   1 
HETATM 1127 O  O   . HOH F 5 .   ? 9.314   -9.685  14.573  1.00 25.39 ? 23  HOH A O   1 
HETATM 1128 O  O   . HOH F 5 .   ? -4.902  8.829   -0.338  1.00 25.54 ? 24  HOH A O   1 
HETATM 1129 O  O   . HOH F 5 .   ? 10.655  -17.264 3.704   1.00 26.68 ? 25  HOH A O   1 
HETATM 1130 O  O   . HOH F 5 .   ? -4.509  2.109   11.939  1.00 24.68 ? 26  HOH A O   1 
HETATM 1131 O  O   . HOH F 5 .   ? 14.169  2.047   1.820   1.00 23.93 ? 27  HOH A O   1 
HETATM 1132 O  O   . HOH F 5 .   ? 14.362  -11.678 4.104   1.00 26.04 ? 28  HOH A O   1 
HETATM 1133 O  O   . HOH F 5 .   ? 5.489   14.009  -3.061  1.00 28.20 ? 29  HOH A O   1 
HETATM 1134 O  O   . HOH F 5 .   ? 11.407  -11.162 11.042  1.00 28.06 ? 30  HOH A O   1 
HETATM 1135 O  O   . HOH F 5 .   ? 13.533  -11.930 1.508   1.00 30.31 ? 31  HOH A O   1 
HETATM 1136 O  O   . HOH F 5 .   ? -3.680  -0.379  13.160  1.00 30.03 ? 32  HOH A O   1 
HETATM 1137 O  O   . HOH F 5 .   ? 5.100   -14.644 10.100  1.00 27.82 ? 33  HOH A O   1 
HETATM 1138 O  O   . HOH F 5 .   ? -6.249  18.850  -6.625  1.00 27.29 ? 34  HOH A O   1 
HETATM 1139 O  O   . HOH F 5 .   ? -14.386 1.456   -13.217 1.00 28.76 ? 35  HOH A O   1 
HETATM 1140 O  O   . HOH F 5 .   ? 8.665   9.597   -8.251  1.00 31.95 ? 36  HOH A O   1 
HETATM 1141 O  O   . HOH F 5 .   ? 0.943   -12.863 -1.908  1.00 29.27 ? 37  HOH A O   1 
HETATM 1142 O  O   . HOH F 5 .   ? 11.853  -8.780  17.782  1.00 32.57 ? 38  HOH A O   1 
HETATM 1143 O  O   . HOH F 5 .   ? 11.293  -13.110 0.150   1.00 30.15 ? 39  HOH A O   1 
HETATM 1144 O  O   . HOH F 5 .   ? -13.707 4.015   -0.059  1.00 28.47 ? 40  HOH A O   1 
HETATM 1145 O  O   . HOH F 5 .   ? 14.782  -9.470  10.370  1.00 26.57 ? 41  HOH A O   1 
HETATM 1146 O  O   . HOH F 5 .   ? -10.415 1.125   -7.025  1.00 23.02 ? 42  HOH A O   1 
HETATM 1147 O  O   . HOH F 5 .   ? -9.196  0.694   9.128   1.00 28.31 ? 43  HOH A O   1 
HETATM 1148 O  O   . HOH F 5 .   ? -13.141 -1.078  4.924   1.00 32.41 ? 44  HOH A O   1 
HETATM 1149 O  O   . HOH F 5 .   ? -1.418  2.457   1.137   1.00 22.85 ? 45  HOH A O   1 
HETATM 1150 O  O   . HOH F 5 .   ? -11.648 10.405  -3.031  1.00 32.04 ? 46  HOH A O   1 
HETATM 1151 O  O   . HOH F 5 .   ? -4.005  7.911   7.644   1.00 31.12 ? 47  HOH A O   1 
HETATM 1152 O  O   . HOH F 5 .   ? -4.856  -16.938 -0.634  1.00 36.85 ? 48  HOH A O   1 
HETATM 1153 O  O   . HOH F 5 .   ? 15.378  -5.110  11.512  1.00 26.22 ? 49  HOH A O   1 
HETATM 1154 O  O   . HOH F 5 .   ? 2.673   -7.983  15.503  1.00 34.61 ? 50  HOH A O   1 
HETATM 1155 O  O   . HOH F 5 .   ? 2.383   8.674   -12.908 1.00 34.88 ? 51  HOH A O   1 
HETATM 1156 O  O   . HOH F 5 .   ? -2.835  1.412   -15.672 1.00 30.79 ? 52  HOH A O   1 
HETATM 1157 O  O   . HOH F 5 .   ? -15.635 9.817   -3.991  1.00 36.90 ? 53  HOH A O   1 
HETATM 1158 O  O   . HOH F 5 .   ? 0.300   -9.106  14.275  1.00 30.61 ? 54  HOH A O   1 
HETATM 1159 O  O   . HOH F 5 .   ? 18.025  -10.185 0.468   1.00 41.28 ? 55  HOH A O   1 
HETATM 1160 O  O   . HOH F 5 .   ? -13.894 -2.898  -2.951  1.00 32.54 ? 56  HOH A O   1 
HETATM 1161 O  O   . HOH F 5 .   ? 12.783  -15.980 11.502  1.00 49.13 ? 57  HOH A O   1 
HETATM 1162 O  O   . HOH F 5 .   ? 0.565   -7.060  -10.001 1.00 33.77 ? 58  HOH A O   1 
HETATM 1163 O  O   . HOH F 5 .   ? -13.010 10.282  -0.900  1.00 39.26 ? 59  HOH A O   1 
HETATM 1164 O  O   . HOH F 5 .   ? 0.378   -5.159  14.762  1.00 38.36 ? 60  HOH A O   1 
HETATM 1165 O  O   . HOH F 5 .   ? -5.615  13.271  -4.407  1.00 31.63 ? 61  HOH A O   1 
HETATM 1166 O  O   . HOH F 5 .   ? -11.244 16.089  -5.066  1.00 36.55 ? 62  HOH A O   1 
HETATM 1167 O  O   . HOH F 5 .   ? -17.137 11.083  -5.841  1.00 36.90 ? 63  HOH A O   1 
HETATM 1168 O  O   . HOH F 5 .   ? -10.219 0.654   -12.147 1.00 40.42 ? 64  HOH A O   1 
HETATM 1169 O  O   . HOH F 5 .   ? -11.195 -16.832 15.000  1.00 51.59 ? 65  HOH A O   1 
HETATM 1170 O  O   . HOH F 5 .   ? 11.849  -17.011 7.276   1.00 38.58 ? 66  HOH A O   1 
HETATM 1171 O  O   . HOH F 5 .   ? 11.477  14.022  6.829   1.00 34.57 ? 67  HOH A O   1 
HETATM 1172 O  O   . HOH F 5 .   ? -10.370 -6.110  8.315   1.00 37.63 ? 68  HOH A O   1 
HETATM 1173 O  O   . HOH F 5 .   ? 3.705   16.229  -10.937 1.00 44.36 ? 69  HOH A O   1 
HETATM 1174 O  O   . HOH F 5 .   ? -1.361  -7.242  13.690  1.00 37.28 ? 70  HOH A O   1 
HETATM 1175 O  O   . HOH F 5 .   ? -0.535  10.097  6.682   1.00 30.88 ? 71  HOH A O   1 
HETATM 1176 O  O   . HOH F 5 .   ? -3.143  -9.844  16.393  1.00 42.44 ? 72  HOH A O   1 
HETATM 1177 O  O   . HOH F 5 .   ? -6.901  7.919   1.873   1.00 28.85 ? 73  HOH A O   1 
HETATM 1178 O  O   . HOH F 5 .   ? 2.837   -14.592 -2.303  1.00 38.97 ? 74  HOH A O   1 
HETATM 1179 O  O   . HOH F 5 .   ? -12.644 -0.317  -5.955  1.00 48.70 ? 75  HOH A O   1 
HETATM 1180 O  O   . HOH F 5 .   ? 5.367   -14.138 -3.367  1.00 37.62 ? 76  HOH A O   1 
HETATM 1181 O  O   . HOH F 5 .   ? 11.807  11.661  -2.480  1.00 41.08 ? 77  HOH A O   1 
HETATM 1182 O  O   . HOH F 5 .   ? -13.690 5.940   1.802   1.00 40.33 ? 78  HOH A O   1 
HETATM 1183 O  O   . HOH F 5 .   ? -6.356  7.956   -13.554 1.00 41.92 ? 103 HOH A O   1 
HETATM 1184 O  O   . HOH F 5 .   ? -4.865  -18.100 -3.248  1.00 47.93 ? 104 HOH A O   1 
HETATM 1185 O  O   . HOH F 5 .   ? -15.739 5.708   6.624   1.00 41.60 ? 105 HOH A O   1 
HETATM 1186 O  O   . HOH F 5 .   ? -10.643 1.583   -15.799 1.00 41.91 ? 106 HOH A O   1 
HETATM 1187 O  O   . HOH F 5 .   ? 2.845   14.646  -8.695  1.00 31.40 ? 107 HOH A O   1 
HETATM 1188 O  O   . HOH F 5 .   ? -5.510  10.339  -14.987 1.00 43.35 ? 108 HOH A O   1 
HETATM 1189 O  O   . HOH F 5 .   ? -9.035  0.343   11.728  1.00 40.96 ? 109 HOH A O   1 
HETATM 1190 O  O   . HOH F 5 .   ? 0.739   3.883   13.744  1.00 38.64 ? 110 HOH A O   1 
HETATM 1191 O  O   . HOH F 5 .   ? 16.092  2.963   0.269   1.00 36.68 ? 111 HOH A O   1 
HETATM 1192 O  O   . HOH F 5 .   ? 13.262  -7.490  -6.152  1.00 39.95 ? 112 HOH A O   1 
HETATM 1193 O  O   . HOH F 5 .   ? -0.786  -17.096 6.410   1.00 37.12 ? 113 HOH A O   1 
HETATM 1194 O  O   . HOH F 5 .   ? 0.219   -2.847  13.193  1.00 36.65 ? 114 HOH A O   1 
HETATM 1195 O  O   . HOH F 5 .   ? -8.964  -15.249 1.317   1.00 50.21 ? 115 HOH A O   1 
HETATM 1196 O  O   . HOH F 5 .   ? 9.259   -12.999 -6.395  1.00 51.06 ? 116 HOH A O   1 
HETATM 1197 O  O   . HOH F 5 .   ? 0.057   -19.384 7.268   1.00 45.97 ? 117 HOH A O   1 
HETATM 1198 O  O   . HOH F 5 .   ? -5.853  17.346  -1.448  1.00 38.69 ? 118 HOH A O   1 
HETATM 1199 O  O   . HOH F 5 .   ? 3.011   5.150   14.703  1.00 39.24 ? 119 HOH A O   1 
HETATM 1200 O  O   . HOH F 5 .   ? -8.430  15.866  -6.126  1.00 42.67 ? 120 HOH A O   1 
HETATM 1201 O  O   . HOH F 5 .   ? -10.271 -12.834 1.424   1.00 44.14 ? 121 HOH A O   1 
HETATM 1202 O  O   . HOH F 5 .   ? 4.399   10.429  -13.576 1.00 42.96 ? 122 HOH A O   1 
HETATM 1203 O  O   . HOH F 5 .   ? 7.544   -3.350  17.594  1.00 42.24 ? 123 HOH A O   1 
HETATM 1204 O  O   . HOH F 5 .   ? -6.077  -11.677 -4.185  1.00 34.48 ? 124 HOH A O   1 
HETATM 1205 O  O   . HOH F 5 .   ? -2.629  3.409   15.129  1.00 44.94 ? 125 HOH A O   1 
HETATM 1206 O  O   . HOH F 5 .   ? 15.661  -11.695 7.818   1.00 30.44 ? 126 HOH A O   1 
HETATM 1207 O  O   . HOH F 5 .   ? -6.676  15.418  -2.839  1.00 49.14 ? 127 HOH A O   1 
HETATM 1208 O  O   . HOH F 5 .   ? -17.146 18.987  -6.283  1.00 32.26 ? 128 HOH A O   1 
HETATM 1209 O  O   . HOH F 5 .   ? 15.939  -5.398  0.637   1.00 25.12 ? 129 HOH A O   1 
HETATM 1210 O  O   . HOH F 5 .   ? 10.549  -8.198  20.101  1.00 48.29 ? 130 HOH A O   1 
HETATM 1211 O  O   . HOH F 5 .   ? 10.753  11.273  -7.472  1.00 47.24 ? 131 HOH A O   1 
HETATM 1212 O  O   . HOH F 5 .   ? -13.012 -10.179 -3.714  1.00 44.75 ? 132 HOH A O   1 
HETATM 1213 O  O   . HOH F 5 .   ? 6.227   -2.050  -13.506 1.00 49.52 ? 133 HOH A O   1 
HETATM 1214 O  O   . HOH F 5 .   ? -16.706 -3.938  -2.594  1.00 43.76 ? 134 HOH A O   1 
HETATM 1215 O  O   . HOH F 5 .   ? 1.252   -0.491  -14.835 1.00 42.73 ? 135 HOH A O   1 
HETATM 1216 O  O   . HOH F 5 .   ? 5.436   -12.153 -6.822  1.00 45.23 ? 136 HOH A O   1 
HETATM 1217 O  O   . HOH F 5 .   ? -8.819  3.043   -17.755 1.00 41.24 ? 137 HOH A O   1 
HETATM 1218 O  O   . HOH F 5 .   ? 14.586  4.080   -4.508  1.00 48.87 ? 138 HOH A O   1 
HETATM 1219 O  O   . HOH F 5 .   ? -13.756 -1.523  7.422   1.00 47.31 ? 139 HOH A O   1 
HETATM 1220 O  O   . HOH F 5 .   ? -17.073 7.090   -13.455 1.00 26.62 ? 140 HOH A O   1 
HETATM 1221 O  O   . HOH F 5 .   ? 5.074   14.250  -12.395 1.00 47.28 ? 141 HOH A O   1 
HETATM 1222 O  O   . HOH F 5 .   ? 0.246   -13.888 -5.956  1.00 48.48 ? 142 HOH A O   1 
HETATM 1223 O  O   . HOH F 5 .   ? 2.627   -19.218 7.835   1.00 33.26 ? 143 HOH A O   1 
HETATM 1224 O  O   . HOH F 5 .   ? 7.461   -9.399  -9.327  1.00 42.55 ? 144 HOH A O   1 
HETATM 1225 O  O   . HOH F 5 .   ? 10.289  12.712  -4.302  1.00 39.87 ? 145 HOH A O   1 
HETATM 1226 O  O   . HOH F 5 .   ? 5.187   17.188  -0.062  1.00 48.47 ? 146 HOH A O   1 
HETATM 1227 O  O   . HOH F 5 .   ? -12.031 -14.475 17.017  1.00 52.17 ? 147 HOH A O   1 
HETATM 1228 O  O   . HOH F 5 .   ? -18.334 14.002  -7.507  1.00 29.65 ? 148 HOH A O   1 
HETATM 1229 O  O   . HOH F 5 .   ? 12.966  4.230   -2.390  1.00 47.22 ? 149 HOH A O   1 
HETATM 1230 O  O   . HOH F 5 .   ? -8.540  0.362   -14.129 1.00 58.17 ? 150 HOH A O   1 
HETATM 1231 O  O   . HOH F 5 .   ? -13.124 -3.017  -5.791  1.00 41.16 ? 151 HOH A O   1 
HETATM 1232 O  O   . HOH F 5 .   ? -15.389 -14.989 10.939  1.00 49.71 ? 152 HOH A O   1 
HETATM 1233 O  O   . HOH F 5 .   ? -13.479 -16.822 9.528   1.00 56.03 ? 153 HOH A O   1 
HETATM 1234 O  O   . HOH F 5 .   ? -14.200 -12.422 17.123  1.00 54.77 ? 154 HOH A O   1 
HETATM 1235 O  O   . HOH F 5 .   ? -11.931 0.114   8.911   1.00 48.60 ? 155 HOH A O   1 
HETATM 1236 O  O   . HOH F 5 .   ? 5.545   18.864  1.947   1.00 49.11 ? 156 HOH A O   1 
HETATM 1237 O  O   . HOH F 5 .   ? 1.325   16.958  -12.078 1.00 38.78 ? 157 HOH A O   1 
HETATM 1238 O  O   . HOH F 5 .   ? -7.458  17.622  -4.311  1.00 42.79 ? 158 HOH A O   1 
HETATM 1239 O  O   . HOH F 5 .   ? -11.699 -16.131 12.406  1.00 51.91 ? 159 HOH A O   1 
HETATM 1240 O  O   . HOH F 5 .   ? -12.753 -10.451 9.026   1.00 47.86 ? 160 HOH A O   1 
HETATM 1241 O  O   . HOH F 5 .   ? 10.561  -0.625  -12.192 1.00 40.89 ? 161 HOH A O   1 
HETATM 1242 O  O   . HOH F 5 .   ? -4.187  -5.541  16.991  1.00 53.41 ? 162 HOH A O   1 
HETATM 1243 O  O   . HOH F 5 .   ? -10.531 12.807  -3.658  1.00 44.18 ? 163 HOH A O   1 
HETATM 1244 O  O   . HOH F 5 .   ? 7.458   10.444  -10.804 1.00 46.53 ? 164 HOH A O   1 
HETATM 1245 O  O   . HOH F 5 .   ? 3.114   1.496   12.186  1.00 34.33 ? 165 HOH A O   1 
HETATM 1246 O  O   . HOH F 5 .   ? 1.353   16.294  -14.641 1.00 44.28 ? 166 HOH A O   1 
HETATM 1247 O  O   . HOH F 5 .   ? -14.152 17.924  -3.720  1.00 39.70 ? 167 HOH A O   1 
HETATM 1248 O  O   . HOH F 5 .   ? -13.457 -0.022  -11.249 1.00 39.14 ? 168 HOH A O   1 
HETATM 1249 O  O   . HOH F 5 .   ? -13.475 -12.486 7.716   1.00 52.83 ? 169 HOH A O   1 
HETATM 1250 O  O   . HOH F 5 .   ? 12.075  3.800   -8.979  1.00 46.51 ? 170 HOH A O   1 
HETATM 1251 O  O   . HOH F 5 .   ? 0.343   3.625   -15.411 1.00 43.99 ? 171 HOH A O   1 
HETATM 1252 O  O   . HOH F 5 .   ? -11.580 -5.166  -6.403  1.00 45.78 ? 172 HOH A O   1 
HETATM 1253 O  O   . HOH F 5 .   ? 0.693   16.188  -7.425  1.00 44.12 ? 173 HOH A O   1 
HETATM 1254 O  O   . HOH F 5 .   ? 12.941  14.693  9.166   1.00 50.76 ? 174 HOH A O   1 
HETATM 1255 O  O   . HOH F 5 .   ? 1.806   20.302  -3.518  1.00 48.62 ? 175 HOH A O   1 
HETATM 1256 O  O   . HOH F 5 .   ? 4.905   -3.455  13.803  1.00 49.21 ? 176 HOH A O   1 
HETATM 1257 O  O   . HOH F 5 .   ? 6.943   -0.192  16.503  1.00 44.72 ? 177 HOH A O   1 
HETATM 1258 O  O   . HOH F 5 .   ? -1.431  -4.081  17.118  1.00 51.58 ? 178 HOH A O   1 
HETATM 1259 O  O   . HOH F 5 .   ? -6.964  -4.758  15.842  1.00 54.66 ? 179 HOH A O   1 
HETATM 1260 O  O   . HOH F 5 .   ? -20.893 17.586  -6.148  1.00 40.94 ? 180 HOH A O   1 
HETATM 1261 O  O   . HOH F 5 .   ? -9.472  14.598  -1.422  1.00 51.49 ? 181 HOH A O   1 
HETATM 1262 O  O   . HOH F 5 .   ? -7.328  10.140  -16.957 1.00 48.92 ? 182 HOH A O   1 
HETATM 1263 O  O   . HOH F 5 .   ? 5.389   -9.830  -10.946 1.00 51.51 ? 183 HOH A O   1 
HETATM 1264 O  O   . HOH F 5 .   ? -4.236  20.631  -4.123  1.00 47.94 ? 184 HOH A O   1 
HETATM 1265 O  O   . HOH F 5 .   ? -11.707 -14.001 6.113   1.00 51.24 ? 185 HOH A O   1 
HETATM 1266 O  O   . HOH F 5 .   ? -1.434  10.632  -2.960  1.00 16.47 ? 562 HOH A O   1 
HETATM 1267 O  O   . HOH F 5 .   ? 1.391   10.914  0.373   1.00 15.67 ? 563 HOH A O   1 
HETATM 1268 O  O   . HOH F 5 .   ? 4.588   5.218   1.406   1.00 14.90 ? 564 HOH A O   1 
HETATM 1269 O  O   . HOH F 5 .   ? 6.355   4.046   -13.458 1.00 48.26 ? 565 HOH A O   1 
HETATM 1270 O  O   . HOH F 5 .   ? -10.938 1.104   -9.584  1.00 34.58 ? 566 HOH A O   1 
HETATM 1271 O  O   . HOH F 5 .   ? 0.174   -4.693  -12.651 1.00 49.81 ? 567 HOH A O   1 
HETATM 1272 O  O   . HOH F 5 .   ? -11.346 -8.471  10.196  1.00 44.04 ? 568 HOH A O   1 
HETATM 1273 O  O   . HOH F 5 .   ? -1.289  -0.475  14.285  1.00 32.78 ? 569 HOH A O   1 
HETATM 1274 O  O   . HOH F 5 .   ? -2.745  10.412  -16.019 1.00 40.39 ? 570 HOH A O   1 
HETATM 1275 O  O   . HOH F 5 .   ? -9.327  10.006  2.321   1.00 46.75 ? 571 HOH A O   1 
HETATM 1276 O  O   . HOH F 5 .   ? 11.186  -10.996 -4.798  1.00 35.26 ? 572 HOH A O   1 
HETATM 1277 O  O   . HOH F 5 .   ? -11.705 8.954   3.343   1.00 45.23 ? 573 HOH A O   1 
HETATM 1278 O  O   . HOH F 5 .   ? -0.564  -10.830 16.110  1.00 33.71 ? 574 HOH A O   1 
HETATM 1279 O  O   . HOH F 5 .   ? -14.259 0.736   -8.176  1.00 42.99 ? 575 HOH A O   1 
HETATM 1280 O  O   . HOH F 5 .   ? -0.429  18.814  -4.093  1.00 42.47 ? 576 HOH A O   1 
HETATM 1281 O  O   . HOH F 5 .   ? -6.787  1.831   13.373  1.00 36.28 ? 577 HOH A O   1 
HETATM 1282 O  O   . HOH F 5 .   ? -4.127  -2.929  -7.448  1.00 32.63 ? 578 HOH A O   1 
HETATM 1283 O  O   . HOH F 5 .   ? -3.739  -7.446  14.998  1.00 35.28 ? 579 HOH A O   1 
HETATM 1284 O  O   . HOH F 5 .   ? 0.526   7.070   -14.701 1.00 39.64 ? 580 HOH A O   1 
HETATM 1285 O  O   . HOH F 5 .   ? 7.590   -3.612  -11.028 1.00 39.75 ? 581 HOH A O   1 
HETATM 1286 O  O   . HOH F 5 .   ? 3.448   -5.469  15.376  1.00 41.99 ? 582 HOH A O   1 
HETATM 1287 O  O   . HOH F 5 .   ? 5.247   11.844  -11.394 1.00 36.07 ? 583 HOH A O   1 
HETATM 1288 O  O   . HOH F 5 .   ? -6.950  21.552  -6.304  1.00 35.09 ? 584 HOH A O   1 
HETATM 1289 O  O   . HOH F 5 .   ? -17.994 16.119  -5.706  1.00 40.77 ? 585 HOH A O   1 
HETATM 1290 O  O   . HOH F 5 .   ? 6.060   6.558   11.759  1.00 37.02 ? 586 HOH A O   1 
HETATM 1291 O  O   . HOH F 5 .   ? 12.867  3.007   -6.505  1.00 35.18 ? 587 HOH A O   1 
HETATM 1292 O  O   . HOH F 5 .   ? 5.316   -17.937 7.944   1.00 37.47 ? 588 HOH A O   1 
# 
loop_
_pdbx_poly_seq_scheme.asym_id 
_pdbx_poly_seq_scheme.entity_id 
_pdbx_poly_seq_scheme.seq_id 
_pdbx_poly_seq_scheme.mon_id 
_pdbx_poly_seq_scheme.ndb_seq_num 
_pdbx_poly_seq_scheme.pdb_seq_num 
_pdbx_poly_seq_scheme.auth_seq_num 
_pdbx_poly_seq_scheme.pdb_mon_id 
_pdbx_poly_seq_scheme.auth_mon_id 
_pdbx_poly_seq_scheme.pdb_strand_id 
_pdbx_poly_seq_scheme.pdb_ins_code 
_pdbx_poly_seq_scheme.hetero 
A 1 1   MET 1   426 426 MET MET A . n 
A 1 2   TYR 2   427 427 TYR TYR A . n 
A 1 3   GLN 3   428 428 GLN GLN A . n 
A 1 4   LEU 4   429 429 LEU LEU A . n 
A 1 5   GLU 5   430 430 GLU GLU A . n 
A 1 6   LYS 6   431 431 LYS LYS A . n 
A 1 7   GLU 7   432 432 GLU GLU A . n 
A 1 8   PRO 8   433 433 PRO PRO A . n 
A 1 9   ILE 9   434 434 ILE ILE A . n 
A 1 10  VAL 10  435 435 VAL VAL A . n 
A 1 11  GLY 11  436 436 GLY GLY A . n 
A 1 12  ALA 12  437 437 ALA ALA A . n 
A 1 13  GLU 13  438 438 GLU GLU A . n 
A 1 14  THR 14  439 439 THR THR A . n 
A 1 15  PHE 15  440 440 PHE PHE A . n 
A 1 16  TYR 16  441 441 TYR TYR A . n 
A 1 17  VAL 17  442 442 VAL VAL A . n 
A 1 18  ASP 18  443 443 ASP ASP A . n 
A 1 19  GLY 19  444 444 GLY GLY A . n 
A 1 20  ALA 20  445 445 ALA ALA A . n 
A 1 21  ALA 21  446 446 ALA ALA A . n 
A 1 22  ASN 22  447 447 ASN ASN A . n 
A 1 23  ARG 23  448 448 ARG ARG A . n 
A 1 24  GLU 24  449 449 GLU GLU A . n 
A 1 25  THR 25  450 450 THR THR A . n 
A 1 26  LYS 26  451 451 LYS LYS A . n 
A 1 27  LEU 27  452 452 LEU LEU A . n 
A 1 28  GLY 28  453 453 GLY GLY A . n 
A 1 29  LYS 29  454 454 LYS LYS A . n 
A 1 30  ALA 30  455 455 ALA ALA A . n 
A 1 31  GLY 31  456 456 GLY GLY A . n 
A 1 32  TYR 32  457 457 TYR TYR A . n 
A 1 33  VAL 33  458 458 VAL VAL A . n 
A 1 34  THR 34  459 459 THR THR A . n 
A 1 35  ASN 35  460 460 ASN ASN A . n 
A 1 36  ARG 36  461 461 ARG ARG A . n 
A 1 37  GLY 37  462 462 GLY GLY A . n 
A 1 38  ARG 38  463 463 ARG ARG A . n 
A 1 39  GLN 39  464 464 GLN GLN A . n 
A 1 40  LYS 40  465 465 LYS LYS A . n 
A 1 41  VAL 41  466 466 VAL VAL A . n 
A 1 42  VAL 42  467 467 VAL VAL A . n 
A 1 43  THR 43  468 468 THR THR A . n 
A 1 44  LEU 44  469 469 LEU LEU A . n 
A 1 45  THR 45  470 470 THR THR A . n 
A 1 46  ASP 46  471 471 ASP ASP A . n 
A 1 47  THR 47  472 472 THR THR A . n 
A 1 48  THR 48  473 473 THR THR A . n 
A 1 49  ASN 49  474 474 ASN ASN A . n 
A 1 50  GLN 50  475 475 GLN GLN A . n 
A 1 51  LYS 51  476 476 LYS LYS A . n 
A 1 52  THR 52  477 477 THR THR A . n 
A 1 53  GLU 53  478 478 GLU GLU A . n 
A 1 54  LEU 54  479 479 LEU LEU A . n 
A 1 55  GLN 55  480 480 GLN GLN A . n 
A 1 56  ALA 56  481 481 ALA ALA A . n 
A 1 57  ILE 57  482 482 ILE ILE A . n 
A 1 58  TYR 58  483 483 TYR TYR A . n 
A 1 59  LEU 59  484 484 LEU LEU A . n 
A 1 60  ALA 60  485 485 ALA ALA A . n 
A 1 61  LEU 61  486 486 LEU LEU A . n 
A 1 62  GLN 62  487 487 GLN GLN A . n 
A 1 63  ASP 63  488 488 ASP ASP A . n 
A 1 64  SER 64  489 489 SER SER A . n 
A 1 65  GLY 65  490 490 GLY GLY A . n 
A 1 66  LEU 66  491 491 LEU LEU A . n 
A 1 67  GLU 67  492 492 GLU GLU A . n 
A 1 68  VAL 68  493 493 VAL VAL A . n 
A 1 69  ASN 69  494 494 ASN ASN A . n 
A 1 70  ILE 70  495 495 ILE ILE A . n 
A 1 71  VAL 71  496 496 VAL VAL A . n 
A 1 72  THR 72  497 497 THR THR A . n 
A 1 73  ASP 73  498 498 ASP ASP A . n 
A 1 74  SER 74  499 499 SER SER A . n 
A 1 75  GLN 75  500 500 GLN GLN A . n 
A 1 76  TYR 76  501 501 TYR TYR A . n 
A 1 77  ALA 77  502 502 ALA ALA A . n 
A 1 78  LEU 78  503 503 LEU LEU A . n 
A 1 79  GLY 79  504 504 GLY GLY A . n 
A 1 80  ILE 80  505 505 ILE ILE A . n 
A 1 81  ILE 81  506 506 ILE ILE A . n 
A 1 82  THR 82  79  79  THR THR A . n 
A 1 83  GLN 83  80  80  GLN GLN A . n 
A 1 84  TRP 84  81  81  TRP TRP A . n 
A 1 85  ILE 85  82  82  ILE ILE A . n 
A 1 86  HIS 86  83  83  HIS HIS A . n 
A 1 87  ASN 87  84  84  ASN ASN A . n 
A 1 88  TRP 88  85  85  TRP TRP A . n 
A 1 89  LYS 89  86  86  LYS LYS A . n 
A 1 90  LYS 90  87  ?   ?   ?   A . n 
A 1 91  ARG 91  88  ?   ?   ?   A . n 
A 1 92  GLY 92  89  ?   ?   ?   A . n 
A 1 93  TRP 93  90  ?   ?   ?   A . n 
A 1 94  LYS 94  91  ?   ?   ?   A . n 
A 1 95  THR 95  92  ?   ?   ?   A . n 
A 1 96  ALA 96  93  ?   ?   ?   A . n 
A 1 97  ASP 97  94  ?   ?   ?   A . n 
A 1 98  LYS 98  95  ?   ?   ?   A . n 
A 1 99  LYS 99  96  ?   ?   ?   A . n 
A 1 100 PRO 100 97  ?   ?   ?   A . n 
A 1 101 VAL 101 98  ?   ?   ?   A . n 
A 1 102 LYS 102 99  99  LYS LYS A . n 
A 1 103 ASN 103 100 100 ASN ASN A . n 
A 1 104 VAL 104 101 101 VAL VAL A . n 
A 1 105 ASP 105 102 102 ASP ASP A . n 
A 1 106 LEU 106 517 517 LEU LEU A . n 
A 1 107 VAL 107 518 518 VAL VAL A . n 
A 1 108 ASN 108 519 519 ASN ASN A . n 
A 1 109 GLN 109 520 520 GLN GLN A . n 
A 1 110 ILE 110 521 521 ILE ILE A . n 
A 1 111 ILE 111 522 522 ILE ILE A . n 
A 1 112 GLU 112 523 523 GLU GLU A . n 
A 1 113 GLN 113 524 524 GLN GLN A . n 
A 1 114 LEU 114 525 525 LEU LEU A . n 
A 1 115 ILE 115 526 526 ILE ILE A . n 
A 1 116 LYS 116 527 527 LYS LYS A . n 
A 1 117 LYS 117 528 528 LYS LYS A . n 
A 1 118 GLU 118 529 529 GLU GLU A . n 
A 1 119 LYS 119 530 530 LYS LYS A . n 
A 1 120 VAL 120 531 531 VAL VAL A . n 
A 1 121 TYR 121 532 532 TYR TYR A . n 
A 1 122 LEU 122 533 533 LEU LEU A . n 
A 1 123 ALA 123 534 534 ALA ALA A . n 
A 1 124 TRP 124 535 535 TRP TRP A . n 
A 1 125 VAL 125 536 536 VAL VAL A . n 
A 1 126 PRO 126 537 537 PRO PRO A . n 
A 1 127 ALA 127 538 538 ALA ALA A . n 
A 1 128 HIS 128 539 539 HIS HIS A . n 
A 1 129 LYS 129 540 540 LYS LYS A . n 
A 1 130 GLY 130 541 541 GLY GLY A . n 
A 1 131 ILE 131 542 542 ILE ILE A . n 
A 1 132 GLY 132 543 543 GLY GLY A . n 
A 1 133 GLY 133 544 544 GLY GLY A . n 
A 1 134 ASN 134 545 545 ASN ASN A . n 
A 1 135 GLU 135 546 546 GLU GLU A . n 
A 1 136 GLN 136 547 547 GLN GLN A . n 
A 1 137 VAL 137 548 548 VAL VAL A . n 
A 1 138 ASP 138 549 549 ASP ASP A . n 
A 1 139 LYS 139 550 550 LYS LYS A . n 
A 1 140 LEU 140 551 551 LEU LEU A . n 
A 1 141 VAL 141 552 552 VAL VAL A . n 
A 1 142 SER 142 553 553 SER SER A . n 
A 1 143 ALA 143 554 554 ALA ALA A . n 
A 1 144 GLY 144 555 555 GLY GLY A . n 
A 1 145 ILE 145 556 556 ILE ILE A . n 
A 1 146 ARG 146 557 557 ARG ARG A . n 
A 1 147 LYS 147 558 558 LYS LYS A . n 
A 1 148 VAL 148 559 559 VAL VAL A . n 
A 1 149 LEU 149 560 ?   ?   ?   A . n 
A 1 150 PHE 150 561 ?   ?   ?   A . n 
# 
loop_
_pdbx_nonpoly_scheme.asym_id 
_pdbx_nonpoly_scheme.entity_id 
_pdbx_nonpoly_scheme.mon_id 
_pdbx_nonpoly_scheme.ndb_seq_num 
_pdbx_nonpoly_scheme.pdb_seq_num 
_pdbx_nonpoly_scheme.auth_seq_num 
_pdbx_nonpoly_scheme.pdb_mon_id 
_pdbx_nonpoly_scheme.auth_mon_id 
_pdbx_nonpoly_scheme.pdb_strand_id 
_pdbx_nonpoly_scheme.pdb_ins_code 
B 2 MN  1   1   1   MN  MN  A . 
C 2 MN  1   2   2   MN  MN  A . 
D 3 SO4 1   3   3   SO4 SO4 A . 
E 4 QID 1   700 700 QID QID A . 
F 5 HOH 1   4   4   HOH HOH A . 
F 5 HOH 2   5   5   HOH HOH A . 
F 5 HOH 3   6   6   HOH HOH A . 
F 5 HOH 4   7   7   HOH HOH A . 
F 5 HOH 5   8   8   HOH HOH A . 
F 5 HOH 6   9   9   HOH HOH A . 
F 5 HOH 7   10  10  HOH HOH A . 
F 5 HOH 8   11  11  HOH HOH A . 
F 5 HOH 9   12  12  HOH HOH A . 
F 5 HOH 10  13  13  HOH HOH A . 
F 5 HOH 11  14  14  HOH HOH A . 
F 5 HOH 12  15  15  HOH HOH A . 
F 5 HOH 13  16  16  HOH HOH A . 
F 5 HOH 14  17  17  HOH HOH A . 
F 5 HOH 15  18  18  HOH HOH A . 
F 5 HOH 16  19  19  HOH HOH A . 
F 5 HOH 17  20  20  HOH HOH A . 
F 5 HOH 18  21  21  HOH HOH A . 
F 5 HOH 19  22  22  HOH HOH A . 
F 5 HOH 20  23  23  HOH HOH A . 
F 5 HOH 21  24  24  HOH HOH A . 
F 5 HOH 22  25  25  HOH HOH A . 
F 5 HOH 23  26  26  HOH HOH A . 
F 5 HOH 24  27  27  HOH HOH A . 
F 5 HOH 25  28  28  HOH HOH A . 
F 5 HOH 26  29  29  HOH HOH A . 
F 5 HOH 27  30  30  HOH HOH A . 
F 5 HOH 28  31  31  HOH HOH A . 
F 5 HOH 29  32  32  HOH HOH A . 
F 5 HOH 30  33  33  HOH HOH A . 
F 5 HOH 31  34  34  HOH HOH A . 
F 5 HOH 32  35  35  HOH HOH A . 
F 5 HOH 33  36  36  HOH HOH A . 
F 5 HOH 34  37  37  HOH HOH A . 
F 5 HOH 35  38  38  HOH HOH A . 
F 5 HOH 36  39  39  HOH HOH A . 
F 5 HOH 37  40  40  HOH HOH A . 
F 5 HOH 38  41  41  HOH HOH A . 
F 5 HOH 39  42  42  HOH HOH A . 
F 5 HOH 40  43  43  HOH HOH A . 
F 5 HOH 41  44  44  HOH HOH A . 
F 5 HOH 42  45  45  HOH HOH A . 
F 5 HOH 43  46  46  HOH HOH A . 
F 5 HOH 44  47  47  HOH HOH A . 
F 5 HOH 45  48  48  HOH HOH A . 
F 5 HOH 46  49  49  HOH HOH A . 
F 5 HOH 47  50  50  HOH HOH A . 
F 5 HOH 48  51  51  HOH HOH A . 
F 5 HOH 49  52  52  HOH HOH A . 
F 5 HOH 50  53  53  HOH HOH A . 
F 5 HOH 51  54  54  HOH HOH A . 
F 5 HOH 52  55  55  HOH HOH A . 
F 5 HOH 53  56  56  HOH HOH A . 
F 5 HOH 54  57  57  HOH HOH A . 
F 5 HOH 55  58  58  HOH HOH A . 
F 5 HOH 56  59  59  HOH HOH A . 
F 5 HOH 57  60  60  HOH HOH A . 
F 5 HOH 58  61  61  HOH HOH A . 
F 5 HOH 59  62  62  HOH HOH A . 
F 5 HOH 60  63  63  HOH HOH A . 
F 5 HOH 61  64  64  HOH HOH A . 
F 5 HOH 62  65  65  HOH HOH A . 
F 5 HOH 63  66  66  HOH HOH A . 
F 5 HOH 64  67  67  HOH HOH A . 
F 5 HOH 65  68  68  HOH HOH A . 
F 5 HOH 66  69  69  HOH HOH A . 
F 5 HOH 67  70  70  HOH HOH A . 
F 5 HOH 68  71  71  HOH HOH A . 
F 5 HOH 69  72  72  HOH HOH A . 
F 5 HOH 70  73  73  HOH HOH A . 
F 5 HOH 71  74  74  HOH HOH A . 
F 5 HOH 72  75  75  HOH HOH A . 
F 5 HOH 73  76  76  HOH HOH A . 
F 5 HOH 74  77  77  HOH HOH A . 
F 5 HOH 75  78  78  HOH HOH A . 
F 5 HOH 76  103 103 HOH HOH A . 
F 5 HOH 77  104 104 HOH HOH A . 
F 5 HOH 78  105 105 HOH HOH A . 
F 5 HOH 79  106 106 HOH HOH A . 
F 5 HOH 80  107 107 HOH HOH A . 
F 5 HOH 81  108 108 HOH HOH A . 
F 5 HOH 82  109 109 HOH HOH A . 
F 5 HOH 83  110 110 HOH HOH A . 
F 5 HOH 84  111 111 HOH HOH A . 
F 5 HOH 85  112 112 HOH HOH A . 
F 5 HOH 86  113 113 HOH HOH A . 
F 5 HOH 87  114 114 HOH HOH A . 
F 5 HOH 88  115 115 HOH HOH A . 
F 5 HOH 89  116 116 HOH HOH A . 
F 5 HOH 90  117 117 HOH HOH A . 
F 5 HOH 91  118 118 HOH HOH A . 
F 5 HOH 92  119 119 HOH HOH A . 
F 5 HOH 93  120 120 HOH HOH A . 
F 5 HOH 94  121 121 HOH HOH A . 
F 5 HOH 95  122 122 HOH HOH A . 
F 5 HOH 96  123 123 HOH HOH A . 
F 5 HOH 97  124 124 HOH HOH A . 
F 5 HOH 98  125 125 HOH HOH A . 
F 5 HOH 99  126 126 HOH HOH A . 
F 5 HOH 100 127 127 HOH HOH A . 
F 5 HOH 101 128 128 HOH HOH A . 
F 5 HOH 102 129 129 HOH HOH A . 
F 5 HOH 103 130 130 HOH HOH A . 
F 5 HOH 104 131 131 HOH HOH A . 
F 5 HOH 105 132 132 HOH HOH A . 
F 5 HOH 106 133 133 HOH HOH A . 
F 5 HOH 107 134 134 HOH HOH A . 
F 5 HOH 108 135 135 HOH HOH A . 
F 5 HOH 109 136 136 HOH HOH A . 
F 5 HOH 110 137 137 HOH HOH A . 
F 5 HOH 111 138 138 HOH HOH A . 
F 5 HOH 112 139 139 HOH HOH A . 
F 5 HOH 113 140 140 HOH HOH A . 
F 5 HOH 114 141 141 HOH HOH A . 
F 5 HOH 115 142 142 HOH HOH A . 
F 5 HOH 116 143 143 HOH HOH A . 
F 5 HOH 117 144 144 HOH HOH A . 
F 5 HOH 118 145 145 HOH HOH A . 
F 5 HOH 119 146 146 HOH HOH A . 
F 5 HOH 120 147 147 HOH HOH A . 
F 5 HOH 121 148 148 HOH HOH A . 
F 5 HOH 122 149 149 HOH HOH A . 
F 5 HOH 123 150 150 HOH HOH A . 
F 5 HOH 124 151 151 HOH HOH A . 
F 5 HOH 125 152 152 HOH HOH A . 
F 5 HOH 126 153 153 HOH HOH A . 
F 5 HOH 127 154 154 HOH HOH A . 
F 5 HOH 128 155 155 HOH HOH A . 
F 5 HOH 129 156 156 HOH HOH A . 
F 5 HOH 130 157 157 HOH HOH A . 
F 5 HOH 131 158 158 HOH HOH A . 
F 5 HOH 132 159 159 HOH HOH A . 
F 5 HOH 133 160 160 HOH HOH A . 
F 5 HOH 134 161 161 HOH HOH A . 
F 5 HOH 135 162 162 HOH HOH A . 
F 5 HOH 136 163 163 HOH HOH A . 
F 5 HOH 137 164 164 HOH HOH A . 
F 5 HOH 138 165 165 HOH HOH A . 
F 5 HOH 139 166 166 HOH HOH A . 
F 5 HOH 140 167 167 HOH HOH A . 
F 5 HOH 141 168 168 HOH HOH A . 
F 5 HOH 142 169 169 HOH HOH A . 
F 5 HOH 143 170 170 HOH HOH A . 
F 5 HOH 144 171 171 HOH HOH A . 
F 5 HOH 145 172 172 HOH HOH A . 
F 5 HOH 146 173 173 HOH HOH A . 
F 5 HOH 147 174 174 HOH HOH A . 
F 5 HOH 148 175 175 HOH HOH A . 
F 5 HOH 149 176 176 HOH HOH A . 
F 5 HOH 150 177 177 HOH HOH A . 
F 5 HOH 151 178 178 HOH HOH A . 
F 5 HOH 152 179 179 HOH HOH A . 
F 5 HOH 153 180 180 HOH HOH A . 
F 5 HOH 154 181 181 HOH HOH A . 
F 5 HOH 155 182 182 HOH HOH A . 
F 5 HOH 156 183 183 HOH HOH A . 
F 5 HOH 157 184 184 HOH HOH A . 
F 5 HOH 158 185 185 HOH HOH A . 
F 5 HOH 159 562 1   HOH HOH A . 
F 5 HOH 160 563 2   HOH HOH A . 
F 5 HOH 161 564 3   HOH HOH A . 
F 5 HOH 162 565 79  HOH HOH A . 
F 5 HOH 163 566 80  HOH HOH A . 
F 5 HOH 164 567 81  HOH HOH A . 
F 5 HOH 165 568 82  HOH HOH A . 
F 5 HOH 166 569 83  HOH HOH A . 
F 5 HOH 167 570 84  HOH HOH A . 
F 5 HOH 168 571 85  HOH HOH A . 
F 5 HOH 169 572 86  HOH HOH A . 
F 5 HOH 170 573 87  HOH HOH A . 
F 5 HOH 171 574 88  HOH HOH A . 
F 5 HOH 172 575 89  HOH HOH A . 
F 5 HOH 173 576 90  HOH HOH A . 
F 5 HOH 174 577 91  HOH HOH A . 
F 5 HOH 175 578 92  HOH HOH A . 
F 5 HOH 176 579 93  HOH HOH A . 
F 5 HOH 177 580 94  HOH HOH A . 
F 5 HOH 178 581 95  HOH HOH A . 
F 5 HOH 179 582 96  HOH HOH A . 
F 5 HOH 180 583 97  HOH HOH A . 
F 5 HOH 181 584 98  HOH HOH A . 
F 5 HOH 182 585 99  HOH HOH A . 
F 5 HOH 183 586 100 HOH HOH A . 
F 5 HOH 184 587 101 HOH HOH A . 
F 5 HOH 185 588 102 HOH HOH A . 
# 
_pdbx_struct_assembly.id                   1 
_pdbx_struct_assembly.details              author_and_software_defined_assembly 
_pdbx_struct_assembly.method_details       PISA 
_pdbx_struct_assembly.oligomeric_details   monomeric 
_pdbx_struct_assembly.oligomeric_count     1 
# 
_pdbx_struct_assembly_gen.assembly_id       1 
_pdbx_struct_assembly_gen.oper_expression   1 
_pdbx_struct_assembly_gen.asym_id_list      A,B,C,D,E,F 
# 
_pdbx_struct_oper_list.id                   1 
_pdbx_struct_oper_list.type                 'identity operation' 
_pdbx_struct_oper_list.name                 1_555 
_pdbx_struct_oper_list.symmetry_operation   x,y,z 
_pdbx_struct_oper_list.matrix[1][1]         1.0000000000 
_pdbx_struct_oper_list.matrix[1][2]         0.0000000000 
_pdbx_struct_oper_list.matrix[1][3]         0.0000000000 
_pdbx_struct_oper_list.vector[1]            0.0000000000 
_pdbx_struct_oper_list.matrix[2][1]         0.0000000000 
_pdbx_struct_oper_list.matrix[2][2]         1.0000000000 
_pdbx_struct_oper_list.matrix[2][3]         0.0000000000 
_pdbx_struct_oper_list.vector[2]            0.0000000000 
_pdbx_struct_oper_list.matrix[3][1]         0.0000000000 
_pdbx_struct_oper_list.matrix[3][2]         0.0000000000 
_pdbx_struct_oper_list.matrix[3][3]         1.0000000000 
_pdbx_struct_oper_list.vector[3]            0.0000000000 
# 
loop_
_pdbx_struct_conn_angle.id 
_pdbx_struct_conn_angle.ptnr1_label_atom_id 
_pdbx_struct_conn_angle.ptnr1_label_alt_id 
_pdbx_struct_conn_angle.ptnr1_label_asym_id 
_pdbx_struct_conn_angle.ptnr1_label_comp_id 
_pdbx_struct_conn_angle.ptnr1_label_seq_id 
_pdbx_struct_conn_angle.ptnr1_auth_atom_id 
_pdbx_struct_conn_angle.ptnr1_auth_asym_id 
_pdbx_struct_conn_angle.ptnr1_auth_comp_id 
_pdbx_struct_conn_angle.ptnr1_auth_seq_id 
_pdbx_struct_conn_angle.ptnr1_PDB_ins_code 
_pdbx_struct_conn_angle.ptnr1_symmetry 
_pdbx_struct_conn_angle.ptnr2_label_atom_id 
_pdbx_struct_conn_angle.ptnr2_label_alt_id 
_pdbx_struct_conn_angle.ptnr2_label_asym_id 
_pdbx_struct_conn_angle.ptnr2_label_comp_id 
_pdbx_struct_conn_angle.ptnr2_label_seq_id 
_pdbx_struct_conn_angle.ptnr2_auth_atom_id 
_pdbx_struct_conn_angle.ptnr2_auth_asym_id 
_pdbx_struct_conn_angle.ptnr2_auth_comp_id 
_pdbx_struct_conn_angle.ptnr2_auth_seq_id 
_pdbx_struct_conn_angle.ptnr2_PDB_ins_code 
_pdbx_struct_conn_angle.ptnr2_symmetry 
_pdbx_struct_conn_angle.ptnr3_label_atom_id 
_pdbx_struct_conn_angle.ptnr3_label_alt_id 
_pdbx_struct_conn_angle.ptnr3_label_asym_id 
_pdbx_struct_conn_angle.ptnr3_label_comp_id 
_pdbx_struct_conn_angle.ptnr3_label_seq_id 
_pdbx_struct_conn_angle.ptnr3_auth_atom_id 
_pdbx_struct_conn_angle.ptnr3_auth_asym_id 
_pdbx_struct_conn_angle.ptnr3_auth_comp_id 
_pdbx_struct_conn_angle.ptnr3_auth_seq_id 
_pdbx_struct_conn_angle.ptnr3_PDB_ins_code 
_pdbx_struct_conn_angle.ptnr3_symmetry 
_pdbx_struct_conn_angle.value 
_pdbx_struct_conn_angle.value_esd 
1  OD1 ? A ASP 18  ? A ASP 443 ? 1_555 MN ? B MN . ? A MN 1 ? 1_555 OE1 ? A GLU 53  ? A GLU 478 ? 1_555 96.9  ? 
2  OD1 ? A ASP 18  ? A ASP 443 ? 1_555 MN ? B MN . ? A MN 1 ? 1_555 OD2 ? A ASP 73  ? A ASP 498 ? 1_555 107.1 ? 
3  OE1 ? A GLU 53  ? A GLU 478 ? 1_555 MN ? B MN . ? A MN 1 ? 1_555 OD2 ? A ASP 73  ? A ASP 498 ? 1_555 107.7 ? 
4  OD1 ? A ASP 18  ? A ASP 443 ? 1_555 MN ? B MN . ? A MN 1 ? 1_555 O13 ? E QID .   ? A QID 700 ? 1_555 85.0  ? 
5  OE1 ? A GLU 53  ? A GLU 478 ? 1_555 MN ? B MN . ? A MN 1 ? 1_555 O13 ? E QID .   ? A QID 700 ? 1_555 118.9 ? 
6  OD2 ? A ASP 73  ? A ASP 498 ? 1_555 MN ? B MN . ? A MN 1 ? 1_555 O13 ? E QID .   ? A QID 700 ? 1_555 130.1 ? 
7  OD1 ? A ASP 18  ? A ASP 443 ? 1_555 MN ? B MN . ? A MN 1 ? 1_555 O12 ? E QID .   ? A QID 700 ? 1_555 161.0 ? 
8  OE1 ? A GLU 53  ? A GLU 478 ? 1_555 MN ? B MN . ? A MN 1 ? 1_555 O12 ? E QID .   ? A QID 700 ? 1_555 92.6  ? 
9  OD2 ? A ASP 73  ? A ASP 498 ? 1_555 MN ? B MN . ? A MN 1 ? 1_555 O12 ? E QID .   ? A QID 700 ? 1_555 85.4  ? 
10 O13 ? E QID .   ? A QID 700 ? 1_555 MN ? B MN . ? A MN 1 ? 1_555 O12 ? E QID .   ? A QID 700 ? 1_555 76.0  ? 
11 OD2 ? A ASP 18  ? A ASP 443 ? 1_555 MN ? C MN . ? A MN 2 ? 1_555 OD1 ? A ASP 138 ? A ASP 549 ? 1_555 102.9 ? 
12 OD2 ? A ASP 18  ? A ASP 443 ? 1_555 MN ? C MN . ? A MN 2 ? 1_555 O   ? F HOH .   ? A HOH 562 ? 1_555 91.0  ? 
13 OD1 ? A ASP 138 ? A ASP 549 ? 1_555 MN ? C MN . ? A MN 2 ? 1_555 O   ? F HOH .   ? A HOH 562 ? 1_555 92.9  ? 
14 OD2 ? A ASP 18  ? A ASP 443 ? 1_555 MN ? C MN . ? A MN 2 ? 1_555 O   ? F HOH .   ? A HOH 563 ? 1_555 90.2  ? 
15 OD1 ? A ASP 138 ? A ASP 549 ? 1_555 MN ? C MN . ? A MN 2 ? 1_555 O   ? F HOH .   ? A HOH 563 ? 1_555 91.9  ? 
16 O   ? F HOH .   ? A HOH 562 ? 1_555 MN ? C MN . ? A MN 2 ? 1_555 O   ? F HOH .   ? A HOH 563 ? 1_555 174.7 ? 
17 OD2 ? A ASP 18  ? A ASP 443 ? 1_555 MN ? C MN . ? A MN 2 ? 1_555 O13 ? E QID .   ? A QID 700 ? 1_555 96.5  ? 
18 OD1 ? A ASP 138 ? A ASP 549 ? 1_555 MN ? C MN . ? A MN 2 ? 1_555 O13 ? E QID .   ? A QID 700 ? 1_555 159.8 ? 
19 O   ? F HOH .   ? A HOH 562 ? 1_555 MN ? C MN . ? A MN 2 ? 1_555 O13 ? E QID .   ? A QID 700 ? 1_555 92.3  ? 
20 O   ? F HOH .   ? A HOH 563 ? 1_555 MN ? C MN . ? A MN 2 ? 1_555 O13 ? E QID .   ? A QID 700 ? 1_555 82.4  ? 
21 OD2 ? A ASP 18  ? A ASP 443 ? 1_555 MN ? C MN . ? A MN 2 ? 1_555 O10 ? E QID .   ? A QID 700 ? 1_555 171.1 ? 
22 OD1 ? A ASP 138 ? A ASP 549 ? 1_555 MN ? C MN . ? A MN 2 ? 1_555 O10 ? E QID .   ? A QID 700 ? 1_555 85.6  ? 
23 O   ? F HOH .   ? A HOH 562 ? 1_555 MN ? C MN . ? A MN 2 ? 1_555 O10 ? E QID .   ? A QID 700 ? 1_555 86.0  ? 
24 O   ? F HOH .   ? A HOH 563 ? 1_555 MN ? C MN . ? A MN 2 ? 1_555 O10 ? E QID .   ? A QID 700 ? 1_555 92.0  ? 
25 O13 ? E QID .   ? A QID 700 ? 1_555 MN ? C MN . ? A MN 2 ? 1_555 O10 ? E QID .   ? A QID 700 ? 1_555 75.3  ? 
# 
loop_
_pdbx_audit_revision_history.ordinal 
_pdbx_audit_revision_history.data_content_type 
_pdbx_audit_revision_history.major_revision 
_pdbx_audit_revision_history.minor_revision 
_pdbx_audit_revision_history.revision_date 
1 'Structure model' 1 0 2011-04-20 
2 'Structure model' 1 1 2011-07-13 
3 'Structure model' 1 2 2017-06-07 
4 'Structure model' 1 3 2023-09-13 
# 
_pdbx_audit_revision_details.ordinal             1 
_pdbx_audit_revision_details.revision_ordinal    1 
_pdbx_audit_revision_details.data_content_type   'Structure model' 
_pdbx_audit_revision_details.provider            repository 
_pdbx_audit_revision_details.type                'Initial release' 
_pdbx_audit_revision_details.description         ? 
_pdbx_audit_revision_details.details             ? 
# 
loop_
_pdbx_audit_revision_group.ordinal 
_pdbx_audit_revision_group.revision_ordinal 
_pdbx_audit_revision_group.data_content_type 
_pdbx_audit_revision_group.group 
1 2 'Structure model' 'Version format compliance' 
2 3 'Structure model' 'Database references'       
3 4 'Structure model' 'Data collection'           
4 4 'Structure model' 'Database references'       
5 4 'Structure model' 'Derived calculations'      
6 4 'Structure model' 'Refinement description'    
# 
loop_
_pdbx_audit_revision_category.ordinal 
_pdbx_audit_revision_category.revision_ordinal 
_pdbx_audit_revision_category.data_content_type 
_pdbx_audit_revision_category.category 
1 4 'Structure model' chem_comp_atom                
2 4 'Structure model' chem_comp_bond                
3 4 'Structure model' database_2                    
4 4 'Structure model' pdbx_initial_refinement_model 
5 4 'Structure model' pdbx_struct_conn_angle        
6 4 'Structure model' struct_conn                   
7 4 'Structure model' struct_site                   
# 
loop_
_pdbx_audit_revision_item.ordinal 
_pdbx_audit_revision_item.revision_ordinal 
_pdbx_audit_revision_item.data_content_type 
_pdbx_audit_revision_item.item 
1  4 'Structure model' '_database_2.pdbx_DOI'                        
2  4 'Structure model' '_database_2.pdbx_database_accession'         
3  4 'Structure model' '_pdbx_struct_conn_angle.ptnr1_auth_comp_id'  
4  4 'Structure model' '_pdbx_struct_conn_angle.ptnr1_auth_seq_id'   
5  4 'Structure model' '_pdbx_struct_conn_angle.ptnr1_label_asym_id' 
6  4 'Structure model' '_pdbx_struct_conn_angle.ptnr1_label_atom_id' 
7  4 'Structure model' '_pdbx_struct_conn_angle.ptnr1_label_comp_id' 
8  4 'Structure model' '_pdbx_struct_conn_angle.ptnr1_label_seq_id'  
9  4 'Structure model' '_pdbx_struct_conn_angle.ptnr3_auth_comp_id'  
10 4 'Structure model' '_pdbx_struct_conn_angle.ptnr3_auth_seq_id'   
11 4 'Structure model' '_pdbx_struct_conn_angle.ptnr3_label_asym_id' 
12 4 'Structure model' '_pdbx_struct_conn_angle.ptnr3_label_atom_id' 
13 4 'Structure model' '_pdbx_struct_conn_angle.ptnr3_label_comp_id' 
14 4 'Structure model' '_pdbx_struct_conn_angle.ptnr3_label_seq_id'  
15 4 'Structure model' '_pdbx_struct_conn_angle.value'               
16 4 'Structure model' '_struct_conn.pdbx_dist_value'                
17 4 'Structure model' '_struct_conn.ptnr1_auth_comp_id'             
18 4 'Structure model' '_struct_conn.ptnr1_auth_seq_id'              
19 4 'Structure model' '_struct_conn.ptnr1_label_asym_id'            
20 4 'Structure model' '_struct_conn.ptnr1_label_atom_id'            
21 4 'Structure model' '_struct_conn.ptnr1_label_comp_id'            
22 4 'Structure model' '_struct_conn.ptnr1_label_seq_id'             
23 4 'Structure model' '_struct_conn.ptnr2_auth_comp_id'             
24 4 'Structure model' '_struct_conn.ptnr2_auth_seq_id'              
25 4 'Structure model' '_struct_conn.ptnr2_label_asym_id'            
26 4 'Structure model' '_struct_conn.ptnr2_label_atom_id'            
27 4 'Structure model' '_struct_conn.ptnr2_label_comp_id'            
28 4 'Structure model' '_struct_conn.ptnr2_label_seq_id'             
29 4 'Structure model' '_struct_site.pdbx_auth_asym_id'              
30 4 'Structure model' '_struct_site.pdbx_auth_comp_id'              
31 4 'Structure model' '_struct_site.pdbx_auth_seq_id'               
# 
loop_
_software.name 
_software.classification 
_software.version 
_software.citation_id 
_software.pdbx_ordinal 
BOS      'data collection' .                            ? 1 
PHASER   phasing           .                            ? 2 
PHENIX   refinement        '(phenix.refine: 1.6.4_486)' ? 3 
HKL-2000 'data reduction'  .                            ? 4 
HKL-2000 'data scaling'    .                            ? 5 
# 
loop_
_pdbx_unobs_or_zero_occ_residues.id 
_pdbx_unobs_or_zero_occ_residues.PDB_model_num 
_pdbx_unobs_or_zero_occ_residues.polymer_flag 
_pdbx_unobs_or_zero_occ_residues.occupancy_flag 
_pdbx_unobs_or_zero_occ_residues.auth_asym_id 
_pdbx_unobs_or_zero_occ_residues.auth_comp_id 
_pdbx_unobs_or_zero_occ_residues.auth_seq_id 
_pdbx_unobs_or_zero_occ_residues.PDB_ins_code 
_pdbx_unobs_or_zero_occ_residues.label_asym_id 
_pdbx_unobs_or_zero_occ_residues.label_comp_id 
_pdbx_unobs_or_zero_occ_residues.label_seq_id 
1  1 Y 1 A LYS 87  ? A LYS 90  
2  1 Y 1 A ARG 88  ? A ARG 91  
3  1 Y 1 A GLY 89  ? A GLY 92  
4  1 Y 1 A TRP 90  ? A TRP 93  
5  1 Y 1 A LYS 91  ? A LYS 94  
6  1 Y 1 A THR 92  ? A THR 95  
7  1 Y 1 A ALA 93  ? A ALA 96  
8  1 Y 1 A ASP 94  ? A ASP 97  
9  1 Y 1 A LYS 95  ? A LYS 98  
10 1 Y 1 A LYS 96  ? A LYS 99  
11 1 Y 1 A PRO 97  ? A PRO 100 
12 1 Y 1 A VAL 98  ? A VAL 101 
13 1 Y 1 A LEU 560 ? A LEU 149 
14 1 Y 1 A PHE 561 ? A PHE 150 
# 
loop_
_chem_comp_atom.comp_id 
_chem_comp_atom.atom_id 
_chem_comp_atom.type_symbol 
_chem_comp_atom.pdbx_aromatic_flag 
_chem_comp_atom.pdbx_stereo_config 
_chem_comp_atom.pdbx_ordinal 
ALA N    N  N N 1   
ALA CA   C  N S 2   
ALA C    C  N N 3   
ALA O    O  N N 4   
ALA CB   C  N N 5   
ALA OXT  O  N N 6   
ALA H    H  N N 7   
ALA H2   H  N N 8   
ALA HA   H  N N 9   
ALA HB1  H  N N 10  
ALA HB2  H  N N 11  
ALA HB3  H  N N 12  
ALA HXT  H  N N 13  
ARG N    N  N N 14  
ARG CA   C  N S 15  
ARG C    C  N N 16  
ARG O    O  N N 17  
ARG CB   C  N N 18  
ARG CG   C  N N 19  
ARG CD   C  N N 20  
ARG NE   N  N N 21  
ARG CZ   C  N N 22  
ARG NH1  N  N N 23  
ARG NH2  N  N N 24  
ARG OXT  O  N N 25  
ARG H    H  N N 26  
ARG H2   H  N N 27  
ARG HA   H  N N 28  
ARG HB2  H  N N 29  
ARG HB3  H  N N 30  
ARG HG2  H  N N 31  
ARG HG3  H  N N 32  
ARG HD2  H  N N 33  
ARG HD3  H  N N 34  
ARG HE   H  N N 35  
ARG HH11 H  N N 36  
ARG HH12 H  N N 37  
ARG HH21 H  N N 38  
ARG HH22 H  N N 39  
ARG HXT  H  N N 40  
ASN N    N  N N 41  
ASN CA   C  N S 42  
ASN C    C  N N 43  
ASN O    O  N N 44  
ASN CB   C  N N 45  
ASN CG   C  N N 46  
ASN OD1  O  N N 47  
ASN ND2  N  N N 48  
ASN OXT  O  N N 49  
ASN H    H  N N 50  
ASN H2   H  N N 51  
ASN HA   H  N N 52  
ASN HB2  H  N N 53  
ASN HB3  H  N N 54  
ASN HD21 H  N N 55  
ASN HD22 H  N N 56  
ASN HXT  H  N N 57  
ASP N    N  N N 58  
ASP CA   C  N S 59  
ASP C    C  N N 60  
ASP O    O  N N 61  
ASP CB   C  N N 62  
ASP CG   C  N N 63  
ASP OD1  O  N N 64  
ASP OD2  O  N N 65  
ASP OXT  O  N N 66  
ASP H    H  N N 67  
ASP H2   H  N N 68  
ASP HA   H  N N 69  
ASP HB2  H  N N 70  
ASP HB3  H  N N 71  
ASP HD2  H  N N 72  
ASP HXT  H  N N 73  
GLN N    N  N N 74  
GLN CA   C  N S 75  
GLN C    C  N N 76  
GLN O    O  N N 77  
GLN CB   C  N N 78  
GLN CG   C  N N 79  
GLN CD   C  N N 80  
GLN OE1  O  N N 81  
GLN NE2  N  N N 82  
GLN OXT  O  N N 83  
GLN H    H  N N 84  
GLN H2   H  N N 85  
GLN HA   H  N N 86  
GLN HB2  H  N N 87  
GLN HB3  H  N N 88  
GLN HG2  H  N N 89  
GLN HG3  H  N N 90  
GLN HE21 H  N N 91  
GLN HE22 H  N N 92  
GLN HXT  H  N N 93  
GLU N    N  N N 94  
GLU CA   C  N S 95  
GLU C    C  N N 96  
GLU O    O  N N 97  
GLU CB   C  N N 98  
GLU CG   C  N N 99  
GLU CD   C  N N 100 
GLU OE1  O  N N 101 
GLU OE2  O  N N 102 
GLU OXT  O  N N 103 
GLU H    H  N N 104 
GLU H2   H  N N 105 
GLU HA   H  N N 106 
GLU HB2  H  N N 107 
GLU HB3  H  N N 108 
GLU HG2  H  N N 109 
GLU HG3  H  N N 110 
GLU HE2  H  N N 111 
GLU HXT  H  N N 112 
GLY N    N  N N 113 
GLY CA   C  N N 114 
GLY C    C  N N 115 
GLY O    O  N N 116 
GLY OXT  O  N N 117 
GLY H    H  N N 118 
GLY H2   H  N N 119 
GLY HA2  H  N N 120 
GLY HA3  H  N N 121 
GLY HXT  H  N N 122 
HIS N    N  N N 123 
HIS CA   C  N S 124 
HIS C    C  N N 125 
HIS O    O  N N 126 
HIS CB   C  N N 127 
HIS CG   C  Y N 128 
HIS ND1  N  Y N 129 
HIS CD2  C  Y N 130 
HIS CE1  C  Y N 131 
HIS NE2  N  Y N 132 
HIS OXT  O  N N 133 
HIS H    H  N N 134 
HIS H2   H  N N 135 
HIS HA   H  N N 136 
HIS HB2  H  N N 137 
HIS HB3  H  N N 138 
HIS HD1  H  N N 139 
HIS HD2  H  N N 140 
HIS HE1  H  N N 141 
HIS HE2  H  N N 142 
HIS HXT  H  N N 143 
HOH O    O  N N 144 
HOH H1   H  N N 145 
HOH H2   H  N N 146 
ILE N    N  N N 147 
ILE CA   C  N S 148 
ILE C    C  N N 149 
ILE O    O  N N 150 
ILE CB   C  N S 151 
ILE CG1  C  N N 152 
ILE CG2  C  N N 153 
ILE CD1  C  N N 154 
ILE OXT  O  N N 155 
ILE H    H  N N 156 
ILE H2   H  N N 157 
ILE HA   H  N N 158 
ILE HB   H  N N 159 
ILE HG12 H  N N 160 
ILE HG13 H  N N 161 
ILE HG21 H  N N 162 
ILE HG22 H  N N 163 
ILE HG23 H  N N 164 
ILE HD11 H  N N 165 
ILE HD12 H  N N 166 
ILE HD13 H  N N 167 
ILE HXT  H  N N 168 
LEU N    N  N N 169 
LEU CA   C  N S 170 
LEU C    C  N N 171 
LEU O    O  N N 172 
LEU CB   C  N N 173 
LEU CG   C  N N 174 
LEU CD1  C  N N 175 
LEU CD2  C  N N 176 
LEU OXT  O  N N 177 
LEU H    H  N N 178 
LEU H2   H  N N 179 
LEU HA   H  N N 180 
LEU HB2  H  N N 181 
LEU HB3  H  N N 182 
LEU HG   H  N N 183 
LEU HD11 H  N N 184 
LEU HD12 H  N N 185 
LEU HD13 H  N N 186 
LEU HD21 H  N N 187 
LEU HD22 H  N N 188 
LEU HD23 H  N N 189 
LEU HXT  H  N N 190 
LYS N    N  N N 191 
LYS CA   C  N S 192 
LYS C    C  N N 193 
LYS O    O  N N 194 
LYS CB   C  N N 195 
LYS CG   C  N N 196 
LYS CD   C  N N 197 
LYS CE   C  N N 198 
LYS NZ   N  N N 199 
LYS OXT  O  N N 200 
LYS H    H  N N 201 
LYS H2   H  N N 202 
LYS HA   H  N N 203 
LYS HB2  H  N N 204 
LYS HB3  H  N N 205 
LYS HG2  H  N N 206 
LYS HG3  H  N N 207 
LYS HD2  H  N N 208 
LYS HD3  H  N N 209 
LYS HE2  H  N N 210 
LYS HE3  H  N N 211 
LYS HZ1  H  N N 212 
LYS HZ2  H  N N 213 
LYS HZ3  H  N N 214 
LYS HXT  H  N N 215 
MET N    N  N N 216 
MET CA   C  N S 217 
MET C    C  N N 218 
MET O    O  N N 219 
MET CB   C  N N 220 
MET CG   C  N N 221 
MET SD   S  N N 222 
MET CE   C  N N 223 
MET OXT  O  N N 224 
MET H    H  N N 225 
MET H2   H  N N 226 
MET HA   H  N N 227 
MET HB2  H  N N 228 
MET HB3  H  N N 229 
MET HG2  H  N N 230 
MET HG3  H  N N 231 
MET HE1  H  N N 232 
MET HE2  H  N N 233 
MET HE3  H  N N 234 
MET HXT  H  N N 235 
MN  MN   MN N N 236 
PHE N    N  N N 237 
PHE CA   C  N S 238 
PHE C    C  N N 239 
PHE O    O  N N 240 
PHE CB   C  N N 241 
PHE CG   C  Y N 242 
PHE CD1  C  Y N 243 
PHE CD2  C  Y N 244 
PHE CE1  C  Y N 245 
PHE CE2  C  Y N 246 
PHE CZ   C  Y N 247 
PHE OXT  O  N N 248 
PHE H    H  N N 249 
PHE H2   H  N N 250 
PHE HA   H  N N 251 
PHE HB2  H  N N 252 
PHE HB3  H  N N 253 
PHE HD1  H  N N 254 
PHE HD2  H  N N 255 
PHE HE1  H  N N 256 
PHE HE2  H  N N 257 
PHE HZ   H  N N 258 
PHE HXT  H  N N 259 
PRO N    N  N N 260 
PRO CA   C  N S 261 
PRO C    C  N N 262 
PRO O    O  N N 263 
PRO CB   C  N N 264 
PRO CG   C  N N 265 
PRO CD   C  N N 266 
PRO OXT  O  N N 267 
PRO H    H  N N 268 
PRO HA   H  N N 269 
PRO HB2  H  N N 270 
PRO HB3  H  N N 271 
PRO HG2  H  N N 272 
PRO HG3  H  N N 273 
PRO HD2  H  N N 274 
PRO HD3  H  N N 275 
PRO HXT  H  N N 276 
QID C01  C  Y N 277 
QID C02  C  Y N 278 
QID C03  C  Y N 279 
QID C04  C  Y N 280 
QID C05  C  Y N 281 
QID C06  C  Y N 282 
QID C07  C  N N 283 
QID N08  N  N N 284 
QID N09  N  N N 285 
QID O10  O  N N 286 
QID C11  C  N N 287 
QID O12  O  N N 288 
QID O13  O  N N 289 
QID S14  S  N N 290 
QID C15  C  Y N 291 
QID O16  O  N N 292 
QID O17  O  N N 293 
QID C18  C  Y N 294 
QID C19  C  Y N 295 
QID C20  C  Y N 296 
QID C21  C  Y N 297 
QID C22  C  Y N 298 
QID H02  H  N N 299 
QID H03  H  N N 300 
QID H06  H  N N 301 
QID HN08 H  N N 302 
QID HO13 H  N N 303 
QID H18  H  N N 304 
QID H19  H  N N 305 
QID H20  H  N N 306 
QID H21  H  N N 307 
QID H22  H  N N 308 
SER N    N  N N 309 
SER CA   C  N S 310 
SER C    C  N N 311 
SER O    O  N N 312 
SER CB   C  N N 313 
SER OG   O  N N 314 
SER OXT  O  N N 315 
SER H    H  N N 316 
SER H2   H  N N 317 
SER HA   H  N N 318 
SER HB2  H  N N 319 
SER HB3  H  N N 320 
SER HG   H  N N 321 
SER HXT  H  N N 322 
SO4 S    S  N N 323 
SO4 O1   O  N N 324 
SO4 O2   O  N N 325 
SO4 O3   O  N N 326 
SO4 O4   O  N N 327 
THR N    N  N N 328 
THR CA   C  N S 329 
THR C    C  N N 330 
THR O    O  N N 331 
THR CB   C  N R 332 
THR OG1  O  N N 333 
THR CG2  C  N N 334 
THR OXT  O  N N 335 
THR H    H  N N 336 
THR H2   H  N N 337 
THR HA   H  N N 338 
THR HB   H  N N 339 
THR HG1  H  N N 340 
THR HG21 H  N N 341 
THR HG22 H  N N 342 
THR HG23 H  N N 343 
THR HXT  H  N N 344 
TRP N    N  N N 345 
TRP CA   C  N S 346 
TRP C    C  N N 347 
TRP O    O  N N 348 
TRP CB   C  N N 349 
TRP CG   C  Y N 350 
TRP CD1  C  Y N 351 
TRP CD2  C  Y N 352 
TRP NE1  N  Y N 353 
TRP CE2  C  Y N 354 
TRP CE3  C  Y N 355 
TRP CZ2  C  Y N 356 
TRP CZ3  C  Y N 357 
TRP CH2  C  Y N 358 
TRP OXT  O  N N 359 
TRP H    H  N N 360 
TRP H2   H  N N 361 
TRP HA   H  N N 362 
TRP HB2  H  N N 363 
TRP HB3  H  N N 364 
TRP HD1  H  N N 365 
TRP HE1  H  N N 366 
TRP HE3  H  N N 367 
TRP HZ2  H  N N 368 
TRP HZ3  H  N N 369 
TRP HH2  H  N N 370 
TRP HXT  H  N N 371 
TYR N    N  N N 372 
TYR CA   C  N S 373 
TYR C    C  N N 374 
TYR O    O  N N 375 
TYR CB   C  N N 376 
TYR CG   C  Y N 377 
TYR CD1  C  Y N 378 
TYR CD2  C  Y N 379 
TYR CE1  C  Y N 380 
TYR CE2  C  Y N 381 
TYR CZ   C  Y N 382 
TYR OH   O  N N 383 
TYR OXT  O  N N 384 
TYR H    H  N N 385 
TYR H2   H  N N 386 
TYR HA   H  N N 387 
TYR HB2  H  N N 388 
TYR HB3  H  N N 389 
TYR HD1  H  N N 390 
TYR HD2  H  N N 391 
TYR HE1  H  N N 392 
TYR HE2  H  N N 393 
TYR HH   H  N N 394 
TYR HXT  H  N N 395 
VAL N    N  N N 396 
VAL CA   C  N S 397 
VAL C    C  N N 398 
VAL O    O  N N 399 
VAL CB   C  N N 400 
VAL CG1  C  N N 401 
VAL CG2  C  N N 402 
VAL OXT  O  N N 403 
VAL H    H  N N 404 
VAL H2   H  N N 405 
VAL HA   H  N N 406 
VAL HB   H  N N 407 
VAL HG11 H  N N 408 
VAL HG12 H  N N 409 
VAL HG13 H  N N 410 
VAL HG21 H  N N 411 
VAL HG22 H  N N 412 
VAL HG23 H  N N 413 
VAL HXT  H  N N 414 
# 
loop_
_chem_comp_bond.comp_id 
_chem_comp_bond.atom_id_1 
_chem_comp_bond.atom_id_2 
_chem_comp_bond.value_order 
_chem_comp_bond.pdbx_aromatic_flag 
_chem_comp_bond.pdbx_stereo_config 
_chem_comp_bond.pdbx_ordinal 
ALA N   CA   sing N N 1   
ALA N   H    sing N N 2   
ALA N   H2   sing N N 3   
ALA CA  C    sing N N 4   
ALA CA  CB   sing N N 5   
ALA CA  HA   sing N N 6   
ALA C   O    doub N N 7   
ALA C   OXT  sing N N 8   
ALA CB  HB1  sing N N 9   
ALA CB  HB2  sing N N 10  
ALA CB  HB3  sing N N 11  
ALA OXT HXT  sing N N 12  
ARG N   CA   sing N N 13  
ARG N   H    sing N N 14  
ARG N   H2   sing N N 15  
ARG CA  C    sing N N 16  
ARG CA  CB   sing N N 17  
ARG CA  HA   sing N N 18  
ARG C   O    doub N N 19  
ARG C   OXT  sing N N 20  
ARG CB  CG   sing N N 21  
ARG CB  HB2  sing N N 22  
ARG CB  HB3  sing N N 23  
ARG CG  CD   sing N N 24  
ARG CG  HG2  sing N N 25  
ARG CG  HG3  sing N N 26  
ARG CD  NE   sing N N 27  
ARG CD  HD2  sing N N 28  
ARG CD  HD3  sing N N 29  
ARG NE  CZ   sing N N 30  
ARG NE  HE   sing N N 31  
ARG CZ  NH1  sing N N 32  
ARG CZ  NH2  doub N N 33  
ARG NH1 HH11 sing N N 34  
ARG NH1 HH12 sing N N 35  
ARG NH2 HH21 sing N N 36  
ARG NH2 HH22 sing N N 37  
ARG OXT HXT  sing N N 38  
ASN N   CA   sing N N 39  
ASN N   H    sing N N 40  
ASN N   H2   sing N N 41  
ASN CA  C    sing N N 42  
ASN CA  CB   sing N N 43  
ASN CA  HA   sing N N 44  
ASN C   O    doub N N 45  
ASN C   OXT  sing N N 46  
ASN CB  CG   sing N N 47  
ASN CB  HB2  sing N N 48  
ASN CB  HB3  sing N N 49  
ASN CG  OD1  doub N N 50  
ASN CG  ND2  sing N N 51  
ASN ND2 HD21 sing N N 52  
ASN ND2 HD22 sing N N 53  
ASN OXT HXT  sing N N 54  
ASP N   CA   sing N N 55  
ASP N   H    sing N N 56  
ASP N   H2   sing N N 57  
ASP CA  C    sing N N 58  
ASP CA  CB   sing N N 59  
ASP CA  HA   sing N N 60  
ASP C   O    doub N N 61  
ASP C   OXT  sing N N 62  
ASP CB  CG   sing N N 63  
ASP CB  HB2  sing N N 64  
ASP CB  HB3  sing N N 65  
ASP CG  OD1  doub N N 66  
ASP CG  OD2  sing N N 67  
ASP OD2 HD2  sing N N 68  
ASP OXT HXT  sing N N 69  
GLN N   CA   sing N N 70  
GLN N   H    sing N N 71  
GLN N   H2   sing N N 72  
GLN CA  C    sing N N 73  
GLN CA  CB   sing N N 74  
GLN CA  HA   sing N N 75  
GLN C   O    doub N N 76  
GLN C   OXT  sing N N 77  
GLN CB  CG   sing N N 78  
GLN CB  HB2  sing N N 79  
GLN CB  HB3  sing N N 80  
GLN CG  CD   sing N N 81  
GLN CG  HG2  sing N N 82  
GLN CG  HG3  sing N N 83  
GLN CD  OE1  doub N N 84  
GLN CD  NE2  sing N N 85  
GLN NE2 HE21 sing N N 86  
GLN NE2 HE22 sing N N 87  
GLN OXT HXT  sing N N 88  
GLU N   CA   sing N N 89  
GLU N   H    sing N N 90  
GLU N   H2   sing N N 91  
GLU CA  C    sing N N 92  
GLU CA  CB   sing N N 93  
GLU CA  HA   sing N N 94  
GLU C   O    doub N N 95  
GLU C   OXT  sing N N 96  
GLU CB  CG   sing N N 97  
GLU CB  HB2  sing N N 98  
GLU CB  HB3  sing N N 99  
GLU CG  CD   sing N N 100 
GLU CG  HG2  sing N N 101 
GLU CG  HG3  sing N N 102 
GLU CD  OE1  doub N N 103 
GLU CD  OE2  sing N N 104 
GLU OE2 HE2  sing N N 105 
GLU OXT HXT  sing N N 106 
GLY N   CA   sing N N 107 
GLY N   H    sing N N 108 
GLY N   H2   sing N N 109 
GLY CA  C    sing N N 110 
GLY CA  HA2  sing N N 111 
GLY CA  HA3  sing N N 112 
GLY C   O    doub N N 113 
GLY C   OXT  sing N N 114 
GLY OXT HXT  sing N N 115 
HIS N   CA   sing N N 116 
HIS N   H    sing N N 117 
HIS N   H2   sing N N 118 
HIS CA  C    sing N N 119 
HIS CA  CB   sing N N 120 
HIS CA  HA   sing N N 121 
HIS C   O    doub N N 122 
HIS C   OXT  sing N N 123 
HIS CB  CG   sing N N 124 
HIS CB  HB2  sing N N 125 
HIS CB  HB3  sing N N 126 
HIS CG  ND1  sing Y N 127 
HIS CG  CD2  doub Y N 128 
HIS ND1 CE1  doub Y N 129 
HIS ND1 HD1  sing N N 130 
HIS CD2 NE2  sing Y N 131 
HIS CD2 HD2  sing N N 132 
HIS CE1 NE2  sing Y N 133 
HIS CE1 HE1  sing N N 134 
HIS NE2 HE2  sing N N 135 
HIS OXT HXT  sing N N 136 
HOH O   H1   sing N N 137 
HOH O   H2   sing N N 138 
ILE N   CA   sing N N 139 
ILE N   H    sing N N 140 
ILE N   H2   sing N N 141 
ILE CA  C    sing N N 142 
ILE CA  CB   sing N N 143 
ILE CA  HA   sing N N 144 
ILE C   O    doub N N 145 
ILE C   OXT  sing N N 146 
ILE CB  CG1  sing N N 147 
ILE CB  CG2  sing N N 148 
ILE CB  HB   sing N N 149 
ILE CG1 CD1  sing N N 150 
ILE CG1 HG12 sing N N 151 
ILE CG1 HG13 sing N N 152 
ILE CG2 HG21 sing N N 153 
ILE CG2 HG22 sing N N 154 
ILE CG2 HG23 sing N N 155 
ILE CD1 HD11 sing N N 156 
ILE CD1 HD12 sing N N 157 
ILE CD1 HD13 sing N N 158 
ILE OXT HXT  sing N N 159 
LEU N   CA   sing N N 160 
LEU N   H    sing N N 161 
LEU N   H2   sing N N 162 
LEU CA  C    sing N N 163 
LEU CA  CB   sing N N 164 
LEU CA  HA   sing N N 165 
LEU C   O    doub N N 166 
LEU C   OXT  sing N N 167 
LEU CB  CG   sing N N 168 
LEU CB  HB2  sing N N 169 
LEU CB  HB3  sing N N 170 
LEU CG  CD1  sing N N 171 
LEU CG  CD2  sing N N 172 
LEU CG  HG   sing N N 173 
LEU CD1 HD11 sing N N 174 
LEU CD1 HD12 sing N N 175 
LEU CD1 HD13 sing N N 176 
LEU CD2 HD21 sing N N 177 
LEU CD2 HD22 sing N N 178 
LEU CD2 HD23 sing N N 179 
LEU OXT HXT  sing N N 180 
LYS N   CA   sing N N 181 
LYS N   H    sing N N 182 
LYS N   H2   sing N N 183 
LYS CA  C    sing N N 184 
LYS CA  CB   sing N N 185 
LYS CA  HA   sing N N 186 
LYS C   O    doub N N 187 
LYS C   OXT  sing N N 188 
LYS CB  CG   sing N N 189 
LYS CB  HB2  sing N N 190 
LYS CB  HB3  sing N N 191 
LYS CG  CD   sing N N 192 
LYS CG  HG2  sing N N 193 
LYS CG  HG3  sing N N 194 
LYS CD  CE   sing N N 195 
LYS CD  HD2  sing N N 196 
LYS CD  HD3  sing N N 197 
LYS CE  NZ   sing N N 198 
LYS CE  HE2  sing N N 199 
LYS CE  HE3  sing N N 200 
LYS NZ  HZ1  sing N N 201 
LYS NZ  HZ2  sing N N 202 
LYS NZ  HZ3  sing N N 203 
LYS OXT HXT  sing N N 204 
MET N   CA   sing N N 205 
MET N   H    sing N N 206 
MET N   H2   sing N N 207 
MET CA  C    sing N N 208 
MET CA  CB   sing N N 209 
MET CA  HA   sing N N 210 
MET C   O    doub N N 211 
MET C   OXT  sing N N 212 
MET CB  CG   sing N N 213 
MET CB  HB2  sing N N 214 
MET CB  HB3  sing N N 215 
MET CG  SD   sing N N 216 
MET CG  HG2  sing N N 217 
MET CG  HG3  sing N N 218 
MET SD  CE   sing N N 219 
MET CE  HE1  sing N N 220 
MET CE  HE2  sing N N 221 
MET CE  HE3  sing N N 222 
MET OXT HXT  sing N N 223 
PHE N   CA   sing N N 224 
PHE N   H    sing N N 225 
PHE N   H2   sing N N 226 
PHE CA  C    sing N N 227 
PHE CA  CB   sing N N 228 
PHE CA  HA   sing N N 229 
PHE C   O    doub N N 230 
PHE C   OXT  sing N N 231 
PHE CB  CG   sing N N 232 
PHE CB  HB2  sing N N 233 
PHE CB  HB3  sing N N 234 
PHE CG  CD1  doub Y N 235 
PHE CG  CD2  sing Y N 236 
PHE CD1 CE1  sing Y N 237 
PHE CD1 HD1  sing N N 238 
PHE CD2 CE2  doub Y N 239 
PHE CD2 HD2  sing N N 240 
PHE CE1 CZ   doub Y N 241 
PHE CE1 HE1  sing N N 242 
PHE CE2 CZ   sing Y N 243 
PHE CE2 HE2  sing N N 244 
PHE CZ  HZ   sing N N 245 
PHE OXT HXT  sing N N 246 
PRO N   CA   sing N N 247 
PRO N   CD   sing N N 248 
PRO N   H    sing N N 249 
PRO CA  C    sing N N 250 
PRO CA  CB   sing N N 251 
PRO CA  HA   sing N N 252 
PRO C   O    doub N N 253 
PRO C   OXT  sing N N 254 
PRO CB  CG   sing N N 255 
PRO CB  HB2  sing N N 256 
PRO CB  HB3  sing N N 257 
PRO CG  CD   sing N N 258 
PRO CG  HG2  sing N N 259 
PRO CG  HG3  sing N N 260 
PRO CD  HD2  sing N N 261 
PRO CD  HD3  sing N N 262 
PRO OXT HXT  sing N N 263 
QID C02 C01  doub Y N 264 
QID C01 C06  sing Y N 265 
QID C01 S14  sing N N 266 
QID C03 C02  sing Y N 267 
QID C02 H02  sing N N 268 
QID C03 C04  doub Y N 269 
QID C03 H03  sing N N 270 
QID N08 C04  sing N N 271 
QID C04 C05  sing Y N 272 
QID C05 C07  sing N N 273 
QID C05 C06  doub Y N 274 
QID C06 H06  sing N N 275 
QID N09 C07  sing N N 276 
QID C07 O10  doub N N 277 
QID N08 C11  sing N N 278 
QID N08 HN08 sing N N 279 
QID C11 N09  sing N N 280 
QID N09 O13  sing N N 281 
QID O12 C11  doub N N 282 
QID O13 HO13 sing N N 283 
QID C15 S14  sing N N 284 
QID S14 O17  doub N N 285 
QID S14 O16  doub N N 286 
QID C22 C15  doub Y N 287 
QID C15 C18  sing Y N 288 
QID C19 C18  doub Y N 289 
QID C18 H18  sing N N 290 
QID C20 C19  sing Y N 291 
QID C19 H19  sing N N 292 
QID C21 C20  doub Y N 293 
QID C20 H20  sing N N 294 
QID C21 C22  sing Y N 295 
QID C21 H21  sing N N 296 
QID C22 H22  sing N N 297 
SER N   CA   sing N N 298 
SER N   H    sing N N 299 
SER N   H2   sing N N 300 
SER CA  C    sing N N 301 
SER CA  CB   sing N N 302 
SER CA  HA   sing N N 303 
SER C   O    doub N N 304 
SER C   OXT  sing N N 305 
SER CB  OG   sing N N 306 
SER CB  HB2  sing N N 307 
SER CB  HB3  sing N N 308 
SER OG  HG   sing N N 309 
SER OXT HXT  sing N N 310 
SO4 S   O1   doub N N 311 
SO4 S   O2   doub N N 312 
SO4 S   O3   sing N N 313 
SO4 S   O4   sing N N 314 
THR N   CA   sing N N 315 
THR N   H    sing N N 316 
THR N   H2   sing N N 317 
THR CA  C    sing N N 318 
THR CA  CB   sing N N 319 
THR CA  HA   sing N N 320 
THR C   O    doub N N 321 
THR C   OXT  sing N N 322 
THR CB  OG1  sing N N 323 
THR CB  CG2  sing N N 324 
THR CB  HB   sing N N 325 
THR OG1 HG1  sing N N 326 
THR CG2 HG21 sing N N 327 
THR CG2 HG22 sing N N 328 
THR CG2 HG23 sing N N 329 
THR OXT HXT  sing N N 330 
TRP N   CA   sing N N 331 
TRP N   H    sing N N 332 
TRP N   H2   sing N N 333 
TRP CA  C    sing N N 334 
TRP CA  CB   sing N N 335 
TRP CA  HA   sing N N 336 
TRP C   O    doub N N 337 
TRP C   OXT  sing N N 338 
TRP CB  CG   sing N N 339 
TRP CB  HB2  sing N N 340 
TRP CB  HB3  sing N N 341 
TRP CG  CD1  doub Y N 342 
TRP CG  CD2  sing Y N 343 
TRP CD1 NE1  sing Y N 344 
TRP CD1 HD1  sing N N 345 
TRP CD2 CE2  doub Y N 346 
TRP CD2 CE3  sing Y N 347 
TRP NE1 CE2  sing Y N 348 
TRP NE1 HE1  sing N N 349 
TRP CE2 CZ2  sing Y N 350 
TRP CE3 CZ3  doub Y N 351 
TRP CE3 HE3  sing N N 352 
TRP CZ2 CH2  doub Y N 353 
TRP CZ2 HZ2  sing N N 354 
TRP CZ3 CH2  sing Y N 355 
TRP CZ3 HZ3  sing N N 356 
TRP CH2 HH2  sing N N 357 
TRP OXT HXT  sing N N 358 
TYR N   CA   sing N N 359 
TYR N   H    sing N N 360 
TYR N   H2   sing N N 361 
TYR CA  C    sing N N 362 
TYR CA  CB   sing N N 363 
TYR CA  HA   sing N N 364 
TYR C   O    doub N N 365 
TYR C   OXT  sing N N 366 
TYR CB  CG   sing N N 367 
TYR CB  HB2  sing N N 368 
TYR CB  HB3  sing N N 369 
TYR CG  CD1  doub Y N 370 
TYR CG  CD2  sing Y N 371 
TYR CD1 CE1  sing Y N 372 
TYR CD1 HD1  sing N N 373 
TYR CD2 CE2  doub Y N 374 
TYR CD2 HD2  sing N N 375 
TYR CE1 CZ   doub Y N 376 
TYR CE1 HE1  sing N N 377 
TYR CE2 CZ   sing Y N 378 
TYR CE2 HE2  sing N N 379 
TYR CZ  OH   sing N N 380 
TYR OH  HH   sing N N 381 
TYR OXT HXT  sing N N 382 
VAL N   CA   sing N N 383 
VAL N   H    sing N N 384 
VAL N   H2   sing N N 385 
VAL CA  C    sing N N 386 
VAL CA  CB   sing N N 387 
VAL CA  HA   sing N N 388 
VAL C   O    doub N N 389 
VAL C   OXT  sing N N 390 
VAL CB  CG1  sing N N 391 
VAL CB  CG2  sing N N 392 
VAL CB  HB   sing N N 393 
VAL CG1 HG11 sing N N 394 
VAL CG1 HG12 sing N N 395 
VAL CG1 HG13 sing N N 396 
VAL CG2 HG21 sing N N 397 
VAL CG2 HG22 sing N N 398 
VAL CG2 HG23 sing N N 399 
VAL OXT HXT  sing N N 400 
# 
loop_
_pdbx_entity_nonpoly.entity_id 
_pdbx_entity_nonpoly.name 
_pdbx_entity_nonpoly.comp_id 
2 'MANGANESE (II) ION'                                       MN  
3 'SULFATE ION'                                              SO4 
4 '3-hydroxy-6-(phenylsulfonyl)quinazoline-2,4(1H,3H)-dione' QID 
5 water                                                      HOH 
# 
_pdbx_initial_refinement_model.id               1 
_pdbx_initial_refinement_model.entity_id_list   ? 
_pdbx_initial_refinement_model.type             'experimental model' 
_pdbx_initial_refinement_model.source_name      PDB 
_pdbx_initial_refinement_model.accession_code   1HRH 
_pdbx_initial_refinement_model.details          'PDB ENTRY 1HRH' 
# 
